data_9B9J
#
_entry.id   9B9J
#
_cell.length_a   1.00
_cell.length_b   1.00
_cell.length_c   1.00
_cell.angle_alpha   90.00
_cell.angle_beta   90.00
_cell.angle_gamma   90.00
#
_symmetry.space_group_name_H-M   'P 1'
#
loop_
_entity.id
_entity.type
_entity.pdbx_description
1 polymer 'Integrin alpha-5 light chain'
2 polymer 'Integrin beta-1'
3 polymer 'BIIG2 Fab Heavy Chain'
4 polymer 'BIIG2 Fab Light Chain'
5 branched beta-D-mannopyranose-(1-4)-2-acetamido-2-deoxy-beta-D-glucopyranose-(1-4)-2-acetamido-2-deoxy-beta-D-glucopyranose
6 branched alpha-D-mannopyranose-(1-3)-alpha-D-mannopyranose-(1-6)-[alpha-D-mannopyranose-(1-3)]beta-D-mannopyranose-(1-4)-2-acetamido-2-deoxy-beta-D-glucopyranose-(1-4)-2-acetamido-2-deoxy-beta-D-glucopyranose
7 branched 2-acetamido-2-deoxy-beta-D-glucopyranose-(1-4)-2-acetamido-2-deoxy-beta-D-glucopyranose
8 branched alpha-D-mannopyranose-(1-3)-beta-D-mannopyranose-(1-4)-2-acetamido-2-deoxy-beta-D-glucopyranose-(1-4)-2-acetamido-2-deoxy-beta-D-glucopyranose
9 non-polymer 'CALCIUM ION'
10 non-polymer 2-acetamido-2-deoxy-beta-D-glucopyranose
#
loop_
_entity_poly.entity_id
_entity_poly.type
_entity_poly.pdbx_seq_one_letter_code
_entity_poly.pdbx_strand_id
1 'polypeptide(L)'
;MGSRTPESPLHAVQLRWGPRRRPPLLPLLLLLLPPPPRVGGFNLDAEAPAVLSGPPGSFFGFSVEFYRPGTDGVSVLVGA
PKANTSQPGVLQGGAVYLCPWGASPTQCTPIEFDSKGSRLLESSLSSSEGEEPVEYKSLQWFGATVRAHGSSILACAPLY
SWRTEKEPLSDPVGTCYLSTDNFTRILEYAPCRSDFSWAAGQGYCQGGFSAEFTKTGRVVLGGPGSYFWQGQILSATQEQ
IAESYYPEYLINLVQGQLQTRQASSIYDDSYLGYSVAVGEFSGDDTEDFVAGVPKGNLTYGYVTILNGSDIRSLYNFSGE
QMASYFGYAVAATDVNGDGLDDLLVGAPLLMDRTPDGRPQEVGRVYVYLQHPAGIEPTPTLTLTGHDEFGRFGSSLTPLG
DLDQDGYNDVAIGAPFGGETQQGVVFVFPGGPGGLGSKPSQVLQPLWAASHTPDFFGSALRGGRDLDGNGYPDLIVGSFG
VDKAVVYRGRPIVSASASLTIFPAMFNPEERSCSLEGNPVACINLSFCLNASGKHVADSIGFTVELQLDWQKQKGGVRRA
LFLASRQATLTQTLLIQNGAREDCREMKIYLRNESEFRDKLSPIHIALNFSLDPQAPVDSHGLRPALHYQSKSRIEDKAQ
ILLDCGEDNICVPDLQLEVFGEQNHVYLGDKNALNLTFHAQNVGEGGAYEAELRVTAPPEAEYSGLVRHPGNFSSLSCDY
FAVNQSRLLVCDLGNPMKAGASLWGGLRFTVPHLRDTKKTIQFDFQILSKNLNNSQSDVVSFRLSVEAQAQVTLNGVSKP
EAVLFPVSDWHPRDQPQKEEDLGPAVHHVYELINQGPSSISQGVLELSCPQALEGQQLLYVTRVTGLNCTTNHPINPKGL
ELDPEGSLHHQQKREAPSRSSASSGPQILKCPEAECFRLRCELGPLHQQESQSLQLHFRVWAKTFLQREHQPFSLQCEAV
YKALKMPYRILPRQLPQKERQVATAVQWTKAEGSY
;
A
2 'polypeptide(L)'
;MNLQPIFWIGLISSVCCVFAQTDENRCLKANAKSCGECIQAGPNCGWCTNSTFLQEGMPTSARCDDLEALKKKGCPPDDI
ENPRGSKDIKKNKNVTNRSKGTAEKLKPEDITQIQPQQLVLRLRSGEPQTFTLKFKRAEDYPIDLYYLMDLSYSMKDDLE
NVKSLGTDLMNEMRRITSDFRIGFGSFVEKTVMPYISTTPAKLRNPCTSEQNCTSPFSYKNVLSLTNKGEVFNELVGKQR
ISGNLDSPEGGFDAIMQVAVCGSLIGWRNVTRLLVFSTDAGFHFAGDGKLGGIVLPNDGQCHLENNMYTMSHYYDYPSIA
HLVQKLSENNIQTIFAVTEEFQPVYKELKNLIPKSAVGTLSANSSNVIQLIIDAYNSLSSEVILENGKLSEGVTISYKSY
CKNGVNGTGENGRKCSNISIGDEVQFEISITSNKCPKKDSDSFKIRPLGFTEEVEVILQYICECECQSEGIPESPKCHEG
NGTFECGACRCNEGRVGRHCECSTDEVNSEDMDAYCRKENSSEICSNNGECVCGQCVCRKRDNTNEIYSGKFCECDNFNC
DRSNGLICGGNGVCKCRVCECNPNYTGSACDCSLDTSTCEASNGQICNGRGICECGVCKCTDPKFQGQTCEMCQTCLGVC
AEHKECVQCRAFNKGEKKDTCTQECSYFNITKVESRDKLPQPVQPDPVSHCKEKDVDDCWFYFTYSVNGNNEVMVHVVEN
PECPTGPD
;
B
3 'polypeptide(L)'
;DVQLMESGPGLVQPSETLSLTCTVSGFSLTSYNVHWVRQPPGKGLEWMGVMWSGGSTDYNSTLKSRLSISRDTSQNQVFL
KMNSLQSEDTTTYYCARDRTMGMTTPFDYWGQGVMVTVSSAQTTAPSVYPLAPGCGDTTSSTVTLGCLVKGYFPEPVTVT
WNSGALSSDVHTFPAVLQSGLYTLTSSVTSSTWPSQTVTCNVAHPASSTKVDKKVER
;
H
4 'polypeptide(L)'
;DVQMTQSPSNLAASPGESVSINCKASKRISKYLAWYQQKPGKANKLLIYSGSTLQSGTPSRFSGSGSGTDFTLTIRNLEP
EDFGLYYCQQHKEYPPTFGAGTKLELKRADAAPTVSIFPPSTEQLATGGASVVCLMNNFYPRDISVKWKIDGTERRDGVL
DSVTDQDSKDSTYSMSSTLSLTKADYESHNLYTCEVVH(UNK)TSSSPVVKSFNRNEC
;
L
#
loop_
_chem_comp.id
_chem_comp.type
_chem_comp.name
_chem_comp.formula
BMA D-saccharide, beta linking beta-D-mannopyranose 'C6 H12 O6'
CA non-polymer 'CALCIUM ION' 'Ca 2'
MAN D-saccharide, alpha linking alpha-D-mannopyranose 'C6 H12 O6'
NAG D-saccharide, beta linking 2-acetamido-2-deoxy-beta-D-glucopyranose 'C8 H15 N O6'
#
# COMPACT_ATOMS: atom_id res chain seq x y z
N PHE A 42 18.90 -7.39 31.59
CA PHE A 42 19.10 -6.46 32.70
C PHE A 42 20.54 -5.98 32.76
N ASN A 43 21.40 -6.59 31.94
CA ASN A 43 22.83 -6.31 31.98
C ASN A 43 23.31 -5.53 30.77
N LEU A 44 22.44 -4.76 30.13
CA LEU A 44 22.88 -3.86 29.08
C LEU A 44 23.42 -2.57 29.68
N ASP A 45 24.52 -2.08 29.11
CA ASP A 45 25.15 -0.87 29.60
C ASP A 45 24.31 0.34 29.19
N ALA A 46 23.24 0.61 29.94
CA ALA A 46 22.31 1.68 29.60
C ALA A 46 22.70 3.03 30.19
N GLU A 47 23.80 3.11 30.93
CA GLU A 47 24.20 4.39 31.53
C GLU A 47 25.20 5.13 30.66
N ALA A 48 25.84 4.44 29.73
CA ALA A 48 26.78 5.09 28.81
C ALA A 48 26.87 4.32 27.50
N PRO A 49 25.81 4.30 26.70
CA PRO A 49 25.90 3.67 25.38
C PRO A 49 26.62 4.57 24.39
N ALA A 50 27.10 3.95 23.31
CA ALA A 50 27.76 4.66 22.24
C ALA A 50 26.73 5.18 21.26
N VAL A 51 26.83 6.45 20.89
CA VAL A 51 25.87 7.11 20.02
C VAL A 51 26.56 7.47 18.72
N LEU A 52 25.99 7.02 17.61
CA LEU A 52 26.47 7.37 16.28
C LEU A 52 25.56 8.43 15.68
N SER A 53 26.16 9.40 15.01
CA SER A 53 25.42 10.51 14.42
C SER A 53 25.67 10.57 12.92
N GLY A 54 24.64 10.97 12.18
CA GLY A 54 24.73 11.09 10.75
C GLY A 54 24.28 12.46 10.29
N PRO A 55 24.30 12.71 9.00
CA PRO A 55 23.90 14.01 8.48
C PRO A 55 22.47 14.33 8.87
N PRO A 56 22.18 15.57 9.23
CA PRO A 56 20.81 15.91 9.65
C PRO A 56 19.82 15.71 8.51
N GLY A 57 18.64 15.20 8.85
CA GLY A 57 17.59 15.01 7.88
C GLY A 57 17.78 13.84 6.95
N SER A 58 18.80 13.01 7.18
CA SER A 58 19.07 11.90 6.28
C SER A 58 18.47 10.59 6.74
N PHE A 59 17.69 10.58 7.82
CA PHE A 59 17.13 9.35 8.36
C PHE A 59 18.24 8.35 8.69
N PHE A 60 19.37 8.86 9.14
CA PHE A 60 20.45 8.00 9.58
C PHE A 60 19.97 7.14 10.75
N GLY A 61 20.12 5.84 10.61
CA GLY A 61 19.61 4.90 11.59
C GLY A 61 18.30 4.25 11.24
N PHE A 62 17.81 4.43 10.01
CA PHE A 62 16.56 3.79 9.62
C PHE A 62 16.68 2.27 9.65
N SER A 63 17.85 1.74 9.33
CA SER A 63 18.12 0.32 9.44
C SER A 63 19.57 0.12 9.87
N VAL A 64 19.79 -0.87 10.72
CA VAL A 64 21.10 -1.12 11.31
C VAL A 64 21.44 -2.60 11.13
N GLU A 65 22.73 -2.92 11.17
CA GLU A 65 23.19 -4.28 10.95
C GLU A 65 24.63 -4.42 11.45
N PHE A 66 24.99 -5.65 11.82
CA PHE A 66 26.37 -5.95 12.21
C PHE A 66 27.18 -6.37 10.99
N TYR A 67 28.47 -6.11 11.02
CA TYR A 67 29.37 -6.48 9.94
C TYR A 67 30.72 -6.91 10.49
N ARG A 68 31.17 -8.08 10.06
CA ARG A 68 32.53 -8.54 10.34
C ARG A 68 32.94 -9.47 9.21
N PRO A 69 33.75 -8.98 8.26
CA PRO A 69 34.15 -9.83 7.14
C PRO A 69 35.35 -10.70 7.46
N GLY A 70 35.30 -11.41 8.58
CA GLY A 70 36.45 -12.15 9.03
C GLY A 70 37.50 -11.19 9.59
N THR A 71 38.57 -11.78 10.11
CA THR A 71 39.70 -11.05 10.68
C THR A 71 39.28 -10.08 11.78
N ASP A 72 38.16 -10.34 12.46
CA ASP A 72 37.70 -9.55 13.60
C ASP A 72 37.51 -8.07 13.25
N GLY A 73 37.44 -7.75 11.96
CA GLY A 73 37.20 -6.38 11.56
C GLY A 73 35.75 -5.98 11.76
N VAL A 74 35.25 -6.17 12.98
CA VAL A 74 33.83 -5.95 13.25
C VAL A 74 33.47 -4.50 13.05
N SER A 75 32.26 -4.25 12.57
CA SER A 75 31.83 -2.91 12.22
C SER A 75 30.31 -2.83 12.29
N VAL A 76 29.80 -1.61 12.31
CA VAL A 76 28.35 -1.37 12.35
C VAL A 76 27.93 -0.72 11.05
N LEU A 77 26.88 -1.25 10.43
CA LEU A 77 26.34 -0.72 9.19
C LEU A 77 25.05 0.02 9.51
N VAL A 78 24.93 1.25 9.01
CA VAL A 78 23.76 2.08 9.26
C VAL A 78 23.26 2.59 7.92
N GLY A 79 21.95 2.51 7.71
CA GLY A 79 21.36 3.00 6.47
C GLY A 79 20.79 4.40 6.66
N ALA A 80 20.97 5.23 5.63
CA ALA A 80 20.48 6.60 5.62
C ALA A 80 19.70 6.82 4.34
N PRO A 81 18.43 6.40 4.31
CA PRO A 81 17.68 6.38 3.03
C PRO A 81 17.54 7.73 2.37
N LYS A 82 17.69 8.84 3.10
CA LYS A 82 17.49 10.16 2.52
C LYS A 82 18.78 10.97 2.47
N ALA A 83 19.93 10.33 2.62
CA ALA A 83 21.20 11.06 2.61
C ALA A 83 21.56 11.49 1.20
N ASN A 84 22.22 12.64 1.10
CA ASN A 84 22.78 13.07 -0.16
C ASN A 84 24.06 12.30 -0.46
N THR A 85 24.31 12.08 -1.74
CA THR A 85 25.47 11.32 -2.19
C THR A 85 26.19 12.08 -3.29
N SER A 86 27.34 11.55 -3.70
CA SER A 86 28.16 12.18 -4.72
C SER A 86 27.76 11.77 -6.13
N GLN A 87 26.74 10.93 -6.29
CA GLN A 87 26.35 10.47 -7.61
C GLN A 87 25.86 11.65 -8.44
N PRO A 88 26.37 11.84 -9.65
CA PRO A 88 25.94 13.00 -10.45
C PRO A 88 24.44 12.97 -10.71
N GLY A 89 23.80 14.12 -10.51
CA GLY A 89 22.40 14.27 -10.85
C GLY A 89 21.44 13.53 -9.96
N VAL A 90 21.87 13.04 -8.81
CA VAL A 90 21.01 12.29 -7.90
C VAL A 90 20.74 13.14 -6.67
N LEU A 91 19.47 13.32 -6.35
CA LEU A 91 19.05 14.09 -5.19
C LEU A 91 18.56 13.12 -4.11
N GLN A 92 19.19 13.17 -2.94
CA GLN A 92 18.84 12.31 -1.83
C GLN A 92 18.71 10.86 -2.29
N GLY A 93 19.81 10.33 -2.82
CA GLY A 93 19.80 8.96 -3.29
C GLY A 93 19.86 7.93 -2.17
N GLY A 94 20.24 8.34 -0.97
CA GLY A 94 20.40 7.41 0.13
C GLY A 94 21.80 6.85 0.19
N ALA A 95 22.24 6.43 1.37
CA ALA A 95 23.60 5.97 1.55
C ALA A 95 23.66 4.98 2.71
N VAL A 96 24.74 4.20 2.75
CA VAL A 96 25.01 3.27 3.83
C VAL A 96 26.36 3.62 4.42
N TYR A 97 26.44 3.67 5.74
CA TYR A 97 27.63 4.13 6.44
C TYR A 97 28.30 2.95 7.14
N LEU A 98 29.63 2.88 7.02
CA LEU A 98 30.42 1.91 7.76
C LEU A 98 31.04 2.61 8.96
N CYS A 99 30.77 2.09 10.15
CA CYS A 99 31.22 2.69 11.40
C CYS A 99 32.04 1.67 12.16
N PRO A 100 33.36 1.61 11.93
CA PRO A 100 34.18 0.61 12.62
C PRO A 100 34.10 0.77 14.13
N TRP A 101 34.09 -0.36 14.83
CA TRP A 101 34.00 -0.37 16.28
C TRP A 101 35.38 -0.25 16.91
N GLY A 102 35.42 0.38 18.08
CA GLY A 102 36.65 0.53 18.81
C GLY A 102 37.35 1.85 18.51
N ALA A 103 38.59 1.94 19.00
CA ALA A 103 39.40 3.14 18.84
C ALA A 103 38.72 4.36 19.44
N SER A 104 38.10 4.17 20.60
CA SER A 104 37.43 5.24 21.35
C SER A 104 36.37 5.87 20.46
N PRO A 105 36.49 7.09 19.93
CA PRO A 105 35.39 7.59 19.08
C PRO A 105 35.35 6.84 17.76
N THR A 106 34.16 6.82 17.16
CA THR A 106 33.92 6.11 15.92
C THR A 106 33.40 7.09 14.88
N GLN A 107 34.07 7.14 13.73
CA GLN A 107 33.62 7.98 12.63
C GLN A 107 32.92 7.13 11.59
N CYS A 108 31.78 7.60 11.11
CA CYS A 108 30.99 6.88 10.12
C CYS A 108 31.24 7.46 8.74
N THR A 109 31.65 6.59 7.81
CA THR A 109 31.92 7.00 6.45
C THR A 109 31.03 6.25 5.48
N PRO A 110 30.51 6.90 4.45
CA PRO A 110 29.62 6.20 3.52
C PRO A 110 30.36 5.20 2.66
N ILE A 111 29.63 4.19 2.21
CA ILE A 111 30.14 3.20 1.27
C ILE A 111 29.62 3.52 -0.12
N GLU A 112 30.50 3.46 -1.12
CA GLU A 112 30.11 3.69 -2.50
C GLU A 112 29.72 2.37 -3.13
N PHE A 113 28.45 2.00 -2.96
CA PHE A 113 27.90 0.86 -3.69
C PHE A 113 27.74 1.18 -5.17
N ASP A 114 27.43 2.43 -5.50
CA ASP A 114 27.18 2.83 -6.88
C ASP A 114 27.58 4.29 -7.02
N SER A 115 28.64 4.55 -7.77
CA SER A 115 29.11 5.92 -7.96
C SER A 115 28.51 6.59 -9.18
N LYS A 116 27.73 5.86 -9.97
CA LYS A 116 27.19 6.41 -11.21
C LYS A 116 25.83 7.03 -10.99
N GLY A 117 25.44 7.92 -11.90
CA GLY A 117 24.12 8.49 -11.88
C GLY A 117 23.13 7.62 -12.61
N SER A 118 21.96 8.20 -12.88
CA SER A 118 20.92 7.48 -13.59
C SER A 118 21.36 7.16 -15.01
N ARG A 119 21.12 5.93 -15.46
CA ARG A 119 21.43 5.56 -16.82
C ARG A 119 20.53 6.30 -17.80
N LEU A 120 20.98 6.41 -19.03
CA LEU A 120 20.21 7.07 -20.08
C LEU A 120 19.63 6.04 -21.04
N LEU A 121 18.46 6.37 -21.57
CA LEU A 121 17.81 5.49 -22.54
C LEU A 121 18.58 5.54 -23.86
N GLU A 122 19.18 4.41 -24.22
CA GLU A 122 20.09 4.41 -25.37
C GLU A 122 19.41 4.83 -26.65
N SER A 123 18.10 4.60 -26.77
CA SER A 123 17.36 5.13 -27.91
C SER A 123 17.38 6.65 -27.92
N SER A 124 17.27 7.27 -26.75
CA SER A 124 17.24 8.72 -26.65
C SER A 124 18.54 9.35 -27.14
N LEU A 125 19.67 8.66 -27.00
CA LEU A 125 20.94 9.23 -27.44
C LEU A 125 20.91 9.53 -28.93
N SER A 126 20.38 8.61 -29.74
CA SER A 126 20.26 8.82 -31.17
C SER A 126 19.02 9.61 -31.54
N SER A 127 17.97 9.56 -30.73
CA SER A 127 16.75 10.27 -31.05
C SER A 127 16.98 11.77 -31.03
N SER A 128 16.33 12.48 -31.96
CA SER A 128 16.42 13.93 -32.01
C SER A 128 15.68 14.60 -30.86
N GLU A 129 14.83 13.85 -30.14
CA GLU A 129 14.07 14.44 -29.04
C GLU A 129 14.95 14.81 -27.86
N GLY A 130 16.16 14.26 -27.77
CA GLY A 130 17.05 14.52 -26.66
C GLY A 130 17.16 13.33 -25.72
N GLU A 131 18.20 13.37 -24.89
CA GLU A 131 18.47 12.25 -23.99
C GLU A 131 17.39 12.14 -22.93
N GLU A 132 17.09 10.91 -22.53
CA GLU A 132 16.15 10.63 -21.47
C GLU A 132 16.76 9.71 -20.43
N PRO A 133 16.48 9.89 -19.15
CA PRO A 133 16.87 8.88 -18.17
C PRO A 133 15.94 7.68 -18.27
N VAL A 134 16.55 6.49 -18.39
CA VAL A 134 15.79 5.25 -18.34
C VAL A 134 15.56 4.77 -16.92
N GLU A 135 15.90 5.60 -15.93
CA GLU A 135 16.04 5.14 -14.57
C GLU A 135 16.02 6.34 -13.64
N TYR A 136 15.43 6.17 -12.46
CA TYR A 136 15.20 7.26 -11.52
C TYR A 136 15.76 6.88 -10.16
N LYS A 137 16.95 7.39 -9.86
CA LYS A 137 17.59 7.10 -8.58
C LYS A 137 17.31 8.16 -7.52
N SER A 138 16.81 9.32 -7.91
CA SER A 138 16.51 10.36 -6.93
C SER A 138 15.40 9.89 -6.00
N LEU A 139 15.59 10.12 -4.70
CA LEU A 139 14.63 9.70 -3.69
C LEU A 139 14.36 8.21 -3.75
N GLN A 140 15.38 7.42 -4.06
CA GLN A 140 15.22 5.97 -4.16
C GLN A 140 15.23 5.28 -2.80
N TRP A 141 15.52 6.00 -1.72
CA TRP A 141 15.57 5.41 -0.39
C TRP A 141 16.56 4.25 -0.32
N PHE A 142 17.68 4.40 -1.00
CA PHE A 142 18.74 3.41 -0.90
C PHE A 142 19.21 3.31 0.54
N GLY A 143 19.34 2.09 1.04
CA GLY A 143 19.69 1.87 2.43
C GLY A 143 18.52 1.77 3.37
N ALA A 144 17.30 1.69 2.85
CA ALA A 144 16.15 1.50 3.71
C ALA A 144 16.23 0.19 4.46
N THR A 145 16.89 -0.81 3.90
CA THR A 145 17.15 -2.07 4.58
C THR A 145 18.57 -2.52 4.26
N VAL A 146 19.31 -2.90 5.29
CA VAL A 146 20.70 -3.32 5.17
C VAL A 146 20.88 -4.64 5.90
N ARG A 147 21.48 -5.61 5.23
CA ARG A 147 21.74 -6.91 5.80
C ARG A 147 23.15 -7.35 5.43
N ALA A 148 23.72 -8.20 6.29
CA ALA A 148 25.08 -8.68 6.07
C ALA A 148 25.18 -10.13 6.48
N HIS A 149 26.06 -10.86 5.81
CA HIS A 149 26.35 -12.25 6.15
C HIS A 149 27.77 -12.54 5.67
N GLY A 150 28.63 -12.93 6.60
CA GLY A 150 30.03 -13.07 6.24
C GLY A 150 30.57 -11.76 5.75
N SER A 151 31.26 -11.79 4.61
CA SER A 151 31.81 -10.60 4.00
C SER A 151 30.90 -10.00 2.95
N SER A 152 29.66 -10.47 2.85
CA SER A 152 28.71 -9.95 1.87
C SER A 152 27.71 -9.01 2.54
N ILE A 153 27.38 -7.93 1.84
CA ILE A 153 26.43 -6.93 2.33
C ILE A 153 25.35 -6.76 1.28
N LEU A 154 24.10 -6.68 1.73
CA LEU A 154 22.95 -6.47 0.86
C LEU A 154 22.23 -5.20 1.29
N ALA A 155 22.17 -4.22 0.40
CA ALA A 155 21.47 -2.98 0.64
C ALA A 155 20.49 -2.74 -0.49
N CYS A 156 19.28 -2.30 -0.15
CA CYS A 156 18.18 -2.23 -1.10
C CYS A 156 17.58 -0.83 -1.11
N ALA A 157 16.94 -0.51 -2.23
CA ALA A 157 16.31 0.80 -2.46
C ALA A 157 14.87 0.57 -2.86
N PRO A 158 13.96 0.45 -1.90
CA PRO A 158 12.56 0.11 -2.23
C PRO A 158 11.89 1.10 -3.16
N LEU A 159 12.24 2.38 -3.10
CA LEU A 159 11.56 3.40 -3.88
C LEU A 159 12.19 3.62 -5.25
N TYR A 160 13.18 2.82 -5.62
CA TYR A 160 13.80 2.94 -6.94
C TYR A 160 12.77 2.72 -8.03
N SER A 161 12.76 3.63 -9.01
CA SER A 161 11.83 3.56 -10.13
C SER A 161 12.60 3.40 -11.42
N TRP A 162 11.87 3.05 -12.48
CA TRP A 162 12.48 2.72 -13.75
C TRP A 162 11.41 2.70 -14.82
N ARG A 163 11.66 3.40 -15.92
CA ARG A 163 10.77 3.39 -17.07
C ARG A 163 11.23 2.31 -18.04
N THR A 164 10.31 1.47 -18.48
CA THR A 164 10.67 0.38 -19.36
C THR A 164 11.36 0.92 -20.61
N GLU A 165 12.06 0.03 -21.30
CA GLU A 165 12.67 0.41 -22.58
C GLU A 165 11.65 0.48 -23.70
N LYS A 166 10.40 0.08 -23.48
CA LYS A 166 9.39 0.10 -24.52
C LYS A 166 8.46 1.29 -24.36
N GLU A 167 7.75 1.36 -23.25
CA GLU A 167 6.81 2.44 -23.04
C GLU A 167 7.18 3.25 -21.81
N PRO A 168 6.95 4.57 -21.81
CA PRO A 168 7.40 5.39 -20.69
C PRO A 168 6.53 5.22 -19.44
N LEU A 169 6.80 4.18 -18.66
CA LEU A 169 6.11 3.96 -17.40
C LEU A 169 6.92 4.56 -16.26
N SER A 170 6.48 4.36 -15.02
CA SER A 170 7.18 4.84 -13.84
C SER A 170 7.21 3.74 -12.79
N ASP A 171 7.48 2.52 -13.21
CA ASP A 171 7.35 1.37 -12.31
C ASP A 171 8.33 1.49 -11.16
N PRO A 172 7.87 1.45 -9.90
CA PRO A 172 8.81 1.36 -8.76
C PRO A 172 9.19 -0.08 -8.45
N VAL A 173 10.02 -0.65 -9.32
CA VAL A 173 10.39 -2.06 -9.18
C VAL A 173 11.18 -2.28 -7.89
N GLY A 174 12.10 -1.38 -7.56
CA GLY A 174 12.99 -1.59 -6.45
C GLY A 174 14.25 -2.30 -6.89
N THR A 175 15.35 -2.09 -6.18
CA THR A 175 16.63 -2.68 -6.57
C THR A 175 17.47 -2.91 -5.33
N CYS A 176 18.45 -3.80 -5.46
CA CYS A 176 19.38 -4.10 -4.39
C CYS A 176 20.77 -4.24 -4.97
N TYR A 177 21.77 -3.88 -4.15
CA TYR A 177 23.17 -4.03 -4.51
C TYR A 177 23.80 -5.01 -3.53
N LEU A 178 24.56 -5.97 -4.05
CA LEU A 178 25.14 -7.05 -3.27
C LEU A 178 26.66 -6.92 -3.30
N SER A 179 27.24 -6.42 -2.21
CA SER A 179 28.68 -6.43 -2.06
C SER A 179 29.17 -7.84 -1.75
N THR A 180 30.30 -8.22 -2.33
CA THR A 180 30.82 -9.57 -2.20
C THR A 180 32.31 -9.52 -1.90
N ASP A 181 32.76 -10.46 -1.07
CA ASP A 181 34.19 -10.58 -0.73
C ASP A 181 34.78 -9.26 -0.27
N ASN A 182 34.05 -8.59 0.63
CA ASN A 182 34.51 -7.32 1.21
C ASN A 182 34.72 -6.27 0.12
N PHE A 183 33.66 -6.00 -0.65
CA PHE A 183 33.60 -4.93 -1.63
C PHE A 183 34.48 -5.16 -2.84
N THR A 184 35.13 -6.30 -2.96
CA THR A 184 35.93 -6.57 -4.16
C THR A 184 35.04 -6.72 -5.40
N ARG A 185 33.76 -7.01 -5.22
CA ARG A 185 32.82 -7.08 -6.32
C ARG A 185 31.45 -6.66 -5.82
N ILE A 186 30.75 -5.84 -6.60
CA ILE A 186 29.43 -5.35 -6.25
C ILE A 186 28.50 -5.64 -7.43
N LEU A 187 27.38 -6.27 -7.14
CA LEU A 187 26.44 -6.70 -8.18
C LEU A 187 25.07 -6.11 -7.88
N GLU A 188 24.40 -5.64 -8.92
CA GLU A 188 23.02 -5.18 -8.77
C GLU A 188 22.08 -6.37 -8.92
N TYR A 189 21.10 -6.46 -8.04
CA TYR A 189 20.12 -7.54 -8.06
C TYR A 189 18.72 -6.92 -7.99
N ALA A 190 18.01 -6.94 -9.10
CA ALA A 190 16.68 -6.36 -9.20
C ALA A 190 15.72 -7.39 -9.79
N PRO A 191 15.36 -8.41 -9.01
CA PRO A 191 14.55 -9.50 -9.56
C PRO A 191 13.19 -9.05 -10.08
N CYS A 192 12.61 -8.00 -9.50
CA CYS A 192 11.29 -7.56 -9.93
C CYS A 192 11.35 -6.68 -11.17
N ARG A 193 12.54 -6.36 -11.68
CA ARG A 193 12.69 -5.67 -12.95
C ARG A 193 12.67 -6.74 -14.04
N SER A 194 11.48 -7.02 -14.56
CA SER A 194 11.27 -8.15 -15.45
C SER A 194 10.32 -7.77 -16.56
N ASP A 195 9.83 -8.78 -17.28
CA ASP A 195 8.95 -8.54 -18.42
C ASP A 195 7.50 -8.30 -18.01
N PHE A 196 7.16 -8.49 -16.74
CA PHE A 196 5.85 -8.14 -16.23
C PHE A 196 5.83 -6.69 -15.76
N SER A 197 5.80 -5.76 -16.71
CA SER A 197 6.14 -4.36 -16.43
C SER A 197 4.88 -3.52 -16.27
N TRP A 198 4.20 -3.70 -15.14
CA TRP A 198 3.18 -2.76 -14.68
C TRP A 198 2.66 -3.20 -13.32
N ALA A 199 1.81 -2.38 -12.69
CA ALA A 199 1.17 -2.78 -11.44
C ALA A 199 0.49 -4.13 -11.59
N ALA A 200 -0.12 -4.40 -12.74
CA ALA A 200 -0.71 -5.70 -12.99
C ALA A 200 0.31 -6.82 -12.95
N GLY A 201 1.56 -6.53 -13.29
CA GLY A 201 2.63 -7.49 -13.22
C GLY A 201 3.51 -7.27 -12.00
N GLN A 202 4.80 -7.15 -12.22
CA GLN A 202 5.76 -6.89 -11.15
C GLN A 202 6.26 -5.44 -11.16
N GLY A 203 5.65 -4.56 -11.93
CA GLY A 203 6.18 -3.21 -12.05
C GLY A 203 6.27 -2.49 -10.72
N TYR A 204 5.20 -2.55 -9.93
CA TYR A 204 5.16 -1.88 -8.63
C TYR A 204 5.60 -2.81 -7.50
N CYS A 205 6.43 -3.80 -7.81
CA CYS A 205 6.80 -4.80 -6.82
C CYS A 205 7.49 -4.17 -5.61
N GLN A 206 8.34 -3.18 -5.83
CA GLN A 206 9.14 -2.60 -4.76
C GLN A 206 9.95 -3.69 -4.05
N GLY A 207 10.62 -4.50 -4.85
CA GLY A 207 11.48 -5.55 -4.31
C GLY A 207 12.51 -4.96 -3.38
N GLY A 208 12.85 -5.67 -2.32
CA GLY A 208 13.77 -5.16 -1.33
C GLY A 208 13.13 -4.32 -0.25
N PHE A 209 11.81 -4.21 -0.23
CA PHE A 209 11.15 -3.54 0.88
C PHE A 209 11.51 -4.21 2.20
N SER A 210 11.68 -5.54 2.18
CA SER A 210 12.25 -6.28 3.29
C SER A 210 13.14 -7.36 2.71
N ALA A 211 14.19 -7.73 3.45
CA ALA A 211 15.16 -8.68 2.97
C ALA A 211 15.83 -9.37 4.16
N GLU A 212 16.51 -10.46 3.86
CA GLU A 212 17.19 -11.22 4.91
C GLU A 212 18.12 -12.24 4.26
N PHE A 213 19.13 -12.64 5.02
CA PHE A 213 20.06 -13.69 4.61
C PHE A 213 19.74 -14.98 5.35
N THR A 214 19.75 -16.09 4.64
CA THR A 214 19.71 -17.38 5.31
C THR A 214 21.11 -17.74 5.80
N LYS A 215 21.18 -18.72 6.71
CA LYS A 215 22.45 -19.06 7.32
C LYS A 215 23.47 -19.55 6.29
N THR A 216 23.00 -19.98 5.11
CA THR A 216 23.92 -20.36 4.05
C THR A 216 24.29 -19.20 3.14
N GLY A 217 23.65 -18.03 3.31
CA GLY A 217 23.92 -16.87 2.50
C GLY A 217 22.96 -16.64 1.37
N ARG A 218 21.94 -17.48 1.22
CA ARG A 218 20.95 -17.29 0.18
C ARG A 218 20.17 -16.00 0.44
N VAL A 219 19.92 -15.24 -0.62
CA VAL A 219 19.23 -13.96 -0.50
C VAL A 219 17.73 -14.18 -0.54
N VAL A 220 17.01 -13.43 0.29
CA VAL A 220 15.55 -13.48 0.32
C VAL A 220 15.03 -12.05 0.30
N LEU A 221 14.11 -11.75 -0.60
CA LEU A 221 13.54 -10.43 -0.74
C LEU A 221 12.02 -10.50 -0.63
N GLY A 222 11.42 -9.39 -0.22
CA GLY A 222 9.97 -9.29 -0.20
C GLY A 222 9.49 -8.06 -0.96
N GLY A 223 8.65 -8.30 -1.96
CA GLY A 223 8.03 -7.23 -2.70
C GLY A 223 6.55 -7.16 -2.38
N PRO A 224 6.13 -6.12 -1.66
CA PRO A 224 4.70 -6.01 -1.30
C PRO A 224 3.79 -5.69 -2.47
N GLY A 225 4.34 -5.29 -3.62
CA GLY A 225 3.52 -4.71 -4.65
C GLY A 225 3.15 -5.60 -5.81
N SER A 226 3.82 -6.75 -5.95
CA SER A 226 3.62 -7.58 -7.13
C SER A 226 2.15 -7.95 -7.30
N TYR A 227 1.68 -7.90 -8.54
CA TYR A 227 0.34 -8.37 -8.91
C TYR A 227 -0.73 -7.64 -8.12
N PHE A 228 -0.82 -6.34 -8.37
CA PHE A 228 -1.80 -5.48 -7.70
C PHE A 228 -1.71 -5.64 -6.18
N TRP A 229 -0.49 -5.53 -5.67
CA TRP A 229 -0.24 -5.53 -4.24
C TRP A 229 -0.71 -6.83 -3.59
N GLN A 230 -0.61 -7.94 -4.32
CA GLN A 230 -0.70 -9.25 -3.67
C GLN A 230 0.54 -9.51 -2.84
N GLY A 231 1.69 -9.01 -3.29
CA GLY A 231 2.95 -9.25 -2.63
C GLY A 231 3.64 -10.49 -3.17
N GLN A 232 4.95 -10.55 -2.93
CA GLN A 232 5.75 -11.62 -3.48
C GLN A 232 6.99 -11.82 -2.62
N ILE A 233 7.52 -13.04 -2.64
CA ILE A 233 8.78 -13.38 -2.01
C ILE A 233 9.70 -13.95 -3.08
N LEU A 234 10.91 -13.40 -3.17
CA LEU A 234 11.88 -13.81 -4.17
C LEU A 234 13.18 -14.18 -3.47
N SER A 235 13.80 -15.27 -3.92
CA SER A 235 15.01 -15.75 -3.29
C SER A 235 15.96 -16.31 -4.34
N ALA A 236 17.25 -16.11 -4.11
CA ALA A 236 18.29 -16.64 -4.99
C ALA A 236 19.59 -16.71 -4.20
N THR A 237 20.48 -17.58 -4.67
CA THR A 237 21.79 -17.72 -4.03
C THR A 237 22.77 -16.72 -4.62
N GLN A 238 23.79 -16.39 -3.83
CA GLN A 238 24.82 -15.47 -4.30
C GLN A 238 25.55 -16.05 -5.51
N GLU A 239 25.79 -17.36 -5.52
CA GLU A 239 26.42 -17.99 -6.67
C GLU A 239 25.57 -17.80 -7.92
N GLN A 240 24.26 -18.01 -7.80
CA GLN A 240 23.37 -17.84 -8.95
C GLN A 240 23.39 -16.40 -9.43
N ILE A 241 23.34 -15.44 -8.50
CA ILE A 241 23.35 -14.04 -8.89
C ILE A 241 24.64 -13.70 -9.64
N ALA A 242 25.77 -14.14 -9.09
CA ALA A 242 27.06 -13.80 -9.71
C ALA A 242 27.23 -14.51 -11.04
N GLU A 243 26.61 -15.68 -11.19
CA GLU A 243 26.73 -16.41 -12.45
C GLU A 243 25.89 -15.76 -13.53
N SER A 244 24.68 -15.33 -13.18
CA SER A 244 23.79 -14.71 -14.16
C SER A 244 24.00 -13.23 -14.33
N TYR A 245 24.94 -12.63 -13.59
CA TYR A 245 25.18 -11.19 -13.70
C TYR A 245 25.52 -10.82 -15.14
N TYR A 246 24.86 -9.78 -15.64
CA TYR A 246 25.14 -9.25 -16.98
C TYR A 246 24.62 -7.82 -17.03
N PRO A 247 25.41 -6.85 -16.55
CA PRO A 247 24.84 -5.54 -16.21
C PRO A 247 24.18 -4.81 -17.36
N GLU A 248 24.61 -5.00 -18.60
CA GLU A 248 24.07 -4.22 -19.70
C GLU A 248 22.62 -4.56 -20.01
N TYR A 249 22.14 -5.73 -19.59
CA TYR A 249 20.73 -6.10 -19.75
C TYR A 249 19.99 -5.66 -18.49
N LEU A 250 19.17 -4.62 -18.64
CA LEU A 250 18.39 -4.16 -17.49
C LEU A 250 17.41 -5.24 -17.04
N ILE A 251 16.77 -5.93 -17.98
CA ILE A 251 15.96 -7.10 -17.67
C ILE A 251 16.82 -8.32 -17.90
N ASN A 252 17.07 -9.09 -16.84
CA ASN A 252 17.96 -10.25 -16.92
C ASN A 252 17.55 -11.21 -15.81
N LEU A 253 17.00 -12.35 -16.21
CA LEU A 253 16.45 -13.29 -15.25
C LEU A 253 17.56 -14.15 -14.64
N VAL A 254 17.58 -14.24 -13.31
CA VAL A 254 18.56 -15.07 -12.63
C VAL A 254 18.09 -16.52 -12.65
N GLN A 255 18.89 -17.39 -13.26
CA GLN A 255 18.52 -18.80 -13.37
C GLN A 255 18.49 -19.44 -11.99
N GLY A 256 17.50 -20.29 -11.76
CA GLY A 256 17.35 -20.97 -10.49
C GLY A 256 16.67 -20.16 -9.41
N GLN A 257 16.18 -18.97 -9.73
CA GLN A 257 15.53 -18.13 -8.73
C GLN A 257 14.24 -18.77 -8.25
N LEU A 258 13.89 -18.52 -7.00
CA LEU A 258 12.67 -19.02 -6.39
C LEU A 258 11.74 -17.85 -6.11
N GLN A 259 10.47 -18.00 -6.44
CA GLN A 259 9.49 -16.96 -6.17
C GLN A 259 8.10 -17.57 -6.03
N THR A 260 7.21 -16.82 -5.40
CA THR A 260 5.84 -17.26 -5.26
C THR A 260 5.06 -16.98 -6.53
N ARG A 261 3.95 -17.69 -6.71
CA ARG A 261 3.18 -17.60 -7.93
C ARG A 261 2.07 -16.55 -7.80
N GLN A 262 1.66 -16.02 -8.94
CA GLN A 262 0.53 -15.10 -8.97
C GLN A 262 -0.75 -15.83 -8.61
N ALA A 263 -1.63 -15.15 -7.88
CA ALA A 263 -2.90 -15.74 -7.43
C ALA A 263 -4.06 -14.99 -8.06
N SER A 264 -5.28 -15.42 -7.70
CA SER A 264 -6.47 -14.79 -8.24
C SER A 264 -6.66 -13.39 -7.65
N SER A 265 -7.59 -12.64 -8.25
CA SER A 265 -7.74 -11.24 -7.88
C SER A 265 -8.27 -11.06 -6.46
N ILE A 266 -8.93 -12.07 -5.88
CA ILE A 266 -9.46 -11.91 -4.54
C ILE A 266 -8.35 -11.71 -3.52
N TYR A 267 -7.11 -12.01 -3.87
CA TYR A 267 -5.98 -11.88 -2.97
C TYR A 267 -5.25 -10.54 -3.12
N ASP A 268 -5.78 -9.63 -3.92
CA ASP A 268 -5.12 -8.34 -4.13
C ASP A 268 -5.07 -7.55 -2.82
N ASP A 269 -4.12 -6.62 -2.75
CA ASP A 269 -3.94 -5.75 -1.60
C ASP A 269 -3.66 -6.53 -0.32
N SER A 270 -2.86 -7.59 -0.41
CA SER A 270 -2.51 -8.36 0.77
C SER A 270 -1.17 -7.94 1.35
N TYR A 271 -0.29 -7.33 0.54
CA TYR A 271 1.01 -6.87 0.98
C TYR A 271 1.86 -8.02 1.53
N LEU A 272 1.84 -9.15 0.83
CA LEU A 272 2.74 -10.23 1.20
C LEU A 272 4.18 -9.77 1.04
N GLY A 273 5.01 -10.08 2.02
CA GLY A 273 6.38 -9.62 2.02
C GLY A 273 6.62 -8.29 2.68
N TYR A 274 5.61 -7.74 3.36
CA TYR A 274 5.82 -6.52 4.13
C TYR A 274 6.97 -6.68 5.11
N SER A 275 7.14 -7.87 5.66
CA SER A 275 8.27 -8.21 6.51
C SER A 275 8.63 -9.66 6.27
N VAL A 276 9.91 -9.97 6.43
CA VAL A 276 10.39 -11.33 6.21
C VAL A 276 11.33 -11.74 7.35
N ALA A 277 11.45 -13.04 7.54
CA ALA A 277 12.39 -13.61 8.49
C ALA A 277 12.67 -15.04 8.07
N VAL A 278 13.73 -15.61 8.61
CA VAL A 278 14.18 -16.95 8.25
C VAL A 278 14.34 -17.78 9.52
N GLY A 279 13.82 -18.99 9.47
CA GLY A 279 13.99 -19.94 10.57
C GLY A 279 13.68 -21.33 10.07
N GLU A 280 14.03 -22.32 10.89
CA GLU A 280 13.80 -23.71 10.55
C GLU A 280 12.47 -24.16 11.15
N PHE A 281 11.53 -24.53 10.28
CA PHE A 281 10.22 -24.99 10.71
C PHE A 281 9.81 -26.28 10.04
N SER A 282 10.75 -27.01 9.43
CA SER A 282 10.51 -28.33 8.88
C SER A 282 11.54 -29.29 9.46
N GLY A 283 11.46 -30.55 9.04
CA GLY A 283 12.42 -31.53 9.49
C GLY A 283 13.62 -31.63 8.56
N ASP A 284 14.16 -30.49 8.15
CA ASP A 284 15.27 -30.46 7.21
C ASP A 284 16.31 -29.49 7.74
N ASP A 285 17.31 -29.19 6.91
CA ASP A 285 18.40 -28.30 7.28
C ASP A 285 18.42 -27.03 6.45
N THR A 286 17.37 -26.76 5.68
CA THR A 286 17.26 -25.53 4.92
C THR A 286 16.29 -24.60 5.64
N GLU A 287 16.75 -23.39 5.96
CA GLU A 287 15.92 -22.43 6.65
C GLU A 287 14.70 -22.07 5.80
N ASP A 288 13.57 -21.92 6.46
CA ASP A 288 12.31 -21.61 5.78
C ASP A 288 11.96 -20.15 5.97
N PHE A 289 11.21 -19.60 5.02
CA PHE A 289 10.94 -18.17 4.96
C PHE A 289 9.67 -17.86 5.74
N VAL A 290 9.77 -16.93 6.68
CA VAL A 290 8.61 -16.40 7.38
C VAL A 290 8.30 -15.03 6.79
N ALA A 291 7.07 -14.85 6.32
CA ALA A 291 6.64 -13.63 5.65
C ALA A 291 5.37 -13.11 6.29
N GLY A 292 5.23 -11.79 6.35
CA GLY A 292 4.02 -11.19 6.90
C GLY A 292 3.10 -10.72 5.79
N VAL A 293 1.80 -10.85 6.05
CA VAL A 293 0.77 -10.43 5.10
C VAL A 293 -0.23 -9.57 5.85
N PRO A 294 0.11 -8.30 6.14
CA PRO A 294 -0.71 -7.53 7.09
C PRO A 294 -2.15 -7.32 6.65
N LYS A 295 -2.46 -7.36 5.36
CA LYS A 295 -3.80 -7.05 4.87
C LYS A 295 -4.44 -8.23 4.17
N GLY A 296 -4.06 -9.45 4.50
CA GLY A 296 -4.47 -10.61 3.75
C GLY A 296 -5.94 -10.94 3.80
N ASN A 297 -6.43 -11.33 4.97
CA ASN A 297 -7.78 -11.89 5.10
C ASN A 297 -8.72 -10.80 5.59
N LEU A 298 -9.32 -10.09 4.63
CA LEU A 298 -10.27 -9.02 4.94
C LEU A 298 -9.69 -8.02 5.93
N THR A 299 -8.43 -7.63 5.71
CA THR A 299 -7.67 -6.71 6.53
C THR A 299 -7.27 -7.31 7.88
N TYR A 300 -7.70 -8.53 8.19
CA TYR A 300 -7.03 -9.31 9.21
C TYR A 300 -5.73 -9.83 8.62
N GLY A 301 -4.64 -9.58 9.31
CA GLY A 301 -3.37 -10.06 8.83
C GLY A 301 -3.25 -11.55 8.95
N TYR A 302 -2.24 -12.10 8.28
CA TYR A 302 -1.82 -13.47 8.54
C TYR A 302 -0.37 -13.62 8.14
N VAL A 303 0.32 -14.51 8.85
CA VAL A 303 1.74 -14.77 8.64
C VAL A 303 1.88 -16.18 8.11
N THR A 304 2.62 -16.34 7.02
CA THR A 304 2.79 -17.61 6.35
C THR A 304 4.25 -18.01 6.36
N ILE A 305 4.50 -19.29 6.63
CA ILE A 305 5.85 -19.85 6.61
C ILE A 305 6.00 -20.67 5.35
N LEU A 306 6.95 -20.28 4.51
CA LEU A 306 7.16 -20.92 3.21
C LEU A 306 8.35 -21.86 3.28
N ASN A 307 8.16 -23.05 2.74
CA ASN A 307 9.20 -24.07 2.74
C ASN A 307 10.46 -23.54 2.07
N GLY A 308 11.60 -23.75 2.72
CA GLY A 308 12.84 -23.19 2.21
C GLY A 308 13.29 -23.81 0.90
N SER A 309 13.20 -25.13 0.80
CA SER A 309 13.72 -25.82 -0.39
C SER A 309 12.98 -25.38 -1.64
N ASP A 310 11.65 -25.47 -1.62
CA ASP A 310 10.81 -24.89 -2.66
C ASP A 310 9.84 -23.94 -1.98
N ILE A 311 9.58 -22.81 -2.63
CA ILE A 311 8.86 -21.75 -1.95
C ILE A 311 7.36 -22.07 -1.99
N ARG A 312 6.92 -22.84 -0.98
CA ARG A 312 5.54 -23.28 -0.88
C ARG A 312 5.09 -23.23 0.57
N SER A 313 3.79 -23.07 0.75
CA SER A 313 3.24 -22.76 2.08
C SER A 313 3.28 -23.97 2.99
N LEU A 314 3.71 -23.75 4.24
CA LEU A 314 3.72 -24.78 5.26
C LEU A 314 2.66 -24.54 6.33
N TYR A 315 2.60 -23.33 6.87
CA TYR A 315 1.67 -22.99 7.93
C TYR A 315 1.09 -21.61 7.68
N ASN A 316 -0.04 -21.35 8.35
CA ASN A 316 -0.69 -20.04 8.32
C ASN A 316 -1.09 -19.68 9.73
N PHE A 317 -0.94 -18.41 10.09
CA PHE A 317 -1.40 -17.88 11.37
C PHE A 317 -2.15 -16.59 11.14
N SER A 318 -3.27 -16.42 11.84
CA SER A 318 -4.21 -15.36 11.57
C SER A 318 -4.26 -14.36 12.73
N GLY A 319 -4.48 -13.10 12.39
CA GLY A 319 -4.64 -12.08 13.40
C GLY A 319 -6.00 -12.14 14.07
N GLU A 320 -6.16 -11.34 15.12
CA GLU A 320 -7.38 -11.38 15.92
C GLU A 320 -8.27 -10.16 15.74
N GLN A 321 -7.73 -9.04 15.28
CA GLN A 321 -8.51 -7.81 15.17
C GLN A 321 -8.31 -7.20 13.79
N MET A 322 -9.37 -6.57 13.28
CA MET A 322 -9.31 -5.95 11.98
C MET A 322 -8.37 -4.76 12.00
N ALA A 323 -7.55 -4.64 10.95
CA ALA A 323 -6.67 -3.50 10.74
C ALA A 323 -5.67 -3.31 11.87
N SER A 324 -5.32 -4.38 12.57
CA SER A 324 -4.25 -4.28 13.57
C SER A 324 -2.87 -4.42 12.97
N TYR A 325 -2.78 -4.62 11.66
CA TYR A 325 -1.50 -4.80 10.96
C TYR A 325 -0.73 -5.99 11.52
N PHE A 326 -1.45 -7.04 11.89
CA PHE A 326 -0.82 -8.31 12.26
C PHE A 326 0.16 -8.73 11.18
N GLY A 327 1.43 -8.82 11.55
CA GLY A 327 2.48 -9.11 10.59
C GLY A 327 3.33 -7.92 10.21
N TYR A 328 3.16 -6.78 10.88
CA TYR A 328 4.03 -5.63 10.62
C TYR A 328 5.49 -6.01 10.78
N ALA A 329 5.79 -6.80 11.81
CA ALA A 329 7.13 -7.31 12.05
C ALA A 329 7.05 -8.78 12.39
N VAL A 330 8.10 -9.52 12.07
CA VAL A 330 8.17 -10.95 12.33
C VAL A 330 9.59 -11.31 12.75
N ALA A 331 9.69 -12.36 13.56
CA ALA A 331 10.99 -12.85 14.01
C ALA A 331 10.87 -14.35 14.25
N ALA A 332 12.02 -15.02 14.28
CA ALA A 332 12.07 -16.46 14.48
C ALA A 332 13.29 -16.80 15.32
N THR A 333 13.06 -17.31 16.52
CA THR A 333 14.15 -17.73 17.39
C THR A 333 13.59 -18.67 18.45
N ASP A 334 14.44 -19.56 18.94
CA ASP A 334 14.03 -20.48 19.99
C ASP A 334 14.06 -19.78 21.33
N VAL A 335 12.88 -19.56 21.91
CA VAL A 335 12.79 -18.80 23.15
C VAL A 335 12.68 -19.68 24.38
N ASN A 336 12.37 -20.97 24.23
CA ASN A 336 12.18 -21.86 25.36
C ASN A 336 13.23 -22.97 25.42
N GLY A 337 14.35 -22.79 24.72
CA GLY A 337 15.48 -23.69 24.88
C GLY A 337 15.29 -25.10 24.38
N ASP A 338 14.25 -25.36 23.58
CA ASP A 338 14.01 -26.70 23.08
C ASP A 338 14.81 -27.01 21.83
N GLY A 339 15.50 -26.03 21.26
CA GLY A 339 16.21 -26.22 20.01
C GLY A 339 15.35 -26.08 18.78
N LEU A 340 14.06 -25.82 18.92
CA LEU A 340 13.14 -25.65 17.80
C LEU A 340 12.73 -24.19 17.73
N ASP A 341 12.90 -23.58 16.57
CA ASP A 341 12.62 -22.15 16.41
C ASP A 341 11.16 -21.86 16.70
N ASP A 342 10.91 -20.72 17.30
CA ASP A 342 9.56 -20.26 17.63
C ASP A 342 9.30 -18.91 16.95
N LEU A 343 8.02 -18.66 16.68
CA LEU A 343 7.62 -17.53 15.83
C LEU A 343 7.08 -16.39 16.67
N LEU A 344 7.43 -15.17 16.27
CA LEU A 344 6.93 -13.96 16.91
C LEU A 344 6.37 -13.03 15.84
N VAL A 345 5.20 -12.45 16.10
CA VAL A 345 4.52 -11.57 15.17
C VAL A 345 4.10 -10.31 15.92
N GLY A 346 4.25 -9.16 15.28
CA GLY A 346 3.89 -7.89 15.87
C GLY A 346 2.68 -7.28 15.19
N ALA A 347 1.78 -6.73 16.01
CA ALA A 347 0.57 -6.05 15.54
C ALA A 347 0.50 -4.70 16.24
N PRO A 348 1.26 -3.70 15.76
CA PRO A 348 1.40 -2.47 16.53
C PRO A 348 0.13 -1.64 16.65
N LEU A 349 -0.89 -1.90 15.84
CA LEU A 349 -2.09 -1.07 15.85
C LEU A 349 -3.27 -1.73 16.58
N LEU A 350 -3.03 -2.81 17.31
CA LEU A 350 -4.12 -3.47 18.01
C LEU A 350 -4.72 -2.51 19.04
N MET A 351 -6.04 -2.56 19.17
CA MET A 351 -6.78 -1.65 20.04
C MET A 351 -7.34 -2.43 21.22
N ASP A 352 -7.08 -1.95 22.43
CA ASP A 352 -7.56 -2.57 23.64
C ASP A 352 -8.37 -1.56 24.46
N ARG A 353 -9.12 -2.09 25.42
CA ARG A 353 -9.97 -1.27 26.28
C ARG A 353 -9.47 -1.33 27.71
N THR A 354 -9.37 -0.16 28.35
CA THR A 354 -8.97 -0.10 29.73
C THR A 354 -10.10 -0.60 30.63
N PRO A 355 -9.79 -0.99 31.87
CA PRO A 355 -10.86 -1.40 32.78
C PRO A 355 -11.94 -0.34 32.93
N ASP A 356 -11.55 0.93 32.89
CA ASP A 356 -12.51 2.03 32.90
C ASP A 356 -13.47 1.93 31.73
N GLY A 357 -13.02 1.45 30.58
CA GLY A 357 -13.85 1.33 29.40
C GLY A 357 -13.43 2.18 28.23
N ARG A 358 -12.35 2.94 28.35
CA ARG A 358 -11.89 3.76 27.23
C ARG A 358 -11.06 2.92 26.27
N PRO A 359 -11.36 2.91 24.98
CA PRO A 359 -10.48 2.24 24.03
C PRO A 359 -9.20 3.02 23.80
N GLN A 360 -8.13 2.29 23.50
CA GLN A 360 -6.83 2.90 23.29
C GLN A 360 -6.01 2.02 22.36
N GLU A 361 -5.14 2.66 21.58
CA GLU A 361 -4.29 1.94 20.64
C GLU A 361 -3.01 1.50 21.35
N VAL A 362 -2.89 0.20 21.60
CA VAL A 362 -1.68 -0.36 22.20
C VAL A 362 -1.35 -1.65 21.46
N GLY A 363 -0.22 -1.69 20.80
CA GLY A 363 0.13 -2.85 20.00
C GLY A 363 0.16 -4.13 20.81
N ARG A 364 0.35 -5.24 20.10
CA ARG A 364 0.42 -6.56 20.70
C ARG A 364 1.41 -7.41 19.95
N VAL A 365 1.99 -8.39 20.64
CA VAL A 365 2.94 -9.32 20.07
C VAL A 365 2.49 -10.73 20.42
N TYR A 366 2.52 -11.62 19.43
CA TYR A 366 2.07 -13.00 19.60
C TYR A 366 3.26 -13.93 19.49
N VAL A 367 3.31 -14.95 20.34
CA VAL A 367 4.38 -15.93 20.35
C VAL A 367 3.78 -17.30 20.09
N TYR A 368 4.36 -18.03 19.13
CA TYR A 368 3.93 -19.38 18.79
C TYR A 368 5.10 -20.31 19.03
N LEU A 369 4.99 -21.18 20.02
CA LEU A 369 6.05 -22.14 20.31
C LEU A 369 5.94 -23.34 19.39
N GLN A 370 7.06 -23.72 18.79
CA GLN A 370 7.11 -24.92 17.96
C GLN A 370 7.36 -26.14 18.82
N HIS A 371 6.75 -27.25 18.45
CA HIS A 371 6.87 -28.52 19.13
C HIS A 371 7.09 -29.62 18.11
N PRO A 372 7.56 -30.78 18.54
CA PRO A 372 7.98 -31.80 17.56
C PRO A 372 6.90 -32.17 16.56
N ALA A 373 5.63 -32.12 16.94
CA ALA A 373 4.56 -32.46 16.01
C ALA A 373 4.21 -31.32 15.07
N GLY A 374 4.80 -30.14 15.26
CA GLY A 374 4.48 -29.00 14.42
C GLY A 374 4.38 -27.73 15.24
N ILE A 375 3.56 -26.79 14.79
CA ILE A 375 3.36 -25.55 15.52
C ILE A 375 1.88 -25.20 15.49
N GLU A 376 1.28 -25.00 16.65
CA GLU A 376 -0.16 -24.86 16.74
C GLU A 376 -0.61 -23.51 16.14
N PRO A 377 -1.87 -23.42 15.72
CA PRO A 377 -2.33 -22.20 15.05
C PRO A 377 -2.74 -21.08 15.99
N THR A 378 -2.67 -21.27 17.30
CA THR A 378 -3.04 -20.23 18.24
C THR A 378 -1.85 -19.86 19.12
N PRO A 379 -1.65 -18.58 19.41
CA PRO A 379 -0.47 -18.17 20.17
C PRO A 379 -0.48 -18.75 21.58
N THR A 380 0.70 -19.14 22.04
CA THR A 380 0.86 -19.59 23.42
C THR A 380 0.89 -18.42 24.39
N LEU A 381 1.35 -17.25 23.94
CA LEU A 381 1.49 -16.09 24.79
C LEU A 381 1.27 -14.84 23.95
N THR A 382 0.81 -13.77 24.60
CA THR A 382 0.63 -12.49 23.94
C THR A 382 1.07 -11.37 24.88
N LEU A 383 1.87 -10.45 24.37
CA LEU A 383 2.36 -9.30 25.11
C LEU A 383 1.68 -8.04 24.58
N THR A 384 1.23 -7.19 25.48
CA THR A 384 0.49 -5.99 25.11
C THR A 384 1.20 -4.75 25.64
N GLY A 385 1.14 -3.68 24.84
CA GLY A 385 1.75 -2.44 25.25
C GLY A 385 0.90 -1.69 26.25
N HIS A 386 1.50 -0.66 26.86
CA HIS A 386 0.82 0.16 27.85
C HIS A 386 0.66 1.61 27.43
N ASP A 387 1.55 2.14 26.59
CA ASP A 387 1.48 3.52 26.16
C ASP A 387 0.53 3.65 24.99
N GLU A 388 -0.44 4.55 25.11
CA GLU A 388 -1.37 4.79 24.02
C GLU A 388 -0.61 5.30 22.80
N PHE A 389 -0.97 4.78 21.63
CA PHE A 389 -0.31 5.10 20.37
C PHE A 389 1.15 4.72 20.36
N GLY A 390 1.60 3.87 21.29
CA GLY A 390 3.01 3.51 21.34
C GLY A 390 3.45 2.59 20.23
N ARG A 391 2.52 1.82 19.66
CA ARG A 391 2.85 0.85 18.61
C ARG A 391 3.89 -0.15 19.12
N PHE A 392 3.45 -0.93 20.11
CA PHE A 392 4.38 -1.77 20.87
C PHE A 392 5.07 -2.79 19.99
N GLY A 393 4.33 -3.46 19.12
CA GLY A 393 4.92 -4.51 18.31
C GLY A 393 5.46 -4.03 16.99
N SER A 394 6.09 -2.85 16.97
CA SER A 394 6.54 -2.25 15.73
C SER A 394 7.85 -2.82 15.21
N SER A 395 8.63 -3.48 16.06
CA SER A 395 9.88 -4.08 15.62
C SER A 395 10.25 -5.20 16.56
N LEU A 396 11.07 -6.13 16.06
CA LEU A 396 11.44 -7.33 16.78
C LEU A 396 12.86 -7.71 16.42
N THR A 397 13.55 -8.39 17.34
CA THR A 397 14.87 -8.91 17.04
C THR A 397 15.26 -9.92 18.11
N PRO A 398 15.74 -11.10 17.73
CA PRO A 398 16.38 -11.97 18.72
C PRO A 398 17.62 -11.30 19.30
N LEU A 399 17.80 -11.46 20.61
CA LEU A 399 18.97 -10.93 21.29
C LEU A 399 20.03 -11.99 21.55
N GLY A 400 19.79 -13.23 21.17
CA GLY A 400 20.63 -14.29 21.66
C GLY A 400 20.38 -14.47 23.15
N ASP A 401 21.28 -15.23 23.78
CA ASP A 401 21.19 -15.44 25.23
C ASP A 401 21.91 -14.30 25.91
N LEU A 402 21.18 -13.21 26.13
CA LEU A 402 21.81 -11.98 26.61
C LEU A 402 22.49 -12.19 27.95
N ASP A 403 21.81 -12.84 28.89
CA ASP A 403 22.39 -13.11 30.20
C ASP A 403 23.07 -14.47 30.27
N GLN A 404 23.16 -15.19 29.16
CA GLN A 404 23.88 -16.46 29.11
C GLN A 404 23.35 -17.43 30.15
N ASP A 405 22.03 -17.38 30.37
CA ASP A 405 21.37 -18.27 31.31
C ASP A 405 20.89 -19.57 30.67
N GLY A 406 20.98 -19.70 29.35
CA GLY A 406 20.56 -20.88 28.65
C GLY A 406 19.32 -20.73 27.79
N TYR A 407 18.68 -19.56 27.80
CA TYR A 407 17.48 -19.31 27.01
C TYR A 407 17.63 -18.00 26.26
N ASN A 408 17.30 -18.01 24.98
CA ASN A 408 17.41 -16.80 24.18
C ASN A 408 16.37 -15.77 24.59
N ASP A 409 16.70 -14.49 24.41
CA ASP A 409 15.83 -13.40 24.76
C ASP A 409 15.43 -12.62 23.51
N VAL A 410 14.49 -11.69 23.69
CA VAL A 410 13.90 -10.95 22.59
C VAL A 410 13.70 -9.50 22.99
N ALA A 411 13.89 -8.59 22.04
CA ALA A 411 13.71 -7.17 22.24
C ALA A 411 12.58 -6.67 21.36
N ILE A 412 11.69 -5.87 21.94
CA ILE A 412 10.55 -5.31 21.23
C ILE A 412 10.59 -3.80 21.37
N GLY A 413 10.35 -3.09 20.27
CA GLY A 413 10.44 -1.65 20.25
C GLY A 413 9.08 -1.00 20.10
N ALA A 414 8.88 0.09 20.84
CA ALA A 414 7.68 0.91 20.77
C ALA A 414 8.09 2.32 20.38
N PRO A 415 8.13 2.67 19.10
CA PRO A 415 8.74 3.93 18.68
C PRO A 415 8.13 5.18 19.30
N PHE A 416 6.88 5.13 19.75
CA PHE A 416 6.22 6.29 20.33
C PHE A 416 5.80 6.07 21.77
N GLY A 417 6.50 5.21 22.51
CA GLY A 417 6.23 5.03 23.91
C GLY A 417 6.98 6.04 24.75
N GLY A 418 6.91 5.84 26.06
CA GLY A 418 7.58 6.72 27.00
C GLY A 418 6.77 7.95 27.32
N GLU A 419 7.17 8.65 28.38
CA GLU A 419 6.45 9.82 28.82
C GLU A 419 6.47 10.92 27.77
N THR A 420 7.60 11.14 27.13
CA THR A 420 7.76 12.19 26.12
C THR A 420 7.49 11.68 24.71
N GLN A 421 7.05 10.43 24.56
CA GLN A 421 6.77 9.84 23.25
C GLN A 421 8.01 9.76 22.38
N GLN A 422 9.19 9.63 22.99
CA GLN A 422 10.42 9.52 22.22
C GLN A 422 10.69 8.09 21.75
N GLY A 423 9.95 7.13 22.27
CA GLY A 423 10.16 5.73 21.91
C GLY A 423 10.80 4.97 23.06
N VAL A 424 10.58 3.65 23.05
CA VAL A 424 11.08 2.77 24.10
C VAL A 424 11.37 1.41 23.50
N VAL A 425 12.32 0.70 24.10
CA VAL A 425 12.66 -0.67 23.71
C VAL A 425 12.59 -1.54 24.96
N PHE A 426 11.90 -2.67 24.85
CA PHE A 426 11.72 -3.58 25.97
C PHE A 426 12.54 -4.84 25.73
N VAL A 427 13.04 -5.43 26.81
CA VAL A 427 13.78 -6.68 26.75
C VAL A 427 13.01 -7.72 27.55
N PHE A 428 12.65 -8.83 26.89
CA PHE A 428 11.90 -9.90 27.51
C PHE A 428 12.76 -11.13 27.64
N PRO A 429 12.88 -11.73 28.82
CA PRO A 429 13.77 -12.87 28.98
C PRO A 429 13.10 -14.17 28.57
N GLY A 430 13.88 -15.03 27.93
CA GLY A 430 13.43 -16.37 27.65
C GLY A 430 13.41 -17.23 28.89
N GLY A 431 12.78 -18.40 28.77
CA GLY A 431 12.67 -19.29 29.90
C GLY A 431 12.13 -20.65 29.49
N PRO A 432 12.23 -21.63 30.38
CA PRO A 432 11.78 -22.99 30.04
C PRO A 432 10.31 -23.04 29.65
N GLY A 433 9.47 -22.16 30.18
CA GLY A 433 8.07 -22.13 29.83
C GLY A 433 7.73 -21.18 28.69
N GLY A 434 8.72 -20.66 28.00
CA GLY A 434 8.50 -19.67 26.96
C GLY A 434 8.95 -18.29 27.38
N LEU A 435 8.66 -17.34 26.50
CA LEU A 435 9.06 -15.96 26.76
C LEU A 435 8.38 -15.43 28.01
N GLY A 436 9.14 -14.67 28.81
CA GLY A 436 8.58 -14.08 30.01
C GLY A 436 7.56 -13.01 29.68
N SER A 437 6.73 -12.68 30.66
CA SER A 437 5.66 -11.72 30.47
C SER A 437 6.00 -10.32 30.93
N LYS A 438 7.08 -10.16 31.70
CA LYS A 438 7.47 -8.85 32.21
C LYS A 438 8.86 -8.46 31.69
N PRO A 439 9.02 -7.28 31.13
CA PRO A 439 10.35 -6.89 30.62
C PRO A 439 11.38 -6.89 31.74
N SER A 440 12.57 -7.39 31.42
CA SER A 440 13.68 -7.35 32.37
C SER A 440 14.52 -6.10 32.24
N GLN A 441 14.27 -5.27 31.22
CA GLN A 441 14.99 -4.02 31.05
C GLN A 441 14.22 -3.14 30.09
N VAL A 442 14.36 -1.82 30.27
CA VAL A 442 13.71 -0.85 29.42
C VAL A 442 14.75 0.19 29.02
N LEU A 443 14.90 0.39 27.71
CA LEU A 443 15.88 1.33 27.16
C LEU A 443 15.16 2.54 26.59
N GLN A 444 15.64 3.72 26.94
CA GLN A 444 15.06 4.97 26.48
C GLN A 444 16.17 5.93 26.10
N PRO A 445 15.88 6.92 25.26
CA PRO A 445 16.90 7.88 24.87
C PRO A 445 17.39 8.68 26.08
N LEU A 446 18.67 9.03 26.06
CA LEU A 446 19.22 9.87 27.12
C LEU A 446 19.06 11.35 26.81
N TRP A 447 18.91 11.71 25.54
CA TRP A 447 18.79 13.10 25.15
C TRP A 447 17.37 13.59 25.31
N ALA A 448 17.22 14.91 25.35
CA ALA A 448 15.91 15.52 25.55
C ALA A 448 15.08 15.46 24.27
N ALA A 449 13.77 15.58 24.43
CA ALA A 449 12.87 15.54 23.29
C ALA A 449 13.00 16.82 22.47
N SER A 450 12.66 16.71 21.18
CA SER A 450 12.73 17.81 20.25
C SER A 450 11.35 18.07 19.66
N HIS A 451 11.30 18.94 18.65
CA HIS A 451 10.02 19.26 18.02
C HIS A 451 9.47 18.07 17.24
N THR A 452 10.32 17.13 16.83
CA THR A 452 9.91 15.99 16.03
C THR A 452 10.14 14.69 16.78
N PRO A 453 9.41 13.63 16.43
CA PRO A 453 9.61 12.34 17.11
C PRO A 453 11.01 11.79 16.84
N ASP A 454 11.54 11.08 17.84
CA ASP A 454 12.86 10.49 17.69
C ASP A 454 12.80 9.11 17.05
N PHE A 455 11.63 8.46 17.08
CA PHE A 455 11.46 7.13 16.49
C PHE A 455 12.41 6.12 17.12
N PHE A 456 12.77 6.37 18.37
CA PHE A 456 13.71 5.47 19.04
C PHE A 456 13.12 4.07 19.12
N GLY A 457 13.89 3.08 18.70
CA GLY A 457 13.43 1.72 18.69
C GLY A 457 12.70 1.28 17.44
N SER A 458 12.68 2.11 16.39
CA SER A 458 12.02 1.71 15.15
C SER A 458 12.82 0.69 14.37
N ALA A 459 14.12 0.59 14.61
CA ALA A 459 14.97 -0.39 13.97
C ALA A 459 15.87 -1.02 15.03
N LEU A 460 16.02 -2.34 14.95
CA LEU A 460 16.76 -3.08 15.95
C LEU A 460 17.60 -4.16 15.29
N ARG A 461 18.64 -4.59 16.00
CA ARG A 461 19.46 -5.72 15.56
C ARG A 461 20.30 -6.19 16.73
N GLY A 462 20.24 -7.48 17.01
CA GLY A 462 20.99 -8.07 18.11
C GLY A 462 21.45 -9.47 17.76
N GLY A 463 22.10 -10.10 18.74
CA GLY A 463 22.58 -11.46 18.61
C GLY A 463 24.05 -11.59 18.26
N ARG A 464 24.76 -10.49 18.05
CA ARG A 464 26.18 -10.51 17.74
C ARG A 464 26.93 -9.78 18.84
N ASP A 465 28.23 -10.05 18.93
CA ASP A 465 29.09 -9.47 19.95
C ASP A 465 30.15 -8.60 19.29
N LEU A 466 30.21 -7.33 19.70
CA LEU A 466 31.17 -6.39 19.15
C LEU A 466 32.45 -6.29 19.95
N ASP A 467 32.44 -6.72 21.22
CA ASP A 467 33.60 -6.54 22.07
C ASP A 467 34.55 -7.72 22.00
N GLY A 468 34.02 -8.90 21.68
CA GLY A 468 34.74 -10.14 21.88
C GLY A 468 34.39 -10.84 23.17
N ASN A 469 33.61 -10.20 24.05
CA ASN A 469 33.08 -10.88 25.20
C ASN A 469 32.17 -12.02 24.76
N GLY A 470 31.70 -12.79 25.74
CA GLY A 470 30.77 -13.85 25.46
C GLY A 470 29.33 -13.36 25.49
N TYR A 471 29.14 -12.05 25.47
CA TYR A 471 27.82 -11.45 25.68
C TYR A 471 27.40 -10.65 24.47
N PRO A 472 26.27 -10.95 23.83
CA PRO A 472 25.88 -10.24 22.62
C PRO A 472 25.48 -8.80 22.92
N ASP A 473 25.51 -7.99 21.87
CA ASP A 473 25.22 -6.57 21.96
C ASP A 473 23.96 -6.26 21.15
N LEU A 474 23.54 -5.00 21.22
CA LEU A 474 22.32 -4.54 20.58
C LEU A 474 22.53 -3.14 20.02
N ILE A 475 21.98 -2.88 18.83
CA ILE A 475 22.03 -1.57 18.21
C ILE A 475 20.61 -1.13 17.90
N VAL A 476 20.28 0.10 18.27
CA VAL A 476 18.92 0.64 18.15
C VAL A 476 18.97 1.85 17.25
N GLY A 477 18.05 1.92 16.30
CA GLY A 477 17.96 3.07 15.40
C GLY A 477 16.98 4.10 15.90
N SER A 478 17.33 5.37 15.71
CA SER A 478 16.53 6.49 16.19
C SER A 478 16.41 7.52 15.07
N PHE A 479 16.13 7.05 13.86
CA PHE A 479 16.31 7.89 12.67
C PHE A 479 15.59 9.22 12.78
N GLY A 480 14.61 9.35 13.66
CA GLY A 480 13.95 10.63 13.83
C GLY A 480 14.89 11.76 14.19
N VAL A 481 16.02 11.44 14.82
CA VAL A 481 17.05 12.41 15.17
C VAL A 481 18.37 12.10 14.48
N ASP A 482 18.37 11.16 13.54
CA ASP A 482 19.58 10.78 12.82
C ASP A 482 20.66 10.28 13.78
N LYS A 483 20.29 9.34 14.64
CA LYS A 483 21.21 8.73 15.59
C LYS A 483 20.97 7.23 15.66
N ALA A 484 22.04 6.50 15.94
CA ALA A 484 21.98 5.08 16.23
C ALA A 484 22.76 4.82 17.51
N VAL A 485 22.22 3.97 18.38
CA VAL A 485 22.77 3.73 19.70
C VAL A 485 23.18 2.27 19.79
N VAL A 486 24.38 2.03 20.30
CA VAL A 486 24.92 0.69 20.48
C VAL A 486 24.94 0.37 21.96
N TYR A 487 24.21 -0.67 22.35
CA TYR A 487 24.18 -1.14 23.73
C TYR A 487 25.00 -2.41 23.85
N ARG A 488 25.80 -2.50 24.91
CA ARG A 488 26.70 -3.61 25.12
C ARG A 488 26.28 -4.41 26.35
N GLY A 489 26.33 -5.73 26.23
CA GLY A 489 25.92 -6.59 27.33
C GLY A 489 27.01 -6.73 28.36
N ARG A 490 26.72 -6.41 29.60
CA ARG A 490 27.68 -6.53 30.68
C ARG A 490 27.75 -7.98 31.15
N PRO A 491 28.90 -8.39 31.72
CA PRO A 491 29.04 -9.75 32.24
C PRO A 491 28.46 -9.94 33.63
N ARG B 84 -19.18 7.20 56.98
CA ARG B 84 -19.30 6.39 55.78
C ARG B 84 -19.68 7.25 54.57
N GLY B 85 -19.84 6.61 53.42
CA GLY B 85 -20.08 7.35 52.20
C GLY B 85 -21.43 8.04 52.20
N SER B 86 -21.53 9.07 51.36
CA SER B 86 -22.73 9.87 51.25
C SER B 86 -22.85 10.41 49.83
N LYS B 87 -24.05 10.84 49.48
CA LYS B 87 -24.37 11.30 48.14
C LYS B 87 -25.16 12.60 48.21
N ASP B 88 -24.97 13.46 47.20
CA ASP B 88 -25.69 14.72 47.09
C ASP B 88 -25.89 15.06 45.63
N ILE B 89 -26.98 15.77 45.34
CA ILE B 89 -27.33 16.20 43.99
C ILE B 89 -27.46 17.71 44.01
N LYS B 90 -26.83 18.37 43.04
CA LYS B 90 -26.81 19.82 43.00
C LYS B 90 -27.70 20.41 41.90
N LYS B 91 -27.71 19.80 40.71
CA LYS B 91 -28.52 20.29 39.61
C LYS B 91 -29.36 19.14 39.08
N ASN B 92 -30.68 19.32 39.11
CA ASN B 92 -31.59 18.26 38.70
C ASN B 92 -32.74 18.81 37.85
N LYS B 93 -32.43 19.69 36.90
CA LYS B 93 -33.48 20.26 36.07
C LYS B 93 -34.21 19.15 35.32
N ASN B 94 -35.53 19.30 35.21
CA ASN B 94 -36.34 18.26 34.60
C ASN B 94 -36.25 18.31 33.08
N VAL B 95 -36.61 17.19 32.45
CA VAL B 95 -36.54 17.09 31.00
C VAL B 95 -37.53 18.03 30.35
N THR B 96 -37.18 18.54 29.17
CA THR B 96 -38.05 19.41 28.39
C THR B 96 -38.95 18.54 27.53
N ASN B 97 -40.15 18.25 28.04
CA ASN B 97 -41.11 17.44 27.30
C ASN B 97 -41.91 18.23 26.29
N ARG B 98 -42.07 19.55 26.50
CA ARG B 98 -42.82 20.40 25.59
C ARG B 98 -44.17 19.77 25.22
N SER B 99 -44.81 19.12 26.19
CA SER B 99 -46.10 18.49 25.94
C SER B 99 -47.19 19.51 25.62
N LYS B 100 -46.94 20.80 25.88
CA LYS B 100 -47.93 21.82 25.55
C LYS B 100 -48.31 21.77 24.09
N GLY B 101 -47.36 21.52 23.20
CA GLY B 101 -47.60 21.48 21.77
C GLY B 101 -46.45 22.07 20.99
N THR B 102 -46.73 22.32 19.71
CA THR B 102 -45.73 22.89 18.81
C THR B 102 -45.36 24.32 19.17
N ALA B 103 -46.18 25.01 19.97
CA ALA B 103 -45.88 26.39 20.32
C ALA B 103 -44.58 26.50 21.10
N GLU B 104 -44.19 25.44 21.82
CA GLU B 104 -43.00 25.48 22.67
C GLU B 104 -41.76 25.15 21.85
N LYS B 105 -41.32 26.15 21.08
CA LYS B 105 -40.04 26.03 20.39
C LYS B 105 -38.90 26.29 21.36
N LEU B 106 -37.78 25.60 21.15
CA LEU B 106 -36.65 25.68 22.05
C LEU B 106 -35.36 25.72 21.26
N LYS B 107 -34.35 26.36 21.83
CA LYS B 107 -33.01 26.34 21.27
C LYS B 107 -32.35 25.00 21.58
N PRO B 108 -31.32 24.63 20.81
CA PRO B 108 -30.63 23.36 21.10
C PRO B 108 -30.11 23.28 22.53
N GLU B 109 -29.63 24.38 23.08
CA GLU B 109 -29.17 24.39 24.46
C GLU B 109 -30.31 24.39 25.46
N ASP B 110 -31.50 24.86 25.06
CA ASP B 110 -32.64 24.86 25.97
C ASP B 110 -33.22 23.47 26.14
N ILE B 111 -33.10 22.62 25.12
CA ILE B 111 -33.62 21.26 25.23
C ILE B 111 -32.77 20.48 26.23
N THR B 112 -33.45 19.76 27.13
CA THR B 112 -32.79 18.96 28.16
C THR B 112 -33.21 17.51 27.98
N GLN B 113 -32.22 16.60 27.96
CA GLN B 113 -32.48 15.19 27.76
C GLN B 113 -31.90 14.30 28.85
N ILE B 114 -30.98 14.81 29.67
CA ILE B 114 -30.42 14.07 30.78
C ILE B 114 -30.77 14.82 32.06
N GLN B 115 -31.42 14.14 33.00
CA GLN B 115 -32.10 14.85 34.08
C GLN B 115 -31.14 15.33 35.16
N PRO B 116 -30.39 14.45 35.85
CA PRO B 116 -29.45 14.94 36.86
C PRO B 116 -28.18 15.49 36.24
N GLN B 117 -27.99 16.80 36.29
CA GLN B 117 -26.85 17.42 35.62
C GLN B 117 -25.62 17.56 36.50
N GLN B 118 -25.71 17.23 37.79
CA GLN B 118 -24.58 17.40 38.69
C GLN B 118 -24.79 16.61 39.96
N LEU B 119 -23.71 16.01 40.46
CA LEU B 119 -23.75 15.24 41.68
C LEU B 119 -22.43 15.37 42.42
N VAL B 120 -22.46 15.05 43.71
CA VAL B 120 -21.27 14.97 44.55
C VAL B 120 -21.36 13.69 45.36
N LEU B 121 -20.26 12.94 45.43
CA LEU B 121 -20.22 11.67 46.14
C LEU B 121 -19.04 11.66 47.10
N ARG B 122 -19.29 11.23 48.33
CA ARG B 122 -18.25 10.99 49.32
C ARG B 122 -18.03 9.49 49.43
N LEU B 123 -16.79 9.06 49.24
CA LEU B 123 -16.46 7.65 49.11
C LEU B 123 -15.62 7.20 50.30
N ARG B 124 -16.06 6.14 50.96
CA ARG B 124 -15.23 5.44 51.93
C ARG B 124 -14.47 4.31 51.23
N SER B 125 -13.22 4.11 51.62
CA SER B 125 -12.37 3.12 50.97
C SER B 125 -13.08 1.78 50.92
N GLY B 126 -13.38 1.33 49.69
CA GLY B 126 -14.04 0.05 49.48
C GLY B 126 -15.55 0.09 49.57
N GLU B 127 -16.16 1.26 49.71
CA GLU B 127 -17.60 1.37 49.84
C GLU B 127 -18.21 1.92 48.55
N PRO B 128 -19.10 1.18 47.89
CA PRO B 128 -19.69 1.68 46.65
C PRO B 128 -20.80 2.70 46.88
N GLN B 129 -20.96 3.58 45.91
CA GLN B 129 -22.04 4.56 45.89
C GLN B 129 -22.69 4.54 44.51
N THR B 130 -24.02 4.62 44.48
CA THR B 130 -24.74 4.52 43.22
C THR B 130 -25.83 5.58 43.16
N PHE B 131 -26.21 5.91 41.93
CA PHE B 131 -27.29 6.85 41.66
C PHE B 131 -27.96 6.48 40.36
N THR B 132 -29.20 6.92 40.21
CA THR B 132 -29.99 6.61 39.02
C THR B 132 -29.91 7.78 38.03
N LEU B 133 -29.65 7.46 36.77
CA LEU B 133 -29.49 8.45 35.71
C LEU B 133 -30.60 8.25 34.70
N LYS B 134 -31.28 9.32 34.34
CA LYS B 134 -32.48 9.26 33.51
C LYS B 134 -32.24 9.98 32.20
N PHE B 135 -32.59 9.34 31.09
CA PHE B 135 -32.47 9.91 29.76
C PHE B 135 -33.83 9.92 29.08
N LYS B 136 -34.07 10.96 28.27
CA LYS B 136 -35.33 11.11 27.56
C LYS B 136 -35.05 11.71 26.20
N ARG B 137 -35.43 11.00 25.14
CA ARG B 137 -35.13 11.45 23.79
C ARG B 137 -35.97 12.65 23.42
N ALA B 138 -35.34 13.64 22.78
CA ALA B 138 -36.04 14.84 22.36
C ALA B 138 -36.86 14.56 21.09
N GLU B 139 -37.63 15.57 20.69
CA GLU B 139 -38.53 15.39 19.55
C GLU B 139 -37.99 16.01 18.27
N ASP B 140 -37.47 17.24 18.34
CA ASP B 140 -37.15 18.00 17.12
C ASP B 140 -35.72 18.53 17.14
N TYR B 141 -34.75 17.70 17.47
CA TYR B 141 -33.37 18.17 17.52
C TYR B 141 -32.88 18.49 16.12
N PRO B 142 -32.13 19.58 15.93
CA PRO B 142 -31.61 19.88 14.59
C PRO B 142 -30.60 18.84 14.13
N ILE B 143 -30.32 18.85 12.83
CA ILE B 143 -29.42 17.89 12.22
C ILE B 143 -28.46 18.63 11.29
N ASP B 144 -27.18 18.27 11.35
CA ASP B 144 -26.19 18.70 10.37
C ASP B 144 -25.61 17.45 9.72
N LEU B 145 -25.65 17.41 8.38
CA LEU B 145 -25.18 16.26 7.62
C LEU B 145 -24.08 16.71 6.67
N TYR B 146 -22.95 16.02 6.71
CA TYR B 146 -21.85 16.26 5.78
C TYR B 146 -21.68 15.03 4.90
N TYR B 147 -21.73 15.24 3.60
CA TYR B 147 -21.68 14.15 2.63
C TYR B 147 -20.26 14.07 2.08
N LEU B 148 -19.54 12.99 2.43
CA LEU B 148 -18.18 12.78 1.99
C LEU B 148 -18.19 11.64 0.98
N MET B 149 -17.73 11.92 -0.23
CA MET B 149 -17.91 11.03 -1.36
C MET B 149 -16.60 10.73 -2.04
N ASP B 150 -16.42 9.46 -2.42
CA ASP B 150 -15.27 9.05 -3.23
C ASP B 150 -15.47 9.50 -4.65
N LEU B 151 -14.41 9.97 -5.30
CA LEU B 151 -14.47 10.45 -6.67
C LEU B 151 -13.51 9.68 -7.59
N SER B 152 -13.42 8.37 -7.40
CA SER B 152 -12.80 7.53 -8.41
C SER B 152 -13.73 7.43 -9.62
N TYR B 153 -13.17 7.01 -10.76
CA TYR B 153 -13.98 7.02 -11.97
C TYR B 153 -15.20 6.13 -11.85
N SER B 154 -15.14 5.10 -11.02
CA SER B 154 -16.29 4.22 -10.86
C SER B 154 -17.47 4.91 -10.20
N MET B 155 -17.28 6.11 -9.66
CA MET B 155 -18.32 6.84 -8.96
C MET B 155 -18.91 7.96 -9.79
N LYS B 156 -18.63 8.01 -11.09
CA LYS B 156 -19.20 9.06 -11.93
C LYS B 156 -20.72 8.96 -12.01
N ASP B 157 -21.22 7.74 -12.26
CA ASP B 157 -22.66 7.54 -12.26
C ASP B 157 -23.26 7.84 -10.90
N ASP B 158 -22.53 7.53 -9.82
CA ASP B 158 -23.00 7.86 -8.48
C ASP B 158 -23.14 9.37 -8.31
N LEU B 159 -22.15 10.12 -8.80
CA LEU B 159 -22.21 11.57 -8.70
C LEU B 159 -23.39 12.13 -9.49
N GLU B 160 -23.64 11.56 -10.67
CA GLU B 160 -24.78 12.01 -11.47
C GLU B 160 -26.09 11.96 -10.70
N ASN B 161 -26.23 11.00 -9.78
CA ASN B 161 -27.42 10.90 -8.95
C ASN B 161 -27.33 11.75 -7.69
N VAL B 162 -26.15 11.82 -7.07
CA VAL B 162 -25.98 12.66 -5.89
C VAL B 162 -26.22 14.12 -6.23
N LYS B 163 -26.23 14.46 -7.51
CA LYS B 163 -26.45 15.85 -7.92
C LYS B 163 -27.71 16.45 -7.30
N SER B 164 -28.82 15.70 -7.24
CA SER B 164 -30.09 16.22 -6.77
C SER B 164 -30.33 15.96 -5.29
N LEU B 165 -29.34 15.37 -4.60
CA LEU B 165 -29.48 15.13 -3.17
C LEU B 165 -29.77 16.42 -2.41
N GLY B 166 -29.18 17.53 -2.82
CA GLY B 166 -29.33 18.77 -2.08
C GLY B 166 -30.77 19.23 -1.98
N THR B 167 -31.65 18.70 -2.82
CA THR B 167 -33.07 19.00 -2.70
C THR B 167 -33.83 17.81 -2.12
N ASP B 168 -33.58 16.62 -2.66
CA ASP B 168 -34.35 15.46 -2.22
C ASP B 168 -34.14 15.18 -0.73
N LEU B 169 -32.89 15.23 -0.27
CA LEU B 169 -32.62 14.91 1.13
C LEU B 169 -33.21 15.94 2.07
N MET B 170 -33.19 17.22 1.70
CA MET B 170 -33.82 18.22 2.58
C MET B 170 -35.32 18.00 2.64
N ASN B 171 -35.94 17.75 1.48
CA ASN B 171 -37.38 17.46 1.50
C ASN B 171 -37.67 16.27 2.40
N GLU B 172 -36.83 15.24 2.36
CA GLU B 172 -37.05 14.08 3.21
C GLU B 172 -36.88 14.42 4.68
N MET B 173 -35.75 15.04 5.04
CA MET B 173 -35.46 15.32 6.44
C MET B 173 -36.45 16.30 7.05
N ARG B 174 -37.16 17.08 6.23
CA ARG B 174 -38.14 17.99 6.82
C ARG B 174 -39.24 17.24 7.57
N ARG B 175 -39.40 15.95 7.31
CA ARG B 175 -40.29 15.13 8.13
C ARG B 175 -39.70 14.82 9.49
N ILE B 176 -38.39 14.91 9.64
CA ILE B 176 -37.69 14.51 10.86
C ILE B 176 -37.36 15.70 11.74
N THR B 177 -36.70 16.71 11.18
CA THR B 177 -36.28 17.87 11.94
C THR B 177 -36.69 19.13 11.19
N SER B 178 -36.92 20.21 11.94
CA SER B 178 -37.29 21.49 11.35
C SER B 178 -36.08 22.30 10.90
N ASP B 179 -34.87 21.89 11.26
CA ASP B 179 -33.66 22.65 10.96
C ASP B 179 -32.60 21.65 10.50
N PHE B 180 -32.29 21.68 9.21
CA PHE B 180 -31.38 20.73 8.59
C PHE B 180 -30.37 21.49 7.73
N ARG B 181 -29.11 21.11 7.83
CA ARG B 181 -28.04 21.71 7.05
C ARG B 181 -27.21 20.61 6.41
N ILE B 182 -26.67 20.90 5.23
CA ILE B 182 -25.97 19.90 4.43
C ILE B 182 -24.65 20.48 3.93
N GLY B 183 -23.72 19.59 3.62
CA GLY B 183 -22.41 19.98 3.10
C GLY B 183 -21.80 18.83 2.34
N PHE B 184 -20.78 19.14 1.55
CA PHE B 184 -20.20 18.18 0.63
C PHE B 184 -18.69 18.19 0.70
N GLY B 185 -18.08 17.04 0.41
CA GLY B 185 -16.65 16.92 0.34
C GLY B 185 -16.28 15.72 -0.51
N SER B 186 -15.02 15.69 -0.95
CA SER B 186 -14.57 14.66 -1.87
C SER B 186 -13.13 14.27 -1.57
N PHE B 187 -12.74 13.09 -2.06
CA PHE B 187 -11.41 12.54 -1.82
C PHE B 187 -11.16 11.43 -2.82
N VAL B 188 -9.88 11.21 -3.14
CA VAL B 188 -9.50 10.00 -3.86
C VAL B 188 -8.35 9.27 -3.17
N GLU B 189 -7.19 9.91 -3.04
CA GLU B 189 -5.99 9.16 -2.67
C GLU B 189 -4.85 10.12 -2.36
N LYS B 190 -3.84 9.60 -1.66
CA LYS B 190 -2.59 10.32 -1.48
C LYS B 190 -1.90 10.51 -2.83
N THR B 191 -1.33 11.69 -3.04
CA THR B 191 -0.66 12.01 -4.29
C THR B 191 0.85 11.81 -4.18
N VAL B 192 1.26 10.55 -4.04
CA VAL B 192 2.66 10.18 -3.93
C VAL B 192 2.92 8.90 -4.72
N MET B 193 4.17 8.46 -4.70
CA MET B 193 4.72 7.54 -5.68
C MET B 193 3.92 6.25 -5.84
N PRO B 194 3.85 5.38 -4.82
CA PRO B 194 3.24 4.06 -5.05
C PRO B 194 1.76 4.08 -5.35
N TYR B 195 1.01 5.04 -4.83
CA TYR B 195 -0.44 5.00 -4.92
C TYR B 195 -0.99 5.64 -6.18
N ILE B 196 -0.16 6.36 -6.95
CA ILE B 196 -0.59 6.96 -8.19
C ILE B 196 0.55 6.88 -9.20
N SER B 197 0.19 6.97 -10.48
CA SER B 197 1.19 7.02 -11.54
C SER B 197 1.79 8.42 -11.60
N THR B 198 3.11 8.52 -11.44
CA THR B 198 3.77 9.80 -11.29
C THR B 198 4.42 10.30 -12.59
N THR B 199 4.14 9.66 -13.71
CA THR B 199 4.55 10.25 -14.97
C THR B 199 3.80 11.56 -15.19
N PRO B 200 4.40 12.52 -15.89
CA PRO B 200 3.69 13.80 -16.09
C PRO B 200 2.33 13.64 -16.75
N ALA B 201 2.22 12.76 -17.74
CA ALA B 201 0.95 12.57 -18.43
C ALA B 201 -0.11 12.05 -17.48
N LYS B 202 0.25 11.09 -16.64
CA LYS B 202 -0.71 10.53 -15.71
C LYS B 202 -1.04 11.48 -14.56
N LEU B 203 -0.07 12.26 -14.10
CA LEU B 203 -0.38 13.29 -13.12
C LEU B 203 -1.35 14.30 -13.68
N ARG B 204 -1.24 14.60 -14.97
CA ARG B 204 -2.18 15.52 -15.60
C ARG B 204 -3.54 14.87 -15.84
N ASN B 205 -3.56 13.57 -16.09
CA ASN B 205 -4.81 12.83 -16.29
C ASN B 205 -4.60 11.37 -15.89
N PRO B 206 -5.12 10.96 -14.73
CA PRO B 206 -4.86 9.58 -14.27
C PRO B 206 -5.63 8.51 -15.01
N CYS B 207 -6.72 8.85 -15.70
CA CYS B 207 -7.53 7.88 -16.41
C CYS B 207 -7.11 7.83 -17.87
N THR B 208 -7.90 7.15 -18.70
CA THR B 208 -7.64 7.13 -20.13
C THR B 208 -7.94 8.49 -20.74
N SER B 209 -7.52 8.68 -21.98
CA SER B 209 -7.77 9.95 -22.65
C SER B 209 -9.25 10.22 -22.81
N GLU B 210 -10.04 9.22 -23.19
CA GLU B 210 -11.48 9.40 -23.29
C GLU B 210 -12.08 9.75 -21.93
N GLN B 211 -11.64 9.07 -20.88
CA GLN B 211 -12.06 9.38 -19.51
C GLN B 211 -11.26 10.60 -19.07
N ASN B 212 -11.81 11.77 -19.37
CA ASN B 212 -11.10 13.02 -19.12
C ASN B 212 -11.06 13.34 -17.64
N CYS B 213 -10.35 12.53 -16.86
CA CYS B 213 -10.27 12.74 -15.42
C CYS B 213 -9.40 13.94 -15.08
N THR B 214 -9.63 14.51 -13.90
CA THR B 214 -8.77 15.57 -13.39
C THR B 214 -7.65 14.97 -12.54
N SER B 215 -6.74 15.83 -12.12
CA SER B 215 -5.56 15.38 -11.38
C SER B 215 -5.96 14.79 -10.04
N PRO B 216 -5.21 13.82 -9.51
CA PRO B 216 -5.55 13.28 -8.20
C PRO B 216 -5.40 14.32 -7.11
N PHE B 217 -6.17 14.16 -6.04
CA PHE B 217 -6.11 15.05 -4.89
C PHE B 217 -6.46 14.25 -3.64
N SER B 218 -6.01 14.75 -2.49
CA SER B 218 -6.23 14.01 -1.25
C SER B 218 -7.64 14.23 -0.72
N TYR B 219 -7.99 15.47 -0.41
CA TYR B 219 -9.30 15.81 0.13
C TYR B 219 -9.63 17.25 -0.23
N LYS B 220 -10.90 17.51 -0.50
CA LYS B 220 -11.36 18.83 -0.90
C LYS B 220 -12.70 19.11 -0.24
N ASN B 221 -12.78 20.20 0.52
CA ASN B 221 -14.03 20.61 1.15
C ASN B 221 -14.78 21.47 0.15
N VAL B 222 -15.80 20.88 -0.49
CA VAL B 222 -16.49 21.59 -1.56
C VAL B 222 -17.48 22.60 -1.00
N LEU B 223 -18.31 22.19 -0.05
CA LEU B 223 -19.36 23.06 0.47
C LEU B 223 -19.44 22.87 1.96
N SER B 224 -19.23 23.96 2.71
CA SER B 224 -19.41 23.91 4.16
C SER B 224 -20.89 23.77 4.49
N LEU B 225 -21.18 23.34 5.72
CA LEU B 225 -22.55 23.05 6.10
C LEU B 225 -23.43 24.28 5.89
N THR B 226 -24.57 24.08 5.24
CA THR B 226 -25.48 25.16 4.90
C THR B 226 -26.89 24.60 4.81
N ASN B 227 -27.87 25.49 4.84
CA ASN B 227 -29.27 25.11 4.72
C ASN B 227 -29.85 25.44 3.35
N LYS B 228 -29.03 25.81 2.38
CA LYS B 228 -29.50 26.10 1.03
C LYS B 228 -29.25 24.87 0.15
N GLY B 229 -30.33 24.26 -0.34
CA GLY B 229 -30.21 23.05 -1.11
C GLY B 229 -29.73 23.28 -2.53
N GLU B 230 -30.15 24.39 -3.13
CA GLU B 230 -29.75 24.68 -4.51
C GLU B 230 -28.26 24.93 -4.62
N VAL B 231 -27.64 25.54 -3.61
CA VAL B 231 -26.19 25.74 -3.63
C VAL B 231 -25.49 24.38 -3.64
N PHE B 232 -25.94 23.47 -2.80
CA PHE B 232 -25.38 22.11 -2.80
C PHE B 232 -25.54 21.48 -4.17
N ASN B 233 -26.75 21.57 -4.74
CA ASN B 233 -26.98 20.97 -6.05
C ASN B 233 -25.99 21.50 -7.08
N GLU B 234 -25.88 22.83 -7.17
CA GLU B 234 -24.99 23.42 -8.18
C GLU B 234 -23.54 23.01 -7.96
N LEU B 235 -23.04 23.18 -6.74
CA LEU B 235 -21.64 22.90 -6.49
C LEU B 235 -21.31 21.43 -6.75
N VAL B 236 -22.18 20.52 -6.32
CA VAL B 236 -21.93 19.10 -6.58
C VAL B 236 -21.98 18.84 -8.07
N GLY B 237 -22.86 19.54 -8.79
CA GLY B 237 -22.91 19.38 -10.24
C GLY B 237 -21.63 19.82 -10.93
N LYS B 238 -20.93 20.81 -10.39
CA LYS B 238 -19.74 21.33 -11.04
C LYS B 238 -18.47 20.52 -10.75
N GLN B 239 -18.55 19.44 -9.98
CA GLN B 239 -17.35 18.72 -9.59
C GLN B 239 -16.87 17.81 -10.72
N ARG B 240 -15.58 17.49 -10.69
CA ARG B 240 -14.92 16.69 -11.72
C ARG B 240 -14.48 15.36 -11.13
N ILE B 241 -14.64 14.30 -11.92
CA ILE B 241 -14.21 12.98 -11.47
C ILE B 241 -12.69 12.87 -11.59
N SER B 242 -12.12 11.90 -10.87
CA SER B 242 -10.68 11.69 -10.88
C SER B 242 -10.42 10.19 -10.79
N GLY B 243 -9.18 9.82 -10.50
CA GLY B 243 -8.83 8.41 -10.39
C GLY B 243 -7.45 8.24 -9.80
N ASN B 244 -7.14 7.01 -9.44
CA ASN B 244 -5.83 6.66 -8.88
C ASN B 244 -5.50 5.25 -9.33
N LEU B 245 -4.45 4.68 -8.74
CA LEU B 245 -3.93 3.41 -9.21
C LEU B 245 -4.46 2.20 -8.43
N ASP B 246 -4.20 2.16 -7.12
CA ASP B 246 -4.58 1.02 -6.30
C ASP B 246 -6.04 1.11 -5.89
N SER B 247 -6.67 -0.06 -5.71
CA SER B 247 -8.10 -0.14 -5.44
C SER B 247 -8.46 0.55 -4.13
N PRO B 248 -7.77 0.28 -3.02
CA PRO B 248 -8.12 0.97 -1.78
C PRO B 248 -7.97 2.46 -1.91
N GLU B 249 -8.85 3.21 -1.24
CA GLU B 249 -8.89 4.65 -1.32
C GLU B 249 -8.51 5.27 0.02
N GLY B 250 -7.96 6.48 -0.05
CA GLY B 250 -7.52 7.17 1.14
C GLY B 250 -8.58 8.08 1.73
N GLY B 251 -9.70 7.49 2.15
CA GLY B 251 -10.78 8.30 2.70
C GLY B 251 -10.61 8.60 4.18
N PHE B 252 -9.72 7.88 4.86
CA PHE B 252 -9.53 8.13 6.28
C PHE B 252 -8.88 9.48 6.53
N ASP B 253 -8.01 9.93 5.63
CA ASP B 253 -7.49 11.28 5.74
C ASP B 253 -8.62 12.30 5.73
N ALA B 254 -9.55 12.15 4.79
CA ALA B 254 -10.69 13.06 4.71
C ALA B 254 -11.56 12.96 5.95
N ILE B 255 -11.77 11.75 6.46
CA ILE B 255 -12.58 11.60 7.67
C ILE B 255 -11.94 12.34 8.83
N MET B 256 -10.63 12.17 9.01
CA MET B 256 -9.94 12.85 10.10
C MET B 256 -10.06 14.37 9.95
N GLN B 257 -9.85 14.87 8.74
CA GLN B 257 -9.92 16.31 8.54
C GLN B 257 -11.32 16.83 8.81
N VAL B 258 -12.35 16.10 8.37
CA VAL B 258 -13.71 16.54 8.61
C VAL B 258 -14.00 16.55 10.11
N ALA B 259 -13.54 15.54 10.82
CA ALA B 259 -13.80 15.47 12.26
C ALA B 259 -13.14 16.61 12.99
N VAL B 260 -11.89 16.93 12.64
CA VAL B 260 -11.10 17.84 13.46
C VAL B 260 -11.11 19.29 13.01
N CYS B 261 -11.55 19.58 11.79
CA CYS B 261 -11.42 20.93 11.26
C CYS B 261 -12.48 21.89 11.77
N GLY B 262 -13.51 21.39 12.44
CA GLY B 262 -14.44 22.25 13.17
C GLY B 262 -15.02 23.41 12.39
N SER B 263 -14.62 24.63 12.77
CA SER B 263 -15.27 25.83 12.26
C SER B 263 -15.21 25.94 10.74
N LEU B 264 -14.16 25.42 10.11
CA LEU B 264 -14.09 25.49 8.65
C LEU B 264 -15.21 24.70 7.99
N ILE B 265 -15.83 23.79 8.73
CA ILE B 265 -16.94 23.01 8.18
C ILE B 265 -18.29 23.46 8.74
N GLY B 266 -18.30 24.16 9.87
CA GLY B 266 -19.53 24.73 10.38
C GLY B 266 -20.35 23.81 11.26
N TRP B 267 -19.72 22.81 11.88
CA TRP B 267 -20.45 21.94 12.79
C TRP B 267 -21.09 22.76 13.89
N ARG B 268 -22.35 22.44 14.21
CA ARG B 268 -23.04 23.00 15.35
C ARG B 268 -23.04 21.99 16.49
N ASN B 269 -23.63 22.38 17.61
CA ASN B 269 -23.77 21.49 18.76
C ASN B 269 -25.13 20.81 18.68
N VAL B 270 -25.32 20.09 17.57
CA VAL B 270 -26.55 19.38 17.27
C VAL B 270 -26.18 18.00 16.75
N THR B 271 -27.18 17.23 16.31
CA THR B 271 -26.92 15.93 15.72
C THR B 271 -25.98 16.08 14.53
N ARG B 272 -24.80 15.48 14.61
CA ARG B 272 -23.78 15.56 13.56
C ARG B 272 -23.73 14.22 12.84
N LEU B 273 -24.08 14.23 11.56
CA LEU B 273 -24.07 13.03 10.73
C LEU B 273 -23.00 13.17 9.67
N LEU B 274 -22.15 12.16 9.54
CA LEU B 274 -21.14 12.09 8.50
C LEU B 274 -21.46 10.90 7.61
N VAL B 275 -21.80 11.16 6.36
CA VAL B 275 -22.13 10.11 5.41
C VAL B 275 -20.90 9.83 4.57
N PHE B 276 -20.32 8.65 4.76
CA PHE B 276 -19.12 8.23 4.05
C PHE B 276 -19.52 7.27 2.94
N SER B 277 -19.32 7.67 1.70
CA SER B 277 -19.78 6.92 0.54
C SER B 277 -18.59 6.51 -0.31
N THR B 278 -18.53 5.23 -0.69
CA THR B 278 -17.44 4.73 -1.50
C THR B 278 -17.82 3.35 -2.02
N ASP B 279 -16.99 2.84 -2.93
CA ASP B 279 -17.17 1.50 -3.49
C ASP B 279 -15.87 0.70 -3.47
N ALA B 280 -15.04 0.88 -2.46
CA ALA B 280 -13.76 0.21 -2.38
C ALA B 280 -13.31 0.12 -0.93
N GLY B 281 -12.19 -0.56 -0.72
CA GLY B 281 -11.60 -0.63 0.60
C GLY B 281 -10.97 0.68 1.00
N PHE B 282 -10.24 0.64 2.11
CA PHE B 282 -9.63 1.83 2.68
C PHE B 282 -8.19 1.54 3.09
N HIS B 283 -7.33 2.54 2.88
CA HIS B 283 -6.00 2.52 3.46
C HIS B 283 -6.08 2.88 4.93
N PHE B 284 -5.04 2.51 5.67
CA PHE B 284 -4.95 2.88 7.08
C PHE B 284 -3.48 2.92 7.49
N ALA B 285 -3.25 3.32 8.74
CA ALA B 285 -1.90 3.55 9.22
C ALA B 285 -1.01 2.36 8.93
N GLY B 286 0.22 2.64 8.52
CA GLY B 286 1.18 1.64 8.11
C GLY B 286 1.30 1.49 6.61
N ASP B 287 0.33 1.97 5.85
CA ASP B 287 0.42 1.93 4.39
C ASP B 287 1.33 3.02 3.84
N GLY B 288 1.59 4.07 4.62
CA GLY B 288 2.45 5.13 4.16
C GLY B 288 3.91 4.72 4.06
N LYS B 289 4.29 3.62 4.70
CA LYS B 289 5.67 3.18 4.64
C LYS B 289 6.08 2.82 3.22
N LEU B 290 5.14 2.33 2.41
CA LEU B 290 5.45 2.01 1.03
C LEU B 290 5.86 3.25 0.25
N GLY B 291 5.17 4.36 0.46
CA GLY B 291 5.50 5.62 -0.17
C GLY B 291 6.53 6.44 0.57
N GLY B 292 7.03 5.95 1.70
CA GLY B 292 8.02 6.69 2.45
C GLY B 292 7.44 7.64 3.47
N ILE B 293 6.16 7.53 3.77
CA ILE B 293 5.49 8.39 4.73
C ILE B 293 5.47 7.61 6.04
N VAL B 294 6.35 7.97 6.96
CA VAL B 294 6.47 7.27 8.23
C VAL B 294 5.96 8.08 9.41
N LEU B 295 5.68 9.36 9.22
CA LEU B 295 5.27 10.21 10.33
C LEU B 295 3.79 9.97 10.63
N PRO B 296 3.41 9.60 11.86
CA PRO B 296 2.01 9.32 12.14
C PRO B 296 1.14 10.56 12.00
N ASN B 297 -0.14 10.32 11.69
CA ASN B 297 -1.10 11.40 11.63
C ASN B 297 -1.21 12.09 12.97
N ASP B 298 -1.18 13.43 12.95
CA ASP B 298 -1.21 14.20 14.19
C ASP B 298 -2.61 14.59 14.63
N GLY B 299 -3.60 14.49 13.75
CA GLY B 299 -4.96 14.79 14.13
C GLY B 299 -5.31 16.25 14.17
N GLN B 300 -4.47 17.11 13.60
CA GLN B 300 -4.75 18.53 13.50
C GLN B 300 -5.32 18.87 12.12
N CYS B 301 -6.01 19.99 12.05
CA CYS B 301 -6.57 20.45 10.79
C CYS B 301 -5.49 21.08 9.94
N HIS B 302 -5.40 20.65 8.68
CA HIS B 302 -4.40 21.15 7.74
C HIS B 302 -5.06 21.53 6.43
N LEU B 303 -6.15 22.28 6.49
CA LEU B 303 -6.82 22.74 5.28
C LEU B 303 -6.32 24.13 4.90
N GLU B 304 -5.91 24.26 3.64
CA GLU B 304 -5.54 25.55 3.06
C GLU B 304 -6.28 25.70 1.75
N ASN B 305 -7.13 26.72 1.67
CA ASN B 305 -7.98 26.91 0.49
C ASN B 305 -8.88 25.70 0.27
N ASN B 306 -9.39 25.15 1.37
CA ASN B 306 -10.31 24.02 1.33
C ASN B 306 -9.67 22.79 0.72
N MET B 307 -8.35 22.71 0.74
CA MET B 307 -7.61 21.55 0.28
C MET B 307 -6.74 21.02 1.39
N TYR B 308 -6.62 19.69 1.48
CA TYR B 308 -5.76 19.07 2.47
C TYR B 308 -4.34 19.03 1.92
N THR B 309 -3.42 19.72 2.58
CA THR B 309 -2.10 19.96 2.02
C THR B 309 -1.05 18.96 2.48
N MET B 310 -1.20 18.36 3.65
CA MET B 310 -0.18 17.51 4.23
C MET B 310 -0.37 16.04 3.93
N SER B 311 -1.07 15.69 2.85
CA SER B 311 -1.28 14.29 2.54
C SER B 311 0.03 13.57 2.27
N HIS B 312 1.01 14.27 1.73
CA HIS B 312 2.31 13.68 1.45
C HIS B 312 3.20 13.57 2.68
N TYR B 313 2.80 14.19 3.79
CA TYR B 313 3.66 14.34 4.96
C TYR B 313 3.25 13.45 6.12
N TYR B 314 1.97 13.15 6.27
CA TYR B 314 1.47 12.36 7.39
C TYR B 314 0.88 11.05 6.89
N ASP B 315 1.07 10.00 7.68
CA ASP B 315 0.52 8.70 7.33
C ASP B 315 -1.00 8.70 7.49
N TYR B 316 -1.62 7.65 6.98
CA TYR B 316 -3.07 7.51 7.15
C TYR B 316 -3.39 7.34 8.64
N PRO B 317 -4.57 7.75 9.08
CA PRO B 317 -4.97 7.50 10.46
C PRO B 317 -5.20 6.01 10.70
N SER B 318 -5.05 5.60 11.95
CA SER B 318 -5.46 4.26 12.33
C SER B 318 -6.91 4.27 12.79
N ILE B 319 -7.51 3.08 12.81
CA ILE B 319 -8.91 2.98 13.22
C ILE B 319 -9.08 3.48 14.65
N ALA B 320 -8.11 3.20 15.51
CA ALA B 320 -8.20 3.70 16.89
C ALA B 320 -8.17 5.21 16.93
N HIS B 321 -7.32 5.85 16.13
CA HIS B 321 -7.28 7.30 16.09
C HIS B 321 -8.59 7.87 15.58
N LEU B 322 -9.16 7.25 14.55
CA LEU B 322 -10.45 7.71 14.05
C LEU B 322 -11.53 7.54 15.12
N VAL B 323 -11.52 6.42 15.84
CA VAL B 323 -12.49 6.22 16.92
C VAL B 323 -12.37 7.34 17.93
N GLN B 324 -11.14 7.61 18.38
CA GLN B 324 -10.92 8.66 19.36
C GLN B 324 -11.50 9.99 18.88
N LYS B 325 -11.12 10.41 17.67
CA LYS B 325 -11.51 11.73 17.22
C LYS B 325 -13.00 11.83 16.92
N LEU B 326 -13.58 10.80 16.31
CA LEU B 326 -15.01 10.82 16.01
C LEU B 326 -15.82 10.85 17.31
N SER B 327 -15.45 10.04 18.29
CA SER B 327 -16.18 10.08 19.55
C SER B 327 -15.96 11.38 20.29
N GLU B 328 -14.79 12.01 20.11
CA GLU B 328 -14.51 13.26 20.79
C GLU B 328 -15.29 14.41 20.19
N ASN B 329 -15.56 14.36 18.88
CA ASN B 329 -16.23 15.46 18.19
C ASN B 329 -17.69 15.18 17.91
N ASN B 330 -18.27 14.17 18.54
CA ASN B 330 -19.69 13.85 18.45
C ASN B 330 -20.14 13.51 17.03
N ILE B 331 -19.25 12.98 16.20
CA ILE B 331 -19.61 12.63 14.83
C ILE B 331 -20.25 11.24 14.82
N GLN B 332 -21.41 11.13 14.20
CA GLN B 332 -22.09 9.86 13.98
C GLN B 332 -21.95 9.49 12.52
N THR B 333 -21.39 8.32 12.24
CA THR B 333 -20.96 7.95 10.90
C THR B 333 -21.95 6.99 10.28
N ILE B 334 -22.19 7.16 8.98
CA ILE B 334 -23.03 6.26 8.20
C ILE B 334 -22.20 5.79 7.02
N PHE B 335 -21.90 4.50 6.96
CA PHE B 335 -21.09 3.92 5.89
C PHE B 335 -22.02 3.43 4.80
N ALA B 336 -22.09 4.17 3.69
CA ALA B 336 -22.88 3.78 2.53
C ALA B 336 -21.91 3.21 1.50
N VAL B 337 -21.80 1.89 1.47
CA VAL B 337 -20.85 1.20 0.61
C VAL B 337 -21.58 0.15 -0.21
N THR B 338 -20.97 -0.25 -1.31
CA THR B 338 -21.59 -1.18 -2.22
C THR B 338 -21.63 -2.59 -1.63
N GLU B 339 -22.31 -3.49 -2.33
CA GLU B 339 -22.52 -4.84 -1.83
C GLU B 339 -21.20 -5.57 -1.61
N GLU B 340 -20.19 -5.28 -2.44
CA GLU B 340 -18.96 -6.05 -2.41
C GLU B 340 -18.24 -5.93 -1.07
N PHE B 341 -18.25 -4.74 -0.47
CA PHE B 341 -17.44 -4.47 0.71
C PHE B 341 -18.24 -4.42 2.00
N GLN B 342 -19.48 -4.91 1.97
CA GLN B 342 -20.27 -5.04 3.19
C GLN B 342 -19.56 -5.84 4.28
N PRO B 343 -18.93 -6.98 3.99
CA PRO B 343 -18.24 -7.71 5.08
C PRO B 343 -17.14 -6.91 5.73
N VAL B 344 -16.40 -6.09 4.98
CA VAL B 344 -15.33 -5.28 5.57
C VAL B 344 -15.93 -4.15 6.40
N TYR B 345 -16.89 -3.43 5.83
CA TYR B 345 -17.40 -2.26 6.53
C TYR B 345 -18.30 -2.64 7.70
N LYS B 346 -18.83 -3.86 7.74
CA LYS B 346 -19.57 -4.29 8.92
C LYS B 346 -18.65 -4.46 10.11
N GLU B 347 -17.49 -5.06 9.91
CA GLU B 347 -16.50 -5.12 10.97
C GLU B 347 -16.00 -3.73 11.35
N LEU B 348 -15.80 -2.86 10.37
CA LEU B 348 -15.42 -1.49 10.70
C LEU B 348 -16.49 -0.83 11.57
N LYS B 349 -17.76 -1.04 11.23
CA LYS B 349 -18.85 -0.50 12.05
C LYS B 349 -18.82 -1.08 13.46
N ASN B 350 -18.58 -2.39 13.58
CA ASN B 350 -18.46 -2.98 14.90
C ASN B 350 -17.35 -2.29 15.71
N LEU B 351 -16.25 -1.94 15.07
CA LEU B 351 -15.16 -1.29 15.79
C LEU B 351 -15.48 0.15 16.16
N ILE B 352 -16.13 0.89 15.27
CA ILE B 352 -16.36 2.32 15.46
C ILE B 352 -17.66 2.50 16.23
N PRO B 353 -17.65 3.15 17.40
CA PRO B 353 -18.90 3.36 18.14
C PRO B 353 -19.84 4.31 17.42
N LYS B 354 -21.14 4.11 17.63
CA LYS B 354 -22.18 4.99 17.13
C LYS B 354 -22.03 5.22 15.64
N SER B 355 -22.01 4.11 14.88
CA SER B 355 -21.94 4.17 13.43
C SER B 355 -22.91 3.15 12.84
N ALA B 356 -23.32 3.40 11.61
CA ALA B 356 -24.24 2.52 10.89
C ALA B 356 -23.68 2.25 9.49
N VAL B 357 -24.13 1.15 8.91
CA VAL B 357 -23.66 0.71 7.59
C VAL B 357 -24.87 0.32 6.76
N GLY B 358 -24.84 0.70 5.49
CA GLY B 358 -25.92 0.35 4.57
C GLY B 358 -25.36 -0.05 3.23
N THR B 359 -26.20 -0.72 2.44
CA THR B 359 -25.80 -1.24 1.14
C THR B 359 -26.14 -0.21 0.07
N LEU B 360 -25.12 0.36 -0.56
CA LEU B 360 -25.32 1.36 -1.58
C LEU B 360 -25.48 0.71 -2.94
N SER B 361 -26.30 1.33 -3.79
CA SER B 361 -26.49 0.84 -5.15
C SER B 361 -25.25 1.15 -5.98
N ALA B 362 -25.23 0.58 -7.19
CA ALA B 362 -24.09 0.77 -8.09
C ALA B 362 -23.97 2.23 -8.52
N ASN B 363 -25.05 2.99 -8.39
CA ASN B 363 -25.03 4.39 -8.80
C ASN B 363 -25.74 5.28 -7.78
N SER B 364 -25.71 4.91 -6.50
CA SER B 364 -26.21 5.73 -5.41
C SER B 364 -27.66 6.17 -5.64
N SER B 365 -28.54 5.24 -5.97
CA SER B 365 -29.94 5.59 -6.19
C SER B 365 -30.77 5.47 -4.91
N ASN B 366 -30.33 4.66 -3.95
CA ASN B 366 -31.05 4.46 -2.70
C ASN B 366 -30.40 5.18 -1.52
N VAL B 367 -29.56 6.17 -1.80
CA VAL B 367 -28.78 6.78 -0.72
C VAL B 367 -29.69 7.50 0.28
N ILE B 368 -30.78 8.10 -0.20
CA ILE B 368 -31.68 8.79 0.73
C ILE B 368 -32.30 7.80 1.71
N GLN B 369 -32.77 6.66 1.21
CA GLN B 369 -33.31 5.66 2.11
C GLN B 369 -32.25 5.10 3.03
N LEU B 370 -31.03 4.88 2.54
CA LEU B 370 -29.94 4.50 3.42
C LEU B 370 -29.78 5.49 4.56
N ILE B 371 -29.77 6.78 4.23
CA ILE B 371 -29.55 7.80 5.25
C ILE B 371 -30.68 7.77 6.27
N ILE B 372 -31.92 7.66 5.81
CA ILE B 372 -33.04 7.67 6.73
C ILE B 372 -33.00 6.46 7.65
N ASP B 373 -32.74 5.28 7.10
CA ASP B 373 -32.68 4.08 7.92
C ASP B 373 -31.55 4.16 8.93
N ALA B 374 -30.38 4.62 8.49
CA ALA B 374 -29.25 4.73 9.39
C ALA B 374 -29.52 5.75 10.49
N TYR B 375 -30.18 6.85 10.15
CA TYR B 375 -30.51 7.83 11.17
C TYR B 375 -31.46 7.25 12.19
N ASN B 376 -32.47 6.50 11.74
CA ASN B 376 -33.37 5.86 12.70
C ASN B 376 -32.61 4.91 13.60
N SER B 377 -31.74 4.08 13.00
CA SER B 377 -30.98 3.11 13.79
C SER B 377 -30.11 3.81 14.83
N LEU B 378 -29.46 4.89 14.44
CA LEU B 378 -28.56 5.58 15.37
C LEU B 378 -29.33 6.28 16.46
N SER B 379 -30.38 7.02 16.09
CA SER B 379 -31.12 7.81 17.07
C SER B 379 -31.97 6.95 17.99
N SER B 380 -32.22 5.70 17.63
CA SER B 380 -33.00 4.81 18.48
C SER B 380 -32.15 4.09 19.52
N GLU B 381 -30.87 4.43 19.64
CA GLU B 381 -29.97 3.80 20.59
C GLU B 381 -29.22 4.84 21.39
N VAL B 382 -28.88 4.50 22.62
CA VAL B 382 -28.15 5.38 23.53
C VAL B 382 -26.97 4.61 24.09
N ILE B 383 -25.79 5.25 24.08
CA ILE B 383 -24.58 4.68 24.66
C ILE B 383 -23.94 5.76 25.53
N LEU B 384 -23.51 5.36 26.73
CA LEU B 384 -22.98 6.29 27.72
C LEU B 384 -21.47 6.16 27.79
N GLU B 385 -20.79 7.30 27.92
CA GLU B 385 -19.34 7.36 28.04
C GLU B 385 -18.96 8.11 29.30
N ASN B 386 -17.79 7.76 29.85
CA ASN B 386 -17.26 8.43 31.02
C ASN B 386 -15.79 8.74 30.80
N GLY B 387 -15.31 9.77 31.48
CA GLY B 387 -13.93 10.19 31.34
C GLY B 387 -12.97 9.33 32.13
N LYS B 388 -11.70 9.67 32.01
CA LYS B 388 -10.66 8.94 32.73
C LYS B 388 -10.87 9.09 34.24
N LEU B 389 -10.73 7.97 34.95
CA LEU B 389 -10.91 7.96 36.40
C LEU B 389 -9.55 7.86 37.09
N SER B 390 -9.52 8.27 38.35
CA SER B 390 -8.30 8.14 39.14
C SER B 390 -7.89 6.68 39.24
N GLU B 391 -6.68 6.45 39.75
CA GLU B 391 -6.13 5.10 39.78
C GLU B 391 -6.96 4.17 40.65
N GLY B 392 -7.39 4.64 41.82
CA GLY B 392 -8.10 3.78 42.76
C GLY B 392 -9.61 3.75 42.60
N VAL B 393 -10.14 4.34 41.54
CA VAL B 393 -11.59 4.48 41.36
C VAL B 393 -12.03 3.57 40.22
N THR B 394 -13.23 3.02 40.35
CA THR B 394 -13.80 2.14 39.34
C THR B 394 -15.29 2.46 39.20
N ILE B 395 -15.85 2.09 38.04
CA ILE B 395 -17.22 2.42 37.70
C ILE B 395 -17.90 1.21 37.10
N SER B 396 -19.23 1.15 37.25
CA SER B 396 -20.03 0.08 36.68
C SER B 396 -21.39 0.64 36.27
N TYR B 397 -22.01 -0.02 35.29
CA TYR B 397 -23.26 0.44 34.69
C TYR B 397 -24.31 -0.65 34.74
N LYS B 398 -25.56 -0.24 34.91
CA LYS B 398 -26.71 -1.13 34.74
C LYS B 398 -27.82 -0.35 34.08
N SER B 399 -28.31 -0.86 32.96
CA SER B 399 -29.31 -0.17 32.14
C SER B 399 -30.66 -0.84 32.32
N TYR B 400 -31.70 -0.01 32.49
CA TYR B 400 -33.08 -0.48 32.62
C TYR B 400 -33.86 0.12 31.46
N CYS B 401 -33.87 -0.59 30.33
CA CYS B 401 -34.45 -0.09 29.10
C CYS B 401 -35.94 -0.42 29.05
N LYS B 402 -36.52 -0.28 27.86
CA LYS B 402 -37.96 -0.49 27.70
C LYS B 402 -38.31 -1.97 27.74
N ASN B 403 -39.56 -2.26 28.10
CA ASN B 403 -40.09 -3.62 28.09
C ASN B 403 -39.35 -4.53 29.06
N GLY B 404 -38.67 -3.94 30.05
CA GLY B 404 -38.04 -4.73 31.09
C GLY B 404 -36.73 -5.35 30.71
N VAL B 405 -36.26 -5.15 29.47
CA VAL B 405 -34.96 -5.68 29.09
C VAL B 405 -33.87 -4.81 29.69
N ASN B 406 -32.95 -5.43 30.43
CA ASN B 406 -31.93 -4.73 31.19
C ASN B 406 -30.57 -5.30 30.83
N GLY B 407 -29.52 -4.68 31.35
CA GLY B 407 -28.18 -5.09 31.00
C GLY B 407 -27.22 -4.85 32.15
N THR B 408 -26.03 -5.42 32.01
CA THR B 408 -24.97 -5.27 33.00
C THR B 408 -23.63 -5.31 32.29
N GLY B 409 -22.60 -4.86 32.99
CA GLY B 409 -21.28 -4.80 32.38
C GLY B 409 -21.26 -3.83 31.21
N GLU B 410 -20.44 -4.16 30.22
CA GLU B 410 -20.34 -3.30 29.04
C GLU B 410 -21.70 -3.14 28.37
N ASN B 411 -22.58 -4.13 28.50
CA ASN B 411 -23.93 -4.02 27.97
C ASN B 411 -24.84 -3.14 28.82
N GLY B 412 -24.46 -2.87 30.07
CA GLY B 412 -25.31 -2.08 30.94
C GLY B 412 -25.23 -0.59 30.70
N ARG B 413 -24.27 -0.14 29.91
CA ARG B 413 -24.15 1.27 29.56
C ARG B 413 -24.79 1.59 28.22
N LYS B 414 -25.87 0.89 27.86
CA LYS B 414 -26.50 1.02 26.56
C LYS B 414 -27.96 0.64 26.65
N CYS B 415 -28.80 1.32 25.87
CA CYS B 415 -30.20 0.97 25.70
C CYS B 415 -30.57 1.12 24.24
N SER B 416 -31.60 0.38 23.82
CA SER B 416 -32.02 0.33 22.43
C SER B 416 -33.52 0.57 22.32
N ASN B 417 -33.95 0.95 21.12
CA ASN B 417 -35.35 1.19 20.82
C ASN B 417 -35.91 2.39 21.59
N ILE B 418 -35.06 3.37 21.90
CA ILE B 418 -35.54 4.57 22.53
C ILE B 418 -36.31 5.36 21.49
N SER B 419 -37.64 5.35 21.60
CA SER B 419 -38.47 6.07 20.66
C SER B 419 -38.49 7.55 21.02
N ILE B 420 -39.17 8.35 20.18
CA ILE B 420 -39.27 9.76 20.45
C ILE B 420 -40.18 9.97 21.65
N GLY B 421 -39.69 10.72 22.64
CA GLY B 421 -40.40 10.89 23.89
C GLY B 421 -40.27 9.74 24.85
N ASP B 422 -39.50 8.70 24.51
CA ASP B 422 -39.30 7.58 25.41
C ASP B 422 -38.37 7.98 26.55
N GLU B 423 -38.42 7.21 27.64
CA GLU B 423 -37.64 7.48 28.83
C GLU B 423 -37.02 6.18 29.32
N VAL B 424 -35.73 6.22 29.65
CA VAL B 424 -35.01 5.08 30.18
C VAL B 424 -34.16 5.53 31.36
N GLN B 425 -33.69 4.57 32.14
CA GLN B 425 -32.88 4.87 33.31
C GLN B 425 -31.65 3.99 33.34
N PHE B 426 -30.59 4.50 33.96
CA PHE B 426 -29.34 3.79 34.17
C PHE B 426 -28.97 3.87 35.65
N GLU B 427 -28.35 2.81 36.16
CA GLU B 427 -27.80 2.81 37.50
C GLU B 427 -26.27 2.83 37.40
N ILE B 428 -25.67 3.87 37.97
CA ILE B 428 -24.23 4.08 37.90
C ILE B 428 -23.64 3.83 39.28
N SER B 429 -22.65 2.94 39.35
CA SER B 429 -22.03 2.57 40.62
C SER B 429 -20.56 2.91 40.56
N ILE B 430 -20.09 3.66 41.56
CA ILE B 430 -18.70 4.05 41.67
C ILE B 430 -18.12 3.43 42.94
N THR B 431 -16.82 3.12 42.89
CA THR B 431 -16.13 2.58 44.06
C THR B 431 -14.70 3.10 44.07
N SER B 432 -14.14 3.22 45.27
CA SER B 432 -12.76 3.65 45.47
C SER B 432 -12.08 2.67 46.41
N ASN B 433 -10.83 2.32 46.08
CA ASN B 433 -10.07 1.35 46.88
C ASN B 433 -8.85 1.97 47.54
N LYS B 434 -8.62 3.27 47.36
CA LYS B 434 -7.46 3.94 47.95
C LYS B 434 -7.87 5.32 48.42
N CYS B 435 -6.88 6.13 48.81
CA CYS B 435 -7.11 7.49 49.27
C CYS B 435 -6.33 8.45 48.38
N PRO B 436 -6.92 8.95 47.30
CA PRO B 436 -6.18 9.85 46.39
C PRO B 436 -5.87 11.20 47.01
N LYS B 437 -5.15 11.20 48.14
CA LYS B 437 -4.60 12.41 48.74
C LYS B 437 -5.69 13.45 49.01
N LYS B 438 -6.86 13.00 49.44
CA LYS B 438 -7.91 13.87 49.97
C LYS B 438 -8.32 14.95 48.98
N ASP B 439 -8.16 14.70 47.69
CA ASP B 439 -8.49 15.71 46.69
C ASP B 439 -9.95 15.61 46.25
N SER B 440 -10.53 16.75 45.88
CA SER B 440 -11.90 16.81 45.41
C SER B 440 -11.90 16.51 43.91
N ASP B 441 -11.81 15.22 43.60
CA ASP B 441 -11.76 14.77 42.22
C ASP B 441 -13.14 14.87 41.57
N SER B 442 -13.15 14.83 40.23
CA SER B 442 -14.40 14.91 39.49
C SER B 442 -14.21 14.27 38.12
N PHE B 443 -15.33 13.91 37.51
CA PHE B 443 -15.33 13.33 36.16
C PHE B 443 -16.73 13.50 35.58
N LYS B 444 -16.87 13.19 34.29
CA LYS B 444 -18.09 13.48 33.55
C LYS B 444 -18.61 12.24 32.85
N ILE B 445 -19.93 12.18 32.72
CA ILE B 445 -20.63 11.11 32.03
C ILE B 445 -21.61 11.75 31.05
N ARG B 446 -21.72 11.19 29.85
CA ARG B 446 -22.55 11.75 28.81
C ARG B 446 -22.99 10.64 27.86
N PRO B 447 -24.07 10.84 27.12
CA PRO B 447 -24.41 9.91 26.05
C PRO B 447 -23.71 10.27 24.76
N LEU B 448 -23.17 9.26 24.09
CA LEU B 448 -22.41 9.50 22.87
C LEU B 448 -23.28 10.21 21.84
N GLY B 449 -22.67 11.18 21.14
CA GLY B 449 -23.37 11.95 20.13
C GLY B 449 -24.06 13.20 20.63
N PHE B 450 -23.93 13.53 21.91
CA PHE B 450 -24.55 14.72 22.48
C PHE B 450 -23.53 15.49 23.29
N THR B 451 -23.78 16.80 23.42
CA THR B 451 -22.93 17.65 24.22
C THR B 451 -23.39 17.75 25.67
N GLU B 452 -24.56 17.20 25.99
CA GLU B 452 -25.05 17.23 27.37
C GLU B 452 -24.22 16.27 28.22
N GLU B 453 -23.80 16.73 29.38
CA GLU B 453 -22.96 15.96 30.29
C GLU B 453 -23.57 15.95 31.68
N VAL B 454 -23.18 14.95 32.46
CA VAL B 454 -23.48 14.89 33.89
C VAL B 454 -22.16 14.94 34.64
N GLU B 455 -22.01 15.95 35.49
CA GLU B 455 -20.76 16.18 36.21
C GLU B 455 -20.83 15.48 37.56
N VAL B 456 -19.80 14.70 37.86
CA VAL B 456 -19.71 13.94 39.11
C VAL B 456 -18.49 14.45 39.87
N ILE B 457 -18.70 14.81 41.13
CA ILE B 457 -17.63 15.27 42.00
C ILE B 457 -17.37 14.18 43.04
N LEU B 458 -16.11 13.75 43.14
CA LEU B 458 -15.72 12.69 44.06
C LEU B 458 -14.90 13.28 45.19
N GLN B 459 -15.27 12.92 46.42
CA GLN B 459 -14.50 13.28 47.61
C GLN B 459 -14.28 12.02 48.43
N TYR B 460 -13.11 11.94 49.07
CA TYR B 460 -12.65 10.71 49.69
C TYR B 460 -12.61 10.89 51.21
N ILE B 461 -13.22 9.97 51.92
CA ILE B 461 -13.21 9.97 53.38
C ILE B 461 -11.91 9.30 53.84
N CYS B 462 -10.88 10.11 54.09
CA CYS B 462 -9.59 9.58 54.50
C CYS B 462 -8.91 10.53 55.48
N ASP C 1 -10.90 -15.21 -29.78
CA ASP C 1 -10.71 -15.21 -31.26
C ASP C 1 -10.29 -13.83 -31.74
N VAL C 2 -9.03 -13.47 -31.49
CA VAL C 2 -8.53 -12.14 -31.83
C VAL C 2 -8.43 -12.02 -33.34
N GLN C 3 -8.84 -10.87 -33.86
CA GLN C 3 -8.81 -10.62 -35.29
C GLN C 3 -8.72 -9.12 -35.54
N LEU C 4 -7.75 -8.72 -36.36
CA LEU C 4 -7.56 -7.32 -36.74
C LEU C 4 -7.85 -7.19 -38.23
N MET C 5 -8.83 -6.35 -38.57
CA MET C 5 -9.26 -6.18 -39.94
C MET C 5 -8.95 -4.77 -40.40
N GLU C 6 -8.53 -4.65 -41.65
CA GLU C 6 -8.00 -3.39 -42.18
C GLU C 6 -8.81 -2.92 -43.37
N SER C 7 -9.00 -1.61 -43.47
CA SER C 7 -9.80 -1.04 -44.54
C SER C 7 -9.23 0.32 -44.91
N GLY C 8 -9.52 0.76 -46.13
CA GLY C 8 -9.09 2.05 -46.59
C GLY C 8 -9.24 2.19 -48.09
N PRO C 9 -9.17 3.42 -48.59
CA PRO C 9 -9.27 3.63 -50.04
C PRO C 9 -8.13 2.93 -50.77
N GLY C 10 -8.44 2.36 -51.93
CA GLY C 10 -7.42 1.68 -52.70
C GLY C 10 -6.59 2.59 -53.56
N LEU C 11 -7.08 3.78 -53.89
CA LEU C 11 -6.39 4.71 -54.77
C LEU C 11 -6.69 6.13 -54.34
N VAL C 12 -5.64 6.92 -54.15
CA VAL C 12 -5.77 8.30 -53.70
C VAL C 12 -4.90 9.19 -54.57
N GLN C 13 -5.32 10.44 -54.73
CA GLN C 13 -4.51 11.41 -55.44
C GLN C 13 -3.34 11.83 -54.56
N PRO C 14 -2.29 12.39 -55.15
CA PRO C 14 -1.11 12.77 -54.35
C PRO C 14 -1.41 13.84 -53.31
N SER C 15 -2.49 14.60 -53.46
CA SER C 15 -2.77 15.72 -52.57
C SER C 15 -3.70 15.38 -51.44
N GLU C 16 -4.47 14.30 -51.54
CA GLU C 16 -5.47 14.00 -50.53
C GLU C 16 -4.82 13.47 -49.26
N THR C 17 -5.62 13.42 -48.20
CA THR C 17 -5.22 12.78 -46.95
C THR C 17 -5.64 11.31 -47.00
N LEU C 18 -4.69 10.42 -46.75
CA LEU C 18 -4.97 8.99 -46.77
C LEU C 18 -5.52 8.59 -45.40
N SER C 19 -6.72 8.02 -45.38
CA SER C 19 -7.37 7.60 -44.16
C SER C 19 -7.54 6.09 -44.17
N LEU C 20 -7.06 5.43 -43.13
CA LEU C 20 -7.15 3.99 -42.99
C LEU C 20 -7.82 3.65 -41.66
N THR C 21 -8.47 2.50 -41.61
CA THR C 21 -9.18 2.04 -40.43
C THR C 21 -8.78 0.60 -40.14
N CYS C 22 -8.54 0.31 -38.87
CA CYS C 22 -8.29 -1.05 -38.40
C CYS C 22 -9.39 -1.44 -37.42
N THR C 23 -10.27 -2.33 -37.85
CA THR C 23 -11.36 -2.81 -37.03
C THR C 23 -10.93 -4.07 -36.31
N VAL C 24 -11.09 -4.10 -34.99
CA VAL C 24 -10.59 -5.18 -34.16
C VAL C 24 -11.76 -5.96 -33.59
N SER C 25 -11.46 -7.19 -33.16
CA SER C 25 -12.45 -8.07 -32.54
C SER C 25 -11.73 -9.00 -31.57
N GLY C 26 -12.45 -9.45 -30.57
CA GLY C 26 -11.91 -10.36 -29.59
C GLY C 26 -11.13 -9.72 -28.47
N PHE C 27 -10.99 -8.40 -28.46
CA PHE C 27 -10.31 -7.72 -27.36
C PHE C 27 -10.74 -6.26 -27.35
N SER C 28 -10.46 -5.60 -26.24
CA SER C 28 -10.81 -4.20 -26.04
C SER C 28 -9.58 -3.32 -26.28
N LEU C 29 -9.79 -2.22 -26.99
CA LEU C 29 -8.68 -1.34 -27.31
C LEU C 29 -8.04 -0.73 -26.06
N THR C 30 -8.75 -0.74 -24.94
CA THR C 30 -8.20 -0.14 -23.72
C THR C 30 -7.22 -1.07 -23.01
N SER C 31 -7.03 -2.30 -23.51
CA SER C 31 -6.13 -3.25 -22.88
C SER C 31 -4.87 -3.52 -23.70
N TYR C 32 -4.86 -3.17 -24.98
CA TYR C 32 -3.74 -3.50 -25.86
C TYR C 32 -3.39 -2.29 -26.71
N ASN C 33 -2.13 -2.21 -27.11
CA ASN C 33 -1.69 -1.22 -28.07
C ASN C 33 -1.92 -1.72 -29.48
N VAL C 34 -2.30 -0.81 -30.37
CA VAL C 34 -2.49 -1.11 -31.79
C VAL C 34 -1.49 -0.29 -32.58
N HIS C 35 -0.62 -0.96 -33.31
CA HIS C 35 0.46 -0.34 -34.05
C HIS C 35 0.10 -0.23 -35.52
N TRP C 36 0.78 0.67 -36.22
CA TRP C 36 0.66 0.79 -37.66
C TRP C 36 2.03 0.58 -38.29
N VAL C 37 2.10 -0.36 -39.23
CA VAL C 37 3.34 -0.72 -39.89
C VAL C 37 3.10 -0.70 -41.39
N ARG C 38 4.12 -0.32 -42.15
CA ARG C 38 4.03 -0.25 -43.59
C ARG C 38 5.21 -0.98 -44.22
N GLN C 39 4.96 -1.52 -45.39
CA GLN C 39 6.00 -2.19 -46.18
C GLN C 39 6.08 -1.56 -47.55
N PRO C 40 7.09 -0.73 -47.84
CA PRO C 40 7.21 -0.18 -49.19
C PRO C 40 7.27 -1.29 -50.23
N PRO C 41 7.23 -0.95 -51.51
CA PRO C 41 7.04 -1.99 -52.54
C PRO C 41 8.07 -3.11 -52.49
N GLY C 42 9.33 -2.80 -52.19
CA GLY C 42 10.36 -3.82 -52.23
C GLY C 42 11.31 -3.77 -51.05
N LYS C 43 10.81 -3.34 -49.90
CA LYS C 43 11.62 -3.17 -48.70
C LYS C 43 11.03 -3.97 -47.55
N GLY C 44 11.66 -3.85 -46.39
CA GLY C 44 11.16 -4.50 -45.19
C GLY C 44 10.13 -3.66 -44.47
N LEU C 45 9.56 -4.24 -43.43
CA LEU C 45 8.52 -3.56 -42.67
C LEU C 45 9.10 -2.37 -41.91
N GLU C 46 8.31 -1.31 -41.81
CA GLU C 46 8.70 -0.09 -41.11
C GLU C 46 7.60 0.29 -40.13
N TRP C 47 8.00 0.63 -38.91
CA TRP C 47 7.04 1.04 -37.89
C TRP C 47 6.64 2.49 -38.12
N MET C 48 5.35 2.77 -38.00
CA MET C 48 4.81 4.11 -38.20
C MET C 48 4.44 4.80 -36.89
N GLY C 49 3.62 4.17 -36.08
CA GLY C 49 3.18 4.78 -34.84
C GLY C 49 2.35 3.79 -34.05
N VAL C 50 2.02 4.19 -32.82
CA VAL C 50 1.29 3.34 -31.90
C VAL C 50 0.18 4.14 -31.24
N MET C 51 -0.98 3.52 -31.09
CA MET C 51 -2.06 4.05 -30.26
C MET C 51 -2.01 3.31 -28.93
N TRP C 52 -1.39 3.93 -27.94
CA TRP C 52 -1.26 3.29 -26.63
C TRP C 52 -2.63 2.88 -26.11
N SER C 53 -2.63 1.89 -25.21
CA SER C 53 -3.87 1.44 -24.60
C SER C 53 -4.55 2.57 -23.84
N GLY C 54 -3.77 3.51 -23.31
CA GLY C 54 -4.31 4.61 -22.53
C GLY C 54 -4.95 5.71 -23.35
N GLY C 55 -4.85 5.64 -24.67
CA GLY C 55 -5.47 6.63 -25.53
C GLY C 55 -4.52 7.63 -26.15
N SER C 56 -3.29 7.72 -25.67
CA SER C 56 -2.30 8.59 -26.28
C SER C 56 -1.59 7.87 -27.42
N THR C 57 -0.78 8.62 -28.16
CA THR C 57 -0.15 8.11 -29.37
C THR C 57 1.31 8.52 -29.41
N ASP C 58 2.09 7.69 -30.11
CA ASP C 58 3.49 8.01 -30.41
C ASP C 58 3.75 7.66 -31.86
N TYR C 59 4.62 8.43 -32.50
CA TYR C 59 4.86 8.31 -33.93
C TYR C 59 6.35 8.12 -34.21
N ASN C 60 6.62 7.48 -35.34
CA ASN C 60 7.96 7.44 -35.89
C ASN C 60 8.48 8.86 -36.07
N SER C 61 9.70 9.12 -35.60
CA SER C 61 10.22 10.48 -35.59
C SER C 61 10.24 11.07 -37.00
N THR C 62 10.53 10.25 -38.00
CA THR C 62 10.62 10.77 -39.36
C THR C 62 9.26 11.16 -39.92
N LEU C 63 8.20 10.46 -39.53
CA LEU C 63 6.87 10.71 -40.05
C LEU C 63 5.97 11.47 -39.09
N LYS C 64 6.49 11.88 -37.92
CA LYS C 64 5.61 12.44 -36.89
C LYS C 64 4.89 13.69 -37.39
N SER C 65 5.52 14.46 -38.27
CA SER C 65 4.89 15.69 -38.74
C SER C 65 3.73 15.40 -39.70
N ARG C 66 3.66 14.20 -40.25
CA ARG C 66 2.64 13.86 -41.23
C ARG C 66 1.52 13.00 -40.65
N LEU C 67 1.83 12.20 -39.64
CA LEU C 67 0.91 11.19 -39.14
C LEU C 67 -0.10 11.78 -38.17
N SER C 68 -1.21 11.07 -38.01
CA SER C 68 -2.24 11.40 -37.03
C SER C 68 -3.05 10.14 -36.75
N ILE C 69 -2.98 9.64 -35.52
CA ILE C 69 -3.60 8.39 -35.15
C ILE C 69 -4.67 8.65 -34.11
N SER C 70 -5.81 8.00 -34.27
CA SER C 70 -6.95 8.17 -33.37
C SER C 70 -7.66 6.84 -33.24
N ARG C 71 -8.64 6.78 -32.34
CA ARG C 71 -9.39 5.57 -32.13
C ARG C 71 -10.81 5.90 -31.69
N ASP C 72 -11.66 4.88 -31.72
CA ASP C 72 -13.05 5.00 -31.29
C ASP C 72 -13.39 3.71 -30.56
N THR C 73 -13.20 3.70 -29.24
CA THR C 73 -13.41 2.49 -28.46
C THR C 73 -14.83 1.96 -28.58
N SER C 74 -15.82 2.83 -28.79
CA SER C 74 -17.19 2.37 -28.95
C SER C 74 -17.32 1.48 -30.19
N GLN C 75 -16.66 1.86 -31.28
CA GLN C 75 -16.75 1.12 -32.52
C GLN C 75 -15.64 0.09 -32.68
N ASN C 76 -14.72 -0.01 -31.72
CA ASN C 76 -13.58 -0.92 -31.84
C ASN C 76 -12.79 -0.64 -33.12
N GLN C 77 -12.50 0.64 -33.35
CA GLN C 77 -11.85 1.08 -34.58
C GLN C 77 -10.68 1.99 -34.25
N VAL C 78 -9.60 1.83 -35.01
CA VAL C 78 -8.41 2.67 -34.91
C VAL C 78 -8.12 3.26 -36.27
N PHE C 79 -7.87 4.57 -36.31
CA PHE C 79 -7.73 5.29 -37.56
C PHE C 79 -6.31 5.79 -37.73
N LEU C 80 -5.89 5.89 -38.99
CA LEU C 80 -4.62 6.49 -39.38
C LEU C 80 -4.87 7.48 -40.49
N LYS C 81 -4.36 8.70 -40.32
CA LYS C 81 -4.50 9.74 -41.32
C LYS C 81 -3.12 10.28 -41.67
N MET C 82 -2.87 10.41 -42.96
CA MET C 82 -1.53 10.75 -43.43
C MET C 82 -1.62 11.61 -44.67
N ASN C 83 -0.61 12.46 -44.86
CA ASN C 83 -0.45 13.17 -46.12
C ASN C 83 0.07 12.22 -47.19
N SER C 84 -0.61 12.18 -48.33
CA SER C 84 -0.25 11.25 -49.39
C SER C 84 0.95 11.74 -50.19
N LEU C 85 1.62 10.81 -50.86
CA LEU C 85 2.76 11.13 -51.72
C LEU C 85 2.90 10.06 -52.78
N GLN C 86 3.28 10.49 -53.99
CA GLN C 86 3.44 9.55 -55.09
C GLN C 86 4.57 8.56 -54.78
N SER C 87 5.71 9.06 -54.31
CA SER C 87 6.87 8.21 -54.07
C SER C 87 6.57 7.04 -53.14
N GLU C 88 5.44 7.05 -52.45
CA GLU C 88 5.03 5.95 -51.58
C GLU C 88 3.95 5.10 -52.23
N ASP C 89 4.02 4.89 -53.54
CA ASP C 89 2.95 4.21 -54.24
C ASP C 89 3.09 2.71 -54.06
N THR C 90 1.94 2.02 -54.08
CA THR C 90 1.87 0.56 -53.91
C THR C 90 2.50 0.10 -52.60
N THR C 91 2.48 0.93 -51.57
CA THR C 91 2.92 0.50 -50.26
C THR C 91 1.78 -0.15 -49.50
N THR C 92 2.09 -1.19 -48.73
CA THR C 92 1.11 -1.93 -47.97
C THR C 92 1.19 -1.54 -46.50
N TYR C 93 0.02 -1.39 -45.87
CA TYR C 93 -0.07 -0.99 -44.48
C TYR C 93 -0.69 -2.10 -43.64
N TYR C 94 -0.18 -2.26 -42.42
CA TYR C 94 -0.65 -3.28 -41.51
C TYR C 94 -0.96 -2.66 -40.16
N CYS C 95 -1.89 -3.26 -39.43
CA CYS C 95 -2.09 -2.96 -38.03
C CYS C 95 -1.87 -4.22 -37.21
N ALA C 96 -1.14 -4.08 -36.11
CA ALA C 96 -0.79 -5.21 -35.27
C ALA C 96 -1.09 -4.86 -33.82
N ARG C 97 -1.10 -5.89 -32.98
CA ARG C 97 -1.43 -5.77 -31.58
C ARG C 97 -0.27 -6.26 -30.72
N ASP C 98 -0.05 -5.57 -29.60
CA ASP C 98 0.88 -6.05 -28.60
C ASP C 98 0.52 -5.44 -27.25
N ARG C 99 1.09 -6.00 -26.20
CA ARG C 99 0.86 -5.54 -24.84
C ARG C 99 2.17 -5.01 -24.27
N THR C 100 2.10 -3.86 -23.60
CA THR C 100 3.26 -3.28 -22.95
C THR C 100 3.09 -3.10 -21.45
N MET C 101 1.86 -3.06 -20.95
CA MET C 101 1.59 -3.03 -19.52
C MET C 101 1.18 -4.42 -19.07
N GLY C 102 1.94 -4.99 -18.16
CA GLY C 102 1.73 -6.36 -17.73
C GLY C 102 2.66 -7.31 -18.45
N MET C 103 2.12 -8.44 -18.91
CA MET C 103 2.92 -9.42 -19.64
C MET C 103 3.22 -8.88 -21.03
N THR C 104 4.39 -8.27 -21.19
CA THR C 104 4.78 -7.70 -22.47
C THR C 104 5.05 -8.81 -23.48
N THR C 105 4.73 -8.52 -24.74
CA THR C 105 4.83 -9.48 -25.83
C THR C 105 5.29 -8.77 -27.08
N PRO C 106 5.75 -9.52 -28.09
CA PRO C 106 5.95 -8.92 -29.41
C PRO C 106 4.61 -8.76 -30.12
N PHE C 107 4.61 -8.36 -31.38
CA PHE C 107 3.35 -8.25 -32.13
C PHE C 107 2.77 -9.65 -32.26
N ASP C 108 1.71 -9.93 -31.51
CA ASP C 108 1.14 -11.27 -31.47
C ASP C 108 0.03 -11.49 -32.49
N TYR C 109 -0.51 -10.43 -33.07
CA TYR C 109 -1.56 -10.58 -34.09
C TYR C 109 -1.39 -9.49 -35.13
N TRP C 110 -1.77 -9.82 -36.37
CA TRP C 110 -1.59 -8.93 -37.50
C TRP C 110 -2.86 -8.92 -38.34
N GLY C 111 -3.03 -7.85 -39.11
CA GLY C 111 -4.04 -7.82 -40.12
C GLY C 111 -3.53 -8.40 -41.43
N GLN C 112 -4.43 -8.49 -42.40
CA GLN C 112 -4.04 -8.98 -43.71
C GLN C 112 -3.30 -7.92 -44.52
N GLY C 113 -3.49 -6.65 -44.18
CA GLY C 113 -2.83 -5.57 -44.89
C GLY C 113 -3.67 -5.04 -46.03
N VAL C 114 -3.49 -3.75 -46.31
CA VAL C 114 -4.16 -3.08 -47.42
C VAL C 114 -3.12 -2.39 -48.27
N MET C 115 -3.23 -2.54 -49.59
CA MET C 115 -2.32 -1.93 -50.53
C MET C 115 -2.95 -0.65 -51.08
N VAL C 116 -2.21 0.44 -50.99
CA VAL C 116 -2.72 1.77 -51.36
C VAL C 116 -1.88 2.28 -52.53
N THR C 117 -2.56 2.69 -53.60
CA THR C 117 -1.90 3.22 -54.77
C THR C 117 -2.08 4.73 -54.83
N VAL C 118 -1.04 5.44 -55.28
CA VAL C 118 -1.05 6.89 -55.37
C VAL C 118 -0.82 7.27 -56.82
N SER C 119 -1.71 8.08 -57.36
CA SER C 119 -1.60 8.52 -58.75
C SER C 119 -2.10 9.95 -58.92
N ASP D 1 18.42 2.37 -31.45
CA ASP D 1 17.58 1.84 -32.55
C ASP D 1 18.25 0.64 -33.19
N VAL D 2 17.66 -0.54 -33.01
CA VAL D 2 18.29 -1.80 -33.40
C VAL D 2 17.99 -2.06 -34.88
N GLN D 3 19.04 -2.28 -35.66
CA GLN D 3 18.88 -2.70 -37.04
C GLN D 3 19.01 -4.22 -37.12
N MET D 4 18.00 -4.86 -37.72
CA MET D 4 17.98 -6.30 -37.89
C MET D 4 18.28 -6.64 -39.34
N THR D 5 19.23 -7.54 -39.55
CA THR D 5 19.61 -7.98 -40.89
C THR D 5 19.39 -9.49 -40.97
N GLN D 6 18.56 -9.90 -41.93
CA GLN D 6 18.18 -11.30 -42.12
C GLN D 6 18.98 -11.87 -43.29
N SER D 7 19.70 -12.95 -43.04
CA SER D 7 20.78 -13.35 -43.94
C SER D 7 20.28 -13.83 -45.30
N PRO D 8 19.60 -14.97 -45.40
CA PRO D 8 19.23 -15.46 -46.74
C PRO D 8 17.99 -14.76 -47.26
N SER D 9 18.16 -13.96 -48.31
CA SER D 9 17.00 -13.29 -48.90
C SER D 9 16.08 -14.28 -49.59
N ASN D 10 16.63 -15.34 -50.19
CA ASN D 10 15.85 -16.38 -50.83
C ASN D 10 16.41 -17.73 -50.47
N LEU D 11 15.53 -18.73 -50.38
CA LEU D 11 15.91 -20.10 -50.13
C LEU D 11 15.17 -21.02 -51.08
N ALA D 12 15.84 -22.09 -51.49
CA ALA D 12 15.23 -23.15 -52.29
C ALA D 12 15.35 -24.45 -51.53
N ALA D 13 14.23 -25.17 -51.39
CA ALA D 13 14.22 -26.42 -50.67
C ALA D 13 13.07 -27.27 -51.18
N SER D 14 13.12 -28.56 -50.86
CA SER D 14 12.11 -29.51 -51.27
C SER D 14 11.41 -30.08 -50.04
N PRO D 15 10.15 -30.49 -50.17
CA PRO D 15 9.44 -31.01 -49.00
C PRO D 15 10.18 -32.19 -48.39
N GLY D 16 10.18 -32.24 -47.06
CA GLY D 16 10.91 -33.24 -46.32
C GLY D 16 12.33 -32.85 -45.96
N GLU D 17 12.86 -31.79 -46.56
CA GLU D 17 14.20 -31.34 -46.24
C GLU D 17 14.19 -30.49 -44.98
N SER D 18 15.36 -29.95 -44.64
CA SER D 18 15.51 -29.05 -43.50
C SER D 18 16.28 -27.81 -43.92
N VAL D 19 15.88 -26.67 -43.37
CA VAL D 19 16.48 -25.39 -43.72
C VAL D 19 16.71 -24.58 -42.46
N SER D 20 17.55 -23.56 -42.56
CA SER D 20 17.84 -22.66 -41.46
C SER D 20 17.87 -21.23 -41.96
N ILE D 21 17.26 -20.32 -41.21
CA ILE D 21 17.23 -18.90 -41.53
C ILE D 21 17.89 -18.14 -40.41
N ASN D 22 18.82 -17.25 -40.74
CA ASN D 22 19.59 -16.51 -39.76
C ASN D 22 19.16 -15.05 -39.74
N CYS D 23 19.00 -14.51 -38.53
CA CYS D 23 18.68 -13.11 -38.33
C CYS D 23 19.67 -12.55 -37.32
N LYS D 24 20.26 -11.41 -37.64
CA LYS D 24 21.33 -10.82 -36.84
C LYS D 24 20.98 -9.40 -36.46
N ALA D 25 21.42 -8.97 -35.30
CA ALA D 25 21.10 -7.64 -34.77
C ALA D 25 22.36 -6.79 -34.67
N SER D 26 22.17 -5.47 -34.76
CA SER D 26 23.28 -4.53 -34.68
C SER D 26 23.78 -4.34 -33.25
N LYS D 27 22.98 -4.68 -32.25
CA LYS D 27 23.41 -4.64 -30.86
C LYS D 27 22.86 -5.87 -30.15
N ARG D 28 23.52 -6.24 -29.05
CA ARG D 28 23.08 -7.38 -28.26
C ARG D 28 21.67 -7.12 -27.73
N ILE D 29 20.77 -8.07 -27.97
CA ILE D 29 19.37 -7.91 -27.56
C ILE D 29 18.92 -9.10 -26.72
N SER D 30 19.85 -9.73 -26.01
CA SER D 30 19.56 -10.84 -25.11
C SER D 30 18.81 -11.91 -25.91
N LYS D 31 17.63 -12.33 -25.49
CA LYS D 31 16.89 -13.40 -26.14
C LYS D 31 15.62 -12.92 -26.82
N TYR D 32 15.39 -11.61 -26.90
CA TYR D 32 14.11 -11.07 -27.32
C TYR D 32 14.04 -10.93 -28.84
N LEU D 33 13.86 -12.06 -29.51
CA LEU D 33 13.62 -12.11 -30.94
C LEU D 33 12.41 -13.00 -31.22
N ALA D 34 11.59 -12.58 -32.17
CA ALA D 34 10.39 -13.32 -32.54
C ALA D 34 10.43 -13.61 -34.04
N TRP D 35 9.83 -14.74 -34.42
CA TRP D 35 9.77 -15.18 -35.81
C TRP D 35 8.32 -15.24 -36.27
N TYR D 36 8.10 -14.82 -37.51
CA TYR D 36 6.76 -14.77 -38.09
C TYR D 36 6.74 -15.50 -39.42
N GLN D 37 5.55 -15.95 -39.81
CA GLN D 37 5.33 -16.55 -41.11
C GLN D 37 4.21 -15.79 -41.82
N GLN D 38 4.36 -15.62 -43.13
CA GLN D 38 3.38 -14.91 -43.93
C GLN D 38 3.06 -15.72 -45.17
N LYS D 39 1.89 -16.29 -45.20
CA LYS D 39 1.40 -16.93 -46.40
C LYS D 39 0.70 -15.90 -47.28
N PRO D 40 0.69 -16.12 -48.61
CA PRO D 40 0.32 -15.02 -49.50
C PRO D 40 -1.05 -14.42 -49.23
N GLY D 41 -2.04 -15.22 -48.88
CA GLY D 41 -3.40 -14.75 -48.71
C GLY D 41 -3.87 -14.61 -47.28
N LYS D 42 -2.96 -14.63 -46.29
CA LYS D 42 -3.34 -14.60 -44.89
C LYS D 42 -2.44 -13.64 -44.13
N ALA D 43 -2.84 -13.35 -42.89
CA ALA D 43 -2.12 -12.44 -42.05
C ALA D 43 -0.82 -13.08 -41.54
N ASN D 44 0.09 -12.23 -41.07
CA ASN D 44 1.30 -12.71 -40.45
C ASN D 44 0.94 -13.52 -39.21
N LYS D 45 1.69 -14.59 -38.96
CA LYS D 45 1.43 -15.51 -37.86
C LYS D 45 2.67 -15.61 -37.00
N LEU D 46 2.51 -15.45 -35.69
CA LEU D 46 3.62 -15.56 -34.77
C LEU D 46 3.98 -17.02 -34.56
N LEU D 47 5.24 -17.36 -34.80
CA LEU D 47 5.71 -18.73 -34.60
C LEU D 47 6.45 -18.90 -33.29
N ILE D 48 7.49 -18.11 -33.08
CA ILE D 48 8.36 -18.23 -31.92
C ILE D 48 8.63 -16.84 -31.37
N TYR D 49 8.69 -16.74 -30.05
CA TYR D 49 9.07 -15.48 -29.40
C TYR D 49 10.05 -15.79 -28.28
N SER D 50 10.77 -14.76 -27.85
CA SER D 50 11.82 -14.90 -26.84
C SER D 50 12.86 -15.92 -27.27
N GLY D 51 13.15 -15.94 -28.58
CA GLY D 51 14.22 -16.77 -29.09
C GLY D 51 13.83 -18.19 -29.40
N SER D 52 13.25 -18.90 -28.43
CA SER D 52 13.00 -20.32 -28.61
C SER D 52 11.65 -20.80 -28.11
N THR D 53 10.76 -19.93 -27.65
CA THR D 53 9.47 -20.36 -27.13
C THR D 53 8.45 -20.41 -28.26
N LEU D 54 7.83 -21.56 -28.46
CA LEU D 54 6.86 -21.71 -29.52
C LEU D 54 5.52 -21.12 -29.12
N GLN D 55 4.85 -20.47 -30.06
CA GLN D 55 3.47 -20.06 -29.86
C GLN D 55 2.60 -21.31 -29.78
N SER D 56 1.45 -21.18 -29.10
CA SER D 56 0.63 -22.35 -28.80
C SER D 56 0.36 -23.20 -30.03
N GLY D 57 -0.03 -22.58 -31.15
CA GLY D 57 -0.42 -23.34 -32.32
C GLY D 57 0.72 -23.75 -33.22
N THR D 58 1.95 -23.45 -32.87
CA THR D 58 3.08 -23.71 -33.76
C THR D 58 3.37 -25.21 -33.82
N PRO D 59 3.47 -25.80 -35.02
CA PRO D 59 3.90 -27.20 -35.10
C PRO D 59 5.29 -27.38 -34.55
N SER D 60 5.54 -28.57 -33.98
CA SER D 60 6.80 -28.82 -33.28
C SER D 60 8.01 -28.83 -34.19
N ARG D 61 7.82 -28.89 -35.51
CA ARG D 61 8.95 -28.92 -36.42
C ARG D 61 9.68 -27.59 -36.51
N PHE D 62 9.10 -26.51 -35.98
CA PHE D 62 9.76 -25.22 -35.91
C PHE D 62 10.53 -25.11 -34.59
N SER D 63 11.76 -24.62 -34.66
CA SER D 63 12.57 -24.44 -33.47
C SER D 63 13.44 -23.21 -33.65
N GLY D 64 13.62 -22.47 -32.56
CA GLY D 64 14.43 -21.27 -32.56
C GLY D 64 15.69 -21.47 -31.74
N SER D 65 16.70 -20.65 -32.01
CA SER D 65 17.97 -20.76 -31.34
C SER D 65 18.71 -19.44 -31.39
N GLY D 66 19.76 -19.33 -30.58
CA GLY D 66 20.64 -18.19 -30.59
C GLY D 66 20.30 -17.19 -29.50
N SER D 67 21.27 -16.33 -29.22
CA SER D 67 21.12 -15.28 -28.24
C SER D 67 22.17 -14.21 -28.51
N GLY D 68 21.95 -13.03 -27.95
CA GLY D 68 22.88 -11.93 -28.14
C GLY D 68 22.62 -11.15 -29.40
N THR D 69 23.42 -11.41 -30.44
CA THR D 69 23.26 -10.74 -31.72
C THR D 69 22.94 -11.70 -32.86
N ASP D 70 23.10 -13.00 -32.68
CA ASP D 70 22.90 -13.98 -33.73
C ASP D 70 21.76 -14.92 -33.34
N PHE D 71 20.82 -15.11 -34.26
CA PHE D 71 19.68 -15.98 -34.03
C PHE D 71 19.42 -16.77 -35.31
N THR D 72 18.76 -17.91 -35.16
CA THR D 72 18.48 -18.77 -36.31
C THR D 72 17.16 -19.50 -36.11
N LEU D 73 16.43 -19.64 -37.20
CA LEU D 73 15.18 -20.40 -37.21
C LEU D 73 15.40 -21.63 -38.07
N THR D 74 15.02 -22.79 -37.54
CA THR D 74 15.21 -24.07 -38.21
C THR D 74 13.87 -24.76 -38.40
N ILE D 75 13.61 -25.20 -39.62
CA ILE D 75 12.42 -25.98 -39.95
C ILE D 75 12.89 -27.41 -40.20
N ARG D 76 12.32 -28.35 -39.46
CA ARG D 76 12.89 -29.70 -39.40
C ARG D 76 12.48 -30.54 -40.61
N ASN D 77 11.18 -30.63 -40.91
CA ASN D 77 10.71 -31.42 -42.06
C ASN D 77 9.70 -30.56 -42.82
N LEU D 78 10.08 -30.14 -44.01
CA LEU D 78 9.26 -29.20 -44.77
C LEU D 78 8.04 -29.89 -45.35
N GLU D 79 6.87 -29.57 -44.81
CA GLU D 79 5.62 -29.86 -45.49
C GLU D 79 5.34 -28.78 -46.52
N PRO D 80 4.50 -29.06 -47.52
CA PRO D 80 4.30 -28.09 -48.60
C PRO D 80 3.73 -26.76 -48.15
N GLU D 81 3.09 -26.70 -46.98
CA GLU D 81 2.51 -25.45 -46.52
C GLU D 81 3.49 -24.54 -45.80
N ASP D 82 4.72 -25.01 -45.56
CA ASP D 82 5.70 -24.19 -44.86
C ASP D 82 6.38 -23.18 -45.76
N PHE D 83 6.20 -23.27 -47.08
CA PHE D 83 6.82 -22.33 -47.99
C PHE D 83 6.09 -20.99 -47.96
N GLY D 84 6.86 -19.91 -47.87
CA GLY D 84 6.27 -18.59 -47.79
C GLY D 84 7.33 -17.56 -47.45
N LEU D 85 6.95 -16.61 -46.61
CA LEU D 85 7.83 -15.54 -46.16
C LEU D 85 8.02 -15.62 -44.65
N TYR D 86 9.21 -15.26 -44.19
CA TYR D 86 9.55 -15.32 -42.78
C TYR D 86 10.21 -14.02 -42.36
N TYR D 87 9.82 -13.50 -41.20
CA TYR D 87 10.34 -12.26 -40.66
C TYR D 87 10.84 -12.48 -39.24
N CYS D 88 11.81 -11.66 -38.84
CA CYS D 88 12.29 -11.63 -37.47
C CYS D 88 12.07 -10.25 -36.90
N GLN D 89 11.47 -10.18 -35.72
CA GLN D 89 11.27 -8.93 -34.99
C GLN D 89 11.97 -9.03 -33.65
N GLN D 90 12.71 -7.97 -33.30
CA GLN D 90 13.25 -7.85 -31.96
C GLN D 90 12.25 -7.12 -31.08
N HIS D 91 11.98 -7.69 -29.91
CA HIS D 91 11.06 -7.08 -28.96
C HIS D 91 11.75 -6.79 -27.63
N LYS D 92 12.94 -6.21 -27.68
CA LYS D 92 13.64 -5.78 -26.48
C LYS D 92 13.39 -4.30 -26.18
N GLU D 93 13.42 -3.46 -27.20
CA GLU D 93 13.26 -2.02 -27.02
C GLU D 93 12.38 -1.46 -28.11
N TYR D 94 11.78 -0.32 -27.83
CA TYR D 94 11.06 0.41 -28.84
C TYR D 94 11.99 1.41 -29.53
N PRO D 95 11.69 1.80 -30.77
CA PRO D 95 10.56 1.38 -31.61
C PRO D 95 10.76 -0.01 -32.19
N PRO D 96 9.69 -0.74 -32.52
CA PRO D 96 9.87 -2.07 -33.11
C PRO D 96 10.65 -2.00 -34.41
N THR D 97 11.46 -3.02 -34.66
CA THR D 97 12.21 -3.14 -35.90
C THR D 97 12.14 -4.57 -36.38
N PHE D 98 12.22 -4.76 -37.69
CA PHE D 98 11.99 -6.04 -38.32
C PHE D 98 13.09 -6.35 -39.32
N GLY D 99 13.29 -7.63 -39.60
CA GLY D 99 14.18 -8.03 -40.66
C GLY D 99 13.55 -7.87 -42.03
N ALA D 100 14.40 -7.86 -43.05
CA ALA D 100 13.93 -7.63 -44.41
C ALA D 100 13.05 -8.76 -44.94
N GLY D 101 13.14 -9.95 -44.37
CA GLY D 101 12.32 -11.05 -44.79
C GLY D 101 13.06 -12.05 -45.65
N THR D 102 12.63 -13.31 -45.59
CA THR D 102 13.21 -14.40 -46.36
C THR D 102 12.09 -15.14 -47.06
N LYS D 103 12.29 -15.44 -48.35
CA LYS D 103 11.31 -16.15 -49.14
C LYS D 103 11.79 -17.58 -49.39
N LEU D 104 10.92 -18.54 -49.11
CA LEU D 104 11.24 -19.96 -49.24
C LEU D 104 10.42 -20.53 -50.39
N GLU D 105 11.11 -21.08 -51.39
CA GLU D 105 10.46 -21.56 -52.61
C GLU D 105 10.89 -22.98 -52.89
N LEU D 106 10.11 -23.67 -53.71
CA LEU D 106 10.38 -25.07 -54.02
C LEU D 106 11.67 -25.20 -54.80
N LYS D 107 12.31 -26.36 -54.68
CA LYS D 107 13.56 -26.61 -55.40
C LYS D 107 13.27 -27.09 -56.81
C1 NAG E . 20.49 17.33 -0.13
C2 NAG E . 19.77 17.84 1.11
C3 NAG E . 18.61 18.75 0.72
C4 NAG E . 19.07 19.84 -0.23
C5 NAG E . 19.83 19.25 -1.41
C6 NAG E . 20.43 20.29 -2.32
C7 NAG E . 20.00 16.25 2.96
C8 NAG E . 19.36 15.10 3.69
N2 NAG E . 19.30 16.74 1.93
O3 NAG E . 18.05 19.33 1.89
O4 NAG E . 17.94 20.54 -0.74
O5 NAG E . 20.91 18.43 -0.93
O6 NAG E . 21.47 21.01 -1.69
O7 NAG E . 21.08 16.70 3.29
H1 NAG E . 19.86 16.80 -0.65
H2 NAG E . 20.40 18.38 1.63
H3 NAG E . 17.92 18.21 0.28
H4 NAG E . 19.65 20.46 0.25
H5 NAG E . 19.22 18.68 -1.92
H61 NAG E . 20.80 19.83 -3.11
H62 NAG E . 19.74 20.90 -2.61
H81 NAG E . 18.70 15.46 4.33
H82 NAG E . 18.91 14.52 3.06
H83 NAG E . 20.04 14.61 4.18
HN2 NAG E . 18.50 16.36 1.73
HO3 NAG E . 17.89 18.70 2.49
HO6 NAG E . 22.16 20.47 -1.53
C1 NAG E . 18.10 21.96 -0.59
C2 NAG E . 17.05 22.63 -1.48
C3 NAG E . 17.13 24.16 -1.33
C4 NAG E . 17.03 24.55 0.13
C5 NAG E . 18.06 23.79 0.96
C6 NAG E . 17.92 24.05 2.44
C7 NAG E . 16.45 21.34 -3.48
C8 NAG E . 16.76 21.06 -4.91
N2 NAG E . 17.23 22.25 -2.87
O3 NAG E . 16.09 24.76 -2.08
O4 NAG E . 17.25 25.95 0.27
O5 NAG E . 17.91 22.38 0.76
O6 NAG E . 16.79 23.36 2.97
O7 NAG E . 15.53 20.78 -2.89
H1 NAG E . 18.98 22.22 -0.89
H2 NAG E . 16.17 22.35 -1.18
H3 NAG E . 17.99 24.46 -1.68
H4 NAG E . 16.13 24.33 0.45
H5 NAG E . 18.95 24.06 0.67
H61 NAG E . 18.73 23.73 2.90
H62 NAG E . 17.81 25.00 2.59
H81 NAG E . 16.73 21.89 -5.42
H82 NAG E . 16.11 20.43 -5.27
H83 NAG E . 17.66 20.68 -4.98
HN2 NAG E . 17.89 22.64 -3.35
HO3 NAG E . 15.79 25.47 -1.64
HO6 NAG E . 16.88 22.49 2.83
C1 BMA E . 16.07 26.59 0.79
C2 BMA E . 16.48 28.00 1.26
C3 BMA E . 15.24 28.77 1.71
C4 BMA E . 14.15 28.74 0.64
C5 BMA E . 13.84 27.28 0.26
C6 BMA E . 12.81 27.17 -0.84
O2 BMA E . 17.06 28.74 0.20
O3 BMA E . 15.56 30.12 2.04
O4 BMA E . 12.97 29.36 1.13
O5 BMA E . 15.06 26.67 -0.20
O6 BMA E . 13.32 27.80 -2.01
H1 BMA E . 15.69 26.02 1.66
H2 BMA E . 17.19 27.90 2.10
H3 BMA E . 14.84 28.33 2.63
H4 BMA E . 14.53 29.24 -0.26
H5 BMA E . 13.46 26.74 1.15
H61 BMA E . 12.58 26.10 -1.01
H62 BMA E . 11.89 27.66 -0.48
HO2 BMA E . 16.91 29.67 0.41
HO3 BMA E . 15.98 30.09 2.91
HO4 BMA E . 13.27 30.16 1.58
HO6 BMA E . 12.59 27.92 -2.62
C1 NAG F . 37.22 -4.51 3.84
C2 NAG F . 38.61 -4.57 4.45
C3 NAG F . 38.80 -3.40 5.42
C4 NAG F . 38.45 -2.08 4.76
C5 NAG F . 37.07 -2.15 4.12
C6 NAG F . 36.70 -0.92 3.33
C7 NAG F . 39.67 -6.77 4.67
C8 NAG F . 39.77 -8.02 5.50
N2 NAG F . 38.84 -5.83 5.14
O3 NAG F . 40.16 -3.37 5.88
O4 NAG F . 38.45 -1.03 5.72
O5 NAG F . 37.01 -3.26 3.21
O6 NAG F . 37.74 -0.55 2.43
O7 NAG F . 40.29 -6.63 3.62
H1 NAG F . 36.57 -4.61 4.56
H2 NAG F . 39.27 -4.46 3.74
H3 NAG F . 38.22 -3.53 6.20
H4 NAG F . 39.11 -1.89 4.06
H5 NAG F . 36.41 -2.29 4.82
H61 NAG F . 35.89 -1.10 2.83
H62 NAG F . 36.55 -0.18 3.96
H81 NAG F . 40.33 -8.68 5.04
H82 NAG F . 38.88 -8.39 5.65
H83 NAG F . 40.17 -7.80 6.36
HN2 NAG F . 38.40 -5.98 5.91
HO3 NAG F . 40.53 -2.60 5.62
HO6 NAG F . 37.52 0.20 2.03
C1 NAG F . 39.39 -0.01 5.32
C2 NAG F . 39.39 1.12 6.34
C3 NAG F . 40.43 2.17 5.99
C4 NAG F . 41.79 1.52 5.80
C5 NAG F . 41.70 0.36 4.81
C6 NAG F . 42.99 -0.42 4.69
C7 NAG F . 37.21 1.47 7.43
C8 NAG F . 35.90 2.20 7.38
N2 NAG F . 38.06 1.73 6.43
O3 NAG F . 40.49 3.14 7.01
O4 NAG F . 42.72 2.47 5.30
O5 NAG F . 40.71 -0.58 5.25
O6 NAG F . 43.37 -1.00 5.93
O7 NAG F . 37.48 0.69 8.33
H1 NAG F . 39.14 0.34 4.45
H2 NAG F . 39.62 0.74 7.22
H3 NAG F . 40.17 2.60 5.15
H4 NAG F . 42.09 1.16 6.66
H5 NAG F . 41.46 0.70 3.94
H61 NAG F . 43.70 0.19 4.39
H62 NAG F . 42.88 -1.13 4.03
H81 NAG F . 35.57 2.20 6.45
H82 NAG F . 36.02 3.11 7.68
H83 NAG F . 35.25 1.75 7.95
HN2 NAG F . 37.82 2.32 5.80
HO3 NAG F . 40.99 3.82 6.74
HO6 NAG F . 44.25 -0.93 6.04
C1 BMA F . 43.53 3.07 6.35
C2 BMA F . 44.94 3.27 5.77
C3 BMA F . 45.81 3.99 6.78
C4 BMA F . 45.13 5.26 7.30
C5 BMA F . 43.73 4.94 7.84
C6 BMA F . 42.98 6.18 8.29
O2 BMA F . 44.89 4.08 4.61
O3 BMA F . 47.09 4.31 6.23
O4 BMA F . 45.91 5.85 8.33
O5 BMA F . 42.98 4.31 6.77
O6 BMA F . 41.76 5.75 8.91
H1 BMA F . 43.60 2.40 7.22
H2 BMA F . 45.36 2.28 5.53
H3 BMA F . 46.01 3.34 7.63
H4 BMA F . 45.01 5.96 6.45
H5 BMA F . 43.82 4.25 8.69
H61 BMA F . 43.62 6.74 8.99
H62 BMA F . 42.78 6.80 7.40
HO2 BMA F . 44.12 3.78 4.10
HO3 BMA F . 47.40 3.49 5.82
HO4 BMA F . 45.94 5.17 9.03
HO6 BMA F . 41.22 6.54 9.04
C1 NAG G . -10.34 -14.53 8.36
C2 NAG G . -10.26 -16.00 8.76
C3 NAG G . -11.50 -16.41 9.53
C4 NAG G . -11.72 -15.48 10.71
C5 NAG G . -11.75 -14.03 10.23
C6 NAG G . -11.84 -13.04 11.36
C7 NAG G . -8.88 -17.25 7.16
C8 NAG G . -8.87 -18.11 5.94
N2 NAG G . -10.07 -16.85 7.59
O3 NAG G . -11.34 -17.75 9.99
O4 NAG G . -12.96 -15.78 11.34
O5 NAG G . -10.55 -13.73 9.51
O6 NAG G . -10.76 -13.20 12.27
O7 NAG G . -7.84 -16.93 7.74
H1 NAG G . -11.10 -14.41 7.74
H2 NAG G . -9.48 -16.11 9.34
H3 NAG G . -12.27 -16.37 8.93
H4 NAG G . -11.00 -15.59 11.34
H5 NAG G . -12.52 -13.90 9.63
H61 NAG G . -11.83 -12.13 11.00
H62 NAG G . -12.69 -13.17 11.85
H81 NAG G . -7.95 -18.32 5.69
H82 NAG G . -9.35 -18.94 6.13
H83 NAG G . -9.31 -17.64 5.21
HN2 NAG G . -10.81 -17.11 7.12
HO3 NAG G . -11.25 -17.74 10.87
HO6 NAG G . -10.81 -12.57 12.90
C1 NAG G . -12.77 -15.88 12.76
C2 NAG G . -14.10 -15.65 13.47
C3 NAG G . -13.94 -15.82 14.98
C4 NAG G . -13.30 -17.16 15.30
C5 NAG G . -12.00 -17.34 14.50
C6 NAG G . -11.39 -18.71 14.67
C7 NAG G . -15.37 -14.08 12.07
C8 NAG G . -15.83 -12.66 11.90
N2 NAG G . -14.63 -14.33 13.16
O3 NAG G . -15.21 -15.72 15.61
O4 NAG G . -12.98 -17.22 16.68
O5 NAG G . -12.27 -17.17 13.11
O6 NAG G . -12.11 -19.69 13.95
O7 NAG G . -15.64 -14.95 11.25
H1 NAG G . -12.13 -15.20 13.06
H2 NAG G . -14.74 -16.32 13.16
H3 NAG G . -13.36 -15.10 15.31
H4 NAG G . -13.91 -17.87 15.05
H5 NAG G . -11.36 -16.67 14.78
H61 NAG G . -10.47 -18.69 14.36
H62 NAG G . -11.40 -18.94 15.62
H81 NAG G . -16.68 -12.54 12.37
H82 NAG G . -15.17 -12.06 12.30
H83 NAG G . -15.94 -12.46 10.96
HN2 NAG G . -14.46 -13.65 13.74
HO3 NAG G . -15.18 -16.12 16.40
HO6 NAG G . -12.08 -20.47 14.39
C1 BMA G . -13.83 -18.14 17.41
C2 BMA G . -12.97 -18.81 18.48
C3 BMA G . -13.84 -19.70 19.36
C4 BMA G . -15.05 -18.93 19.90
C5 BMA G . -15.82 -18.29 18.73
C6 BMA G . -16.99 -17.45 19.21
O2 BMA G . -12.38 -17.85 19.35
O3 BMA G . -13.10 -20.27 20.44
O4 BMA G . -15.90 -19.82 20.61
O5 BMA G . -14.92 -17.45 18.01
O6 BMA G . -17.70 -16.98 18.06
H1 BMA G . -14.23 -18.92 16.74
H2 BMA G . -12.19 -19.42 17.99
H3 BMA G . -14.21 -20.56 18.77
H4 BMA G . -14.68 -18.13 20.56
H5 BMA G . -16.22 -19.08 18.08
H61 BMA G . -17.63 -18.06 19.85
H62 BMA G . -16.59 -16.62 19.81
HO2 BMA G . -11.88 -18.35 20.01
HO3 BMA G . -12.37 -20.77 20.03
HO4 BMA G . -15.32 -20.32 21.20
HO6 BMA G . -18.31 -16.29 18.35
C1 NAG H . 10.06 -28.76 1.42
C2 NAG H . 9.35 -30.02 1.90
C3 NAG H . 10.23 -31.23 1.66
C4 NAG H . 10.66 -31.29 0.20
C5 NAG H . 11.29 -29.98 -0.22
C6 NAG H . 11.59 -29.92 -1.69
C7 NAG H . 7.78 -30.12 3.78
C8 NAG H . 7.60 -29.97 5.26
N2 NAG H . 9.00 -29.91 3.32
O3 NAG H . 9.49 -32.41 1.99
O4 NAG H . 11.60 -32.34 0.02
O5 NAG H . 10.40 -28.89 0.06
O6 NAG H . 10.44 -30.19 -2.47
O7 NAG H . 6.84 -30.43 3.05
H1 NAG H . 10.88 -28.63 1.95
H2 NAG H . 8.53 -30.12 1.39
H3 NAG H . 11.02 -31.18 2.22
H4 NAG H . 9.86 -31.46 -0.34
H5 NAG H . 12.11 -29.84 0.28
H61 NAG H . 11.92 -29.02 -1.92
H62 NAG H . 12.28 -30.57 -1.91
H81 NAG H . 8.07 -30.70 5.72
H82 NAG H . 7.97 -29.12 5.55
H83 NAG H . 6.65 -30.01 5.48
HN2 NAG H . 9.67 -29.69 3.91
HO3 NAG H . 9.24 -32.82 1.25
HO6 NAG H . 9.76 -29.69 -2.18
C1 NAG H . 11.18 -33.24 -1.00
C2 NAG H . 12.40 -33.95 -1.57
C3 NAG H . 11.99 -34.96 -2.63
C4 NAG H . 10.95 -35.92 -2.06
C5 NAG H . 9.79 -35.14 -1.46
C6 NAG H . 8.78 -36.03 -0.76
C7 NAG H . 14.42 -32.54 -1.46
C8 NAG H . 15.26 -31.55 -2.19
N2 NAG H . 13.35 -32.98 -2.13
O3 NAG H . 13.13 -35.68 -3.06
O4 NAG H . 10.46 -36.76 -3.10
O5 NAG H . 10.27 -34.22 -0.47
O6 NAG H . 9.38 -36.74 0.31
O7 NAG H . 14.67 -32.92 -0.33
H1 NAG H . 10.74 -32.75 -1.73
H2 NAG H . 12.84 -34.43 -0.85
H3 NAG H . 11.60 -34.48 -3.39
H4 NAG H . 11.38 -36.45 -1.36
H5 NAG H . 9.34 -34.64 -2.17
H61 NAG H . 8.42 -36.66 -1.40
H62 NAG H . 8.06 -35.48 -0.42
H81 NAG H . 16.17 -31.90 -2.27
H82 NAG H . 14.89 -31.38 -3.08
H83 NAG H . 15.29 -30.71 -1.69
HN2 NAG H . 13.20 -32.67 -2.97
HO3 NAG H . 12.99 -36.55 -2.96
HO6 NAG H . 8.79 -37.29 0.67
C1 BMA H . 10.68 -38.16 -2.79
C2 BMA H . 9.56 -38.97 -3.45
C3 BMA H . 9.81 -40.45 -3.22
C4 BMA H . 11.24 -40.84 -3.65
C5 BMA H . 12.27 -39.93 -2.96
C6 BMA H . 13.69 -40.20 -3.42
O2 BMA H . 9.55 -38.76 -4.85
O3 BMA H . 8.87 -41.25 -3.90
O4 BMA H . 11.49 -42.18 -3.31
O5 BMA H . 11.95 -38.56 -3.27
O6 BMA H . 14.57 -39.40 -2.64
H1 BMA H . 10.64 -38.32 -1.70
H2 BMA H . 8.60 -38.67 -3.00
H3 BMA H . 9.71 -40.68 -2.16
H4 BMA H . 11.32 -40.68 -4.74
H5 BMA H . 12.23 -40.09 -1.87
H61 BMA H . 13.90 -41.27 -3.31
H62 BMA H . 13.74 -39.92 -4.49
HO2 BMA H . 8.77 -39.24 -5.19
HO3 BMA H . 8.00 -41.07 -3.47
HO4 BMA H . 11.53 -42.20 -2.34
HO6 BMA H . 15.39 -39.31 -3.12
C1 NAG I . -2.30 -19.92 3.66
C2 NAG I . -2.46 -21.21 2.88
C3 NAG I . -2.28 -20.97 1.39
C4 NAG I . -3.18 -19.82 0.92
C5 NAG I . -3.01 -18.60 1.81
C6 NAG I . -4.00 -17.51 1.49
C7 NAG I . -1.82 -23.15 4.25
C8 NAG I . -0.71 -24.10 4.61
N2 NAG I . -1.51 -22.22 3.35
O3 NAG I . -2.59 -22.15 0.68
O4 NAG I . -2.81 -19.45 -0.41
O5 NAG I . -3.22 -18.96 3.18
O6 NAG I . -5.33 -17.95 1.64
O7 NAG I . -2.93 -23.24 4.75
H1 NAG I . -1.40 -19.58 3.51
H2 NAG I . -3.37 -21.55 3.03
H3 NAG I . -1.35 -20.72 1.22
H4 NAG I . -4.10 -20.12 0.94
H5 NAG I . -2.10 -18.26 1.71
H61 NAG I . -3.85 -17.21 0.57
H62 NAG I . -3.83 -16.75 2.09
H81 NAG I . -1.05 -24.78 5.23
H82 NAG I . -0.38 -24.54 3.80
H83 NAG I . 0.02 -23.60 5.03
HN2 NAG I . -0.67 -22.20 3.00
HO3 NAG I . -3.42 -22.09 0.35
HO6 NAG I . -5.82 -17.31 2.02
C1 NAG I . -3.87 -19.77 -1.34
C2 NAG I . -3.44 -19.21 -2.69
C3 NAG I . -4.46 -19.58 -3.76
C4 NAG I . -4.69 -21.09 -3.77
C5 NAG I . -5.09 -21.55 -2.37
C6 NAG I . -5.26 -23.04 -2.26
C7 NAG I . -2.08 -17.19 -2.47
C8 NAG I . -2.07 -15.69 -2.44
N2 NAG I . -3.26 -17.77 -2.63
O3 NAG I . -3.99 -19.16 -5.04
O4 NAG I . -5.72 -21.41 -4.70
O5 NAG I . -4.07 -21.17 -1.43
O6 NAG I . -4.07 -23.72 -2.64
O7 NAG I . -1.04 -17.84 -2.38
H1 NAG I . -4.69 -19.33 -1.05
H2 NAG I . -2.59 -19.62 -2.94
H3 NAG I . -5.31 -19.13 -3.56
H4 NAG I . -3.87 -21.54 -4.02
H5 NAG I . -5.93 -21.11 -2.13
H61 NAG I . -5.47 -23.27 -1.34
H62 NAG I . -5.99 -23.33 -2.84
H81 NAG I . -1.15 -15.36 -2.42
H82 NAG I . -2.55 -15.39 -1.63
H83 NAG I . -2.53 -15.34 -3.22
HN2 NAG I . -4.00 -17.23 -2.70
HO3 NAG I . -3.60 -19.85 -5.45
HO6 NAG I . -4.25 -24.58 -2.75
C1 BMA I . -5.27 -22.51 -5.53
C2 BMA I . -6.45 -22.93 -6.42
C3 BMA I . -5.99 -24.02 -7.37
C4 BMA I . -4.73 -23.60 -8.11
C5 BMA I . -3.65 -23.21 -7.10
C6 BMA I . -2.36 -22.78 -7.75
O2 BMA I . -6.89 -21.85 -7.21
O3 BMA I . -7.00 -24.35 -8.32
O4 BMA I . -4.26 -24.68 -8.91
O5 BMA I . -4.16 -22.13 -6.32
O6 BMA I . -2.66 -22.15 -8.99
H1 BMA I . -4.98 -23.36 -4.89
H2 BMA I . -7.28 -23.30 -5.78
H3 BMA I . -5.75 -24.93 -6.81
H4 BMA I . -4.96 -22.72 -8.73
H5 BMA I . -3.43 -24.08 -6.45
H61 BMA I . -1.73 -23.67 -7.90
H62 BMA I . -1.85 -22.09 -7.06
HO2 BMA I . -6.90 -21.07 -6.63
HO4 BMA I . -4.82 -24.68 -9.70
C1 MAN I . -1.44 -22.04 -9.76
C2 MAN I . -1.63 -20.88 -10.77
C3 MAN I . -2.62 -21.29 -11.85
C4 MAN I . -2.23 -22.63 -12.47
C5 MAN I . -2.11 -23.69 -11.37
C6 MAN I . -1.66 -25.04 -11.90
O2 MAN I . -0.41 -20.59 -11.46
O3 MAN I . -2.68 -20.30 -12.88
O4 MAN I . -3.23 -23.04 -13.39
O5 MAN I . -1.14 -23.26 -10.41
O6 MAN I . -1.55 -25.93 -10.81
H1 MAN I . -0.58 -21.84 -9.10
H2 MAN I . -2.00 -19.99 -10.24
H3 MAN I . -3.62 -21.37 -11.41
H4 MAN I . -1.26 -22.54 -12.96
H5 MAN I . -3.09 -23.82 -10.88
H61 MAN I . -0.69 -24.91 -12.41
H62 MAN I . -2.40 -25.37 -12.64
HO2 MAN I . -0.56 -19.88 -12.09
HO4 MAN I . -3.23 -22.37 -14.07
HO6 MAN I . -1.15 -26.75 -11.13
C1 MAN I . -4.06 -20.00 -13.19
C2 MAN I . -4.06 -19.23 -14.52
C3 MAN I . -3.36 -17.88 -14.32
C4 MAN I . -3.98 -17.12 -13.16
C5 MAN I . -3.99 -17.98 -11.89
C6 MAN I . -4.73 -17.33 -10.75
O2 MAN I . -5.38 -18.92 -14.95
O3 MAN I . -3.39 -17.10 -15.50
O4 MAN I . -3.25 -15.93 -12.91
O5 MAN I . -4.64 -19.23 -12.16
O6 MAN I . -4.91 -18.32 -9.73
H1 MAN I . -4.67 -20.91 -13.27
H2 MAN I . -3.52 -19.82 -15.28
H3 MAN I . -2.30 -18.07 -14.09
H4 MAN I . -5.04 -16.88 -13.41
H5 MAN I . -2.95 -18.16 -11.57
H61 MAN I . -4.13 -16.48 -10.39
H62 MAN I . -5.69 -16.95 -11.13
HO2 MAN I . -5.34 -18.29 -15.68
HO3 MAN I . -2.83 -17.56 -16.14
HO4 MAN I . -3.11 -15.53 -13.77
HO6 MAN I . -5.20 -17.86 -8.94
C1 MAN I . -8.04 -25.17 -7.71
C2 MAN I . -8.50 -26.17 -8.79
C3 MAN I . -9.22 -25.42 -9.90
C4 MAN I . -10.34 -24.55 -9.32
C5 MAN I . -9.78 -23.60 -8.25
C6 MAN I . -10.86 -22.80 -7.57
O2 MAN I . -9.45 -27.10 -8.27
O3 MAN I . -9.74 -26.31 -10.88
O4 MAN I . -10.95 -23.80 -10.35
O5 MAN I . -9.11 -24.37 -7.25
O6 MAN I . -10.31 -22.26 -6.37
H1 MAN I . -7.67 -25.71 -6.82
H2 MAN I . -7.62 -26.69 -9.20
H3 MAN I . -8.51 -24.76 -10.41
H4 MAN I . -11.08 -25.22 -8.83
H5 MAN I . -9.08 -22.91 -8.73
H61 MAN I . -11.21 -22.02 -8.25
H62 MAN I . -11.70 -23.48 -7.35
HO2 MAN I . -9.62 -27.78 -8.93
HO3 MAN I . -9.84 -25.77 -11.68
HO4 MAN I . -11.26 -24.45 -10.99
HO6 MAN I . -11.03 -21.88 -5.86
C1 NAG J . -11.34 17.88 -19.94
C2 NAG J . -11.25 18.54 -21.31
C3 NAG J . -10.82 19.99 -21.17
C4 NAG J . -11.74 20.72 -20.19
C5 NAG J . -11.80 19.97 -18.87
C6 NAG J . -12.78 20.56 -17.89
C7 NAG J . -10.64 16.66 -22.77
C8 NAG J . -9.58 16.05 -23.62
N2 NAG J . -10.34 17.81 -22.18
O3 NAG J . -10.88 20.62 -22.44
O4 NAG J . -11.24 22.03 -19.95
O5 NAG J . -12.22 18.62 -19.10
O6 NAG J . -14.13 20.36 -18.30
O7 NAG J . -11.73 16.11 -22.61
H1 NAG J . -10.45 17.86 -19.53
H2 NAG J . -12.15 18.52 -21.72
H3 NAG J . -9.91 20.02 -20.84
H4 NAG J . -12.64 20.78 -20.57
H5 NAG J . -10.91 19.95 -18.46
H61 NAG J . -12.65 20.15 -17.02
H62 NAG J . -12.61 21.52 -17.81
H81 NAG J . -9.47 16.60 -24.43
H82 NAG J . -8.73 16.05 -23.13
H83 NAG J . -9.82 15.15 -23.87
HN2 NAG J . -9.51 18.18 -22.32
HO3 NAG J . -11.63 21.09 -22.52
HO6 NAG J . -14.66 20.45 -17.60
C1 NAG J . -12.31 22.99 -20.09
C2 NAG J . -11.91 24.25 -19.32
C3 NAG J . -12.99 25.31 -19.49
C4 NAG J . -13.28 25.56 -20.96
C5 NAG J . -13.61 24.25 -21.67
C6 NAG J . -13.77 24.41 -23.16
C7 NAG J . -10.55 23.41 -17.46
C8 NAG J . -10.50 23.18 -15.98
N2 NAG J . -11.68 23.96 -17.92
O3 NAG J . -12.56 26.53 -18.87
O4 NAG J . -14.39 26.45 -21.09
O5 NAG J . -12.54 23.32 -21.46
O6 NAG J . -12.50 24.48 -23.81
O7 NAG J . -9.64 23.10 -18.22
H1 NAG J . -13.13 22.64 -19.70
H2 NAG J . -11.09 24.61 -19.71
H3 NAG J . -13.81 25.01 -19.04
H4 NAG J . -12.50 25.97 -21.37
H5 NAG J . -14.43 23.88 -21.30
H61 NAG J . -14.27 23.65 -23.51
H62 NAG J . -14.26 25.23 -23.34
H81 NAG J . -10.30 24.02 -15.53
H82 NAG J . -11.36 22.83 -15.68
H83 NAG J . -9.79 22.53 -15.79
HN2 NAG J . -12.34 24.17 -17.32
HO3 NAG J . -13.27 26.99 -18.60
HO4 NAG J . -15.12 26.07 -20.73
HO6 NAG J . -12.57 25.00 -24.53
C1 NAG K . -20.50 23.55 21.78
C2 NAG K . -20.30 25.04 22.11
C3 NAG K . -18.87 25.28 22.57
C4 NAG K . -18.52 24.37 23.73
C5 NAG K . -18.77 22.91 23.31
C6 NAG K . -18.53 21.94 24.45
C7 NAG K . -21.60 26.75 20.95
C8 NAG K . -21.79 27.53 19.67
N2 NAG K . -20.62 25.86 20.95
O3 NAG K . -18.73 26.64 22.95
O4 NAG K . -17.16 24.51 24.10
O5 NAG K . -20.14 22.77 22.91
O6 NAG K . -19.36 22.22 25.57
O7 NAG K . -22.32 26.94 21.93
H1 NAG K . -19.91 23.32 21.04
H2 NAG K . -20.90 25.26 22.84
H3 NAG K . -18.25 25.11 21.83
H4 NAG K . -19.10 24.57 24.49
H5 NAG K . -18.19 22.70 22.57
H61 NAG K . -18.73 21.03 24.13
H62 NAG K . -17.59 21.98 24.71
H81 NAG K . -22.58 28.09 19.75
H82 NAG K . -21.90 26.90 18.94
H83 NAG K . -21.01 28.08 19.51
HN2 NAG K . -20.12 25.76 20.20
HO3 NAG K . -17.93 26.94 22.72
HO6 NAG K . -19.39 21.51 26.10
C1 NAG K . -16.98 25.69 24.91
C2 NAG K . -15.92 25.41 25.97
C3 NAG K . -15.69 26.65 26.83
C4 NAG K . -15.37 27.85 25.95
C5 NAG K . -16.42 28.03 24.87
C6 NAG K . -16.07 29.11 23.86
C7 NAG K . -15.85 23.04 26.59
C8 NAG K . -16.35 22.00 27.55
N2 NAG K . -16.30 24.28 26.80
O3 NAG K . -14.62 26.41 27.74
O4 NAG K . -15.30 29.03 26.74
O5 NAG K . -16.57 26.81 24.12
O6 NAG K . -16.53 30.38 24.29
O7 NAG K . -15.07 22.77 25.69
H1 NAG K . -17.82 25.93 25.37
H2 NAG K . -15.08 25.20 25.52
H3 NAG K . -16.50 26.85 27.33
H4 NAG K . -14.50 27.70 25.52
H5 NAG K . -17.27 28.24 25.29
H61 NAG K . -15.10 29.14 23.76
H62 NAG K . -16.48 28.89 23.01
H81 NAG K . -15.67 21.84 28.24
H82 NAG K . -16.50 21.17 27.06
H83 NAG K . -17.18 22.30 27.96
HN2 NAG K . -16.88 24.43 27.50
HO3 NAG K . -14.84 26.73 28.54
HO4 NAG K . -16.00 29.55 26.56
HO6 NAG K . -15.89 30.98 24.17
C1 NAG L . -29.33 4.42 -10.98
C2 NAG L . -30.20 5.20 -11.96
C3 NAG L . -29.88 4.80 -13.39
C4 NAG L . -30.07 3.30 -13.58
C5 NAG L . -29.27 2.49 -12.55
C6 NAG L . -27.78 2.49 -12.80
C7 NAG L . -32.33 5.70 -10.82
C8 NAG L . -31.60 6.80 -10.11
N2 NAG L . -31.61 4.98 -11.69
O3 NAG L . -28.54 5.18 -13.71
O4 NAG L . -31.45 3.00 -13.39
O5 NAG L . -29.49 2.99 -11.22
O6 NAG L . -27.45 1.74 -13.96
O7 NAG L . -33.51 5.47 -10.63
H1 NAG L . -29.60 4.62 -10.08
H2 NAG L . -29.97 6.14 -11.88
H3 NAG L . -30.48 5.27 -14.00
H4 NAG L . -29.79 3.05 -14.48
H5 NAG L . -29.58 1.57 -12.59
H61 NAG L . -27.46 3.40 -12.91
H62 NAG L . -27.33 2.09 -12.03
H81 NAG L . -32.19 7.19 -9.43
H82 NAG L . -31.35 7.48 -10.75
H83 NAG L . -30.80 6.45 -9.68
HN2 NAG L . -32.03 4.30 -12.14
HO3 NAG L . -28.50 6.06 -13.80
HO6 NAG L . -26.63 1.95 -14.22
C1 NAG L . -31.85 1.83 -14.12
C2 NAG L . -32.64 0.92 -13.17
C3 NAG L . -33.16 -0.29 -13.93
C4 NAG L . -33.94 0.14 -15.16
C5 NAG L . -33.11 1.07 -16.02
C6 NAG L . -33.87 1.65 -17.19
C7 NAG L . -31.66 1.27 -10.95
C8 NAG L . -30.79 0.69 -9.88
N2 NAG L . -31.83 0.52 -12.05
O3 NAG L . -33.99 -1.07 -13.07
O4 NAG L . -34.30 -1.00 -15.94
O5 NAG L . -32.67 2.19 -15.23
O6 NAG L . -35.07 2.27 -16.77
O7 NAG L . -32.19 2.38 -10.85
H1 NAG L . -31.06 1.35 -14.44
H2 NAG L . -33.41 1.43 -12.85
H3 NAG L . -32.40 -0.84 -14.21
H4 NAG L . -34.76 0.60 -14.87
H5 NAG L . -32.32 0.59 -16.35
H61 NAG L . -34.08 0.93 -17.82
H62 NAG L . -33.31 2.30 -17.64
H81 NAG L . -31.17 -0.16 -9.58
H82 NAG L . -29.90 0.55 -10.23
H83 NAG L . -30.76 1.31 -9.13
HN2 NAG L . -31.42 -0.30 -12.08
HO3 NAG L . -34.05 -1.90 -13.37
HO4 NAG L . -34.60 -1.64 -15.40
HO6 NAG L . -35.41 2.75 -17.43
C1 NAG M . -35.25 -3.96 34.74
C2 NAG M . -36.12 -5.08 35.31
C3 NAG M . -37.50 -4.54 35.66
C4 NAG M . -37.37 -3.32 36.58
C5 NAG M . -36.42 -2.30 35.96
C6 NAG M . -36.15 -1.12 36.87
C7 NAG M . -36.42 -7.45 34.75
C8 NAG M . -36.51 -8.46 33.65
N2 NAG M . -36.23 -6.18 34.37
O3 NAG M . -38.25 -5.56 36.31
O4 NAG M . -38.64 -2.71 36.75
O5 NAG M . -35.15 -2.90 35.68
O6 NAG M . -35.57 -1.54 38.10
O7 NAG M . -36.51 -7.76 35.93
H1 NAG M . -35.70 -3.61 33.94
H2 NAG M . -35.69 -5.41 36.13
H3 NAG M . -37.96 -4.27 34.84
H4 NAG M . -37.01 -3.60 37.44
H5 NAG M . -36.81 -1.97 35.13
H61 NAG M . -35.56 -0.50 36.42
H62 NAG M . -36.99 -0.66 37.06
H81 NAG M . -37.31 -8.30 33.12
H82 NAG M . -36.55 -9.35 34.03
H83 NAG M . -35.72 -8.39 33.07
HN2 NAG M . -36.16 -6.00 33.48
HO3 NAG M . -39.10 -5.49 36.08
HO6 NAG M . -34.71 -1.71 37.97
C1 NAG M . -39.45 -3.41 37.71
C2 NAG M . -40.04 -2.39 38.67
C3 NAG M . -40.96 -3.08 39.67
C4 NAG M . -42.01 -3.91 38.94
C5 NAG M . -41.34 -4.86 37.97
C6 NAG M . -42.32 -5.62 37.11
C7 NAG M . -38.65 -0.40 39.07
C8 NAG M . -37.54 0.19 39.89
N2 NAG M . -38.99 -1.66 39.37
O3 NAG M . -41.61 -2.09 40.48
O4 NAG M . -42.76 -4.66 39.88
O5 NAG M . -40.50 -4.12 37.06
O6 NAG M . -43.13 -4.73 36.34
O7 NAG M . -39.21 0.24 38.19
H1 NAG M . -38.90 -4.05 38.22
H2 NAG M . -40.57 -1.75 38.16
H3 NAG M . -40.43 -3.66 40.25
H4 NAG M . -42.60 -3.32 38.44
H5 NAG M . -40.79 -5.50 38.46
H61 NAG M . -41.82 -6.21 36.50
H62 NAG M . -42.89 -6.16 37.69
H81 NAG M . -37.86 0.38 40.79
H82 NAG M . -36.80 -0.44 39.94
H83 NAG M . -37.23 1.01 39.47
HN2 NAG M . -38.53 -2.09 40.03
HO3 NAG M . -42.29 -1.74 40.03
HO6 NAG M . -43.95 -5.08 36.26
C1 BMA M . -43.96 -3.97 40.27
C2 BMA M . -44.28 -4.37 41.73
C3 BMA M . -45.48 -3.58 42.25
C4 BMA M . -45.32 -2.07 41.97
C5 BMA M . -45.02 -1.85 40.48
C6 BMA M . -44.83 -0.39 40.13
O2 BMA M . -43.18 -4.09 42.58
O3 BMA M . -45.67 -3.79 43.65
O4 BMA M . -46.52 -1.38 42.32
O5 BMA M . -43.82 -2.56 40.17
O6 BMA M . -44.53 -0.30 38.74
H1 BMA M . -44.80 -4.30 39.61
H2 BMA M . -44.51 -5.45 41.75
H3 BMA M . -46.40 -3.92 41.76
H4 BMA M . -44.46 -1.70 42.55
H5 BMA M . -45.86 -2.23 39.88
H61 BMA M . -44.00 0.02 40.74
H62 BMA M . -45.74 0.15 40.39
HO2 BMA M . -43.36 -4.56 43.41
HO3 BMA M . -44.90 -3.39 44.08
HO4 BMA M . -46.66 -1.59 43.25
HO6 BMA M . -44.09 0.54 38.58
C1 NAG N . 10.78 5.57 -39.41
C2 NAG N . 11.39 4.18 -39.43
C3 NAG N . 12.61 4.14 -40.34
C4 NAG N . 12.30 4.72 -41.71
C5 NAG N . 11.62 6.08 -41.57
C6 NAG N . 11.14 6.62 -42.89
C7 NAG N . 11.58 2.52 -37.62
C8 NAG N . 12.00 2.29 -36.20
N2 NAG N . 11.75 3.77 -38.08
O3 NAG N . 13.06 2.80 -40.47
O4 NAG N . 13.50 4.90 -42.44
O5 NAG N . 10.47 5.96 -40.73
O6 NAG N . 10.24 5.73 -43.53
O7 NAG N . 11.10 1.64 -38.32
H1 NAG N . 11.42 6.19 -39.04
H2 NAG N . 10.73 3.56 -39.78
H3 NAG N . 13.33 4.67 -39.93
H4 NAG N . 11.70 4.10 -42.19
H5 NAG N . 12.24 6.70 -41.17
H61 NAG N . 10.69 7.48 -42.73
H62 NAG N . 11.91 6.78 -43.47
H81 NAG N . 11.70 1.40 -35.92
H82 NAG N . 11.61 2.97 -35.63
H83 NAG N . 12.98 2.32 -36.15
HN2 NAG N . 12.11 4.40 -37.52
HO3 NAG N . 13.80 2.78 -40.95
HO6 NAG N . 9.84 5.24 -42.91
C1 NAG N . 13.78 3.86 -43.37
C2 NAG N . 14.67 4.44 -44.48
C3 NAG N . 15.09 3.35 -45.46
C4 NAG N . 15.73 2.18 -44.72
C5 NAG N . 14.79 1.69 -43.63
C6 NAG N . 15.39 0.61 -42.78
C7 NAG N . 14.27 6.81 -44.95
C8 NAG N . 13.48 7.80 -45.75
N2 NAG N . 13.99 5.52 -45.16
O3 NAG N . 16.01 3.89 -46.39
O4 NAG N . 15.99 1.12 -45.62
O5 NAG N . 14.46 2.77 -42.75
O6 NAG N . 16.61 1.03 -42.18
O7 NAG N . 15.12 7.16 -44.13
H1 NAG N . 12.96 3.53 -43.78
H2 NAG N . 15.48 4.79 -44.06
H3 NAG N . 14.29 3.03 -45.93
H4 NAG N . 16.55 2.50 -44.29
H5 NAG N . 13.97 1.36 -44.04
H61 NAG N . 15.57 -0.18 -43.33
H62 NAG N . 14.77 0.36 -42.07
H81 NAG N . 13.58 7.60 -46.70
H82 NAG N . 12.54 7.74 -45.50
H83 NAG N . 13.80 8.70 -45.56
HN2 NAG N . 13.36 5.32 -45.78
HO3 NAG N . 16.33 3.23 -46.91
HO6 NAG N . 16.82 0.48 -41.51
C1 BMA N . 17.40 0.94 -45.89
C2 BMA N . 17.68 -0.57 -45.89
C3 BMA N . 19.13 -0.84 -46.26
C4 BMA N . 19.50 -0.11 -47.56
C5 BMA N . 19.14 1.37 -47.47
C6 BMA N . 19.38 2.10 -48.78
O2 BMA N . 16.88 -1.23 -46.85
O3 BMA N . 19.39 -2.23 -46.39
O4 BMA N . 20.89 -0.26 -47.80
O5 BMA N . 17.75 1.49 -47.15
O6 BMA N . 19.07 3.47 -48.60
H1 BMA N . 18.02 1.42 -45.12
H2 BMA N . 17.47 -0.96 -44.87
H3 BMA N . 19.79 -0.46 -45.46
H4 BMA N . 18.91 -0.56 -48.38
H5 BMA N . 19.75 1.85 -46.69
H61 BMA N . 20.44 1.96 -49.07
H62 BMA N . 18.75 1.63 -49.54
HO2 BMA N . 17.10 -2.17 -46.77
HO4 BMA N . 21.02 -1.18 -48.04
HO6 BMA N . 19.18 3.91 -49.44
C1 MAN N . 20.67 -2.58 -45.83
C2 MAN N . 21.16 -3.85 -46.55
C3 MAN N . 20.25 -5.02 -46.18
C4 MAN N . 20.13 -5.16 -44.65
C5 MAN N . 19.67 -3.83 -44.03
C6 MAN N . 19.67 -3.86 -42.51
O2 MAN N . 22.47 -4.22 -46.13
O3 MAN N . 20.72 -6.25 -46.74
O4 MAN N . 19.19 -6.17 -44.34
O5 MAN N . 20.57 -2.78 -44.43
O6 MAN N . 21.02 -3.77 -42.06
H1 MAN N . 21.40 -1.77 -45.96
H2 MAN N . 21.12 -3.69 -47.64
H3 MAN N . 19.26 -4.86 -46.59
H4 MAN N . 21.13 -5.41 -44.23
H5 MAN N . 18.66 -3.61 -44.38
H61 MAN N . 19.07 -3.02 -42.15
H62 MAN N . 19.19 -4.80 -42.20
HO2 MAN N . 22.60 -5.18 -46.28
HO3 MAN N . 20.40 -6.25 -47.65
HO4 MAN N . 19.42 -6.92 -44.91
HO6 MAN N . 21.42 -3.00 -42.50
CA CA O . 13.21 -26.07 6.54
CA CA P . 11.15 -23.41 20.89
CA CA Q . 18.33 -15.37 28.55
CA CA R . 29.74 -7.67 24.01
CA CA S . -12.06 3.54 -7.07
CA CA T . -20.75 3.45 -9.97
CA CA U . -6.43 4.09 -4.23
C1 NAG V . -35.50 -3.62 20.20
C2 NAG V . -36.41 -3.92 19.00
C3 NAG V . -35.93 -5.18 18.30
C4 NAG V . -34.46 -5.07 17.93
C5 NAG V . -33.64 -4.70 19.15
C6 NAG V . -32.18 -4.44 18.84
C7 NAG V . -38.64 -3.04 19.51
C8 NAG V . -40.03 -3.37 19.97
N2 NAG V . -37.79 -4.06 19.44
O3 NAG V . -36.72 -5.38 17.12
O4 NAG V . -33.99 -6.31 17.40
O5 NAG V . -34.15 -3.49 19.75
O6 NAG V . -31.61 -5.51 18.11
O7 NAG V . -38.31 -1.90 19.22
H1 NAG V . -35.56 -4.34 20.84
H2 NAG V . -36.35 -3.19 18.38
H3 NAG V . -36.05 -5.95 18.89
H4 NAG V . -34.36 -4.37 17.25
H5 NAG V . -33.69 -5.43 19.80
H61 NAG V . -32.11 -3.62 18.30
H62 NAG V . -31.69 -4.31 19.67
H81 NAG V . -40.55 -2.55 20.04
H82 NAG V . -39.99 -3.80 20.85
H83 NAG V . -40.45 -3.98 19.33
HN2 NAG V . -38.10 -4.89 19.67
HO3 NAG V . -36.19 -5.67 16.46
HO4 NAG V . -33.13 -6.22 17.18
HO6 NAG V . -30.80 -5.28 17.84
#